data_4ZCP
# 
_entry.id   4ZCP 
# 
_audit_conform.dict_name       mmcif_pdbx.dic 
_audit_conform.dict_version    5.383 
_audit_conform.dict_location   http://mmcif.pdb.org/dictionaries/ascii/mmcif_pdbx.dic 
# 
loop_
_database_2.database_id 
_database_2.database_code 
_database_2.pdbx_database_accession 
_database_2.pdbx_DOI 
PDB   4ZCP         pdb_00004zcp 10.2210/pdb4zcp/pdb 
WWPDB D_1000208804 ?            ?                   
# 
loop_
_pdbx_audit_revision_history.ordinal 
_pdbx_audit_revision_history.data_content_type 
_pdbx_audit_revision_history.major_revision 
_pdbx_audit_revision_history.minor_revision 
_pdbx_audit_revision_history.revision_date 
1 'Structure model' 1 0 2016-09-14 
2 'Structure model' 1 1 2018-08-29 
3 'Structure model' 1 2 2024-01-10 
# 
_pdbx_audit_revision_details.ordinal             1 
_pdbx_audit_revision_details.revision_ordinal    1 
_pdbx_audit_revision_details.data_content_type   'Structure model' 
_pdbx_audit_revision_details.provider            repository 
_pdbx_audit_revision_details.type                'Initial release' 
_pdbx_audit_revision_details.description         ? 
_pdbx_audit_revision_details.details             ? 
# 
loop_
_pdbx_audit_revision_group.ordinal 
_pdbx_audit_revision_group.revision_ordinal 
_pdbx_audit_revision_group.data_content_type 
_pdbx_audit_revision_group.group 
1 2 'Structure model' 'Data collection'        
2 2 'Structure model' 'Database references'    
3 3 'Structure model' 'Data collection'        
4 3 'Structure model' 'Database references'    
5 3 'Structure model' 'Refinement description' 
# 
loop_
_pdbx_audit_revision_category.ordinal 
_pdbx_audit_revision_category.revision_ordinal 
_pdbx_audit_revision_category.data_content_type 
_pdbx_audit_revision_category.category 
1 2 'Structure model' citation                      
2 2 'Structure model' citation_author               
3 3 'Structure model' chem_comp_atom                
4 3 'Structure model' chem_comp_bond                
5 3 'Structure model' database_2                    
6 3 'Structure model' pdbx_initial_refinement_model 
# 
loop_
_pdbx_audit_revision_item.ordinal 
_pdbx_audit_revision_item.revision_ordinal 
_pdbx_audit_revision_item.data_content_type 
_pdbx_audit_revision_item.item 
1  2 'Structure model' '_citation.country'                   
2  2 'Structure model' '_citation.journal_abbrev'            
3  2 'Structure model' '_citation.journal_id_CSD'            
4  2 'Structure model' '_citation.journal_id_ISSN'           
5  2 'Structure model' '_citation.journal_volume'            
6  2 'Structure model' '_citation.page_first'                
7  2 'Structure model' '_citation.page_last'                 
8  2 'Structure model' '_citation.pdbx_database_id_DOI'      
9  2 'Structure model' '_citation.pdbx_database_id_PubMed'   
10 2 'Structure model' '_citation.title'                     
11 2 'Structure model' '_citation.year'                      
12 3 'Structure model' '_database_2.pdbx_DOI'                
13 3 'Structure model' '_database_2.pdbx_database_accession' 
# 
_pdbx_database_status.status_code                     REL 
_pdbx_database_status.status_code_sf                  REL 
_pdbx_database_status.status_code_mr                  ? 
_pdbx_database_status.entry_id                        4ZCP 
_pdbx_database_status.recvd_initial_deposition_date   2015-04-16 
_pdbx_database_status.SG_entry                        N 
_pdbx_database_status.deposit_site                    RCSB 
_pdbx_database_status.process_site                    PDBE 
_pdbx_database_status.status_code_cs                  ? 
_pdbx_database_status.methods_development_category    ? 
_pdbx_database_status.pdb_format_compatible           Y 
_pdbx_database_status.status_code_nmr_data            ? 
# 
loop_
_audit_author.name 
_audit_author.pdbx_ordinal 
'Guca, E.'       1 
'Hoh, F.'        2 
'Guichou, J.-F.' 3 
'Cerdan, R.'     4 
# 
_citation.abstract                  ? 
_citation.abstract_id_CAS           ? 
_citation.book_id_ISBN              ? 
_citation.book_publisher            ? 
_citation.book_publisher_city       ? 
_citation.book_title                ? 
_citation.coordinate_linkage        ? 
_citation.country                   UK 
_citation.database_id_Medline       ? 
_citation.details                   ? 
_citation.id                        primary 
_citation.journal_abbrev            'Sci Rep' 
_citation.journal_id_ASTM           ? 
_citation.journal_id_CSD            ? 
_citation.journal_id_ISSN           2045-2322 
_citation.journal_full              ? 
_citation.journal_issue             ? 
_citation.journal_volume            8 
_citation.language                  ? 
_citation.page_first                11215 
_citation.page_last                 11215 
_citation.title                     
'Structural determinants of the catalytic mechanism of Plasmodium CCT, a key enzyme of malaria lipid biosynthesis.' 
_citation.year                      2018 
_citation.database_id_CSD           ? 
_citation.pdbx_database_id_DOI      10.1038/s41598-018-29500-9 
_citation.pdbx_database_id_PubMed   30046154 
_citation.unpublished_flag          ? 
# 
loop_
_citation_author.citation_id 
_citation_author.name 
_citation_author.ordinal 
_citation_author.identifier_ORCID 
primary 'Guca, E.'       1  ? 
primary 'Nagy, G.N.'     2  ? 
primary 'Hajdu, F.'      3  ? 
primary 'Marton, L.'     4  ? 
primary 'Izrael, R.'     5  ? 
primary 'Hoh, F.'        6  ? 
primary 'Yang, Y.'       7  ? 
primary 'Vial, H.'       8  ? 
primary 'Vertessy, B.G.' 9  ? 
primary 'Guichou, J.F.'  10 ? 
primary 'Cerdan, R.'     11 ? 
# 
loop_
_entity.id 
_entity.type 
_entity.src_method 
_entity.pdbx_description 
_entity.formula_weight 
_entity.pdbx_number_of_molecules 
_entity.pdbx_ec 
_entity.pdbx_mutation 
_entity.pdbx_fragment 
_entity.details 
1 polymer     man 'Cholinephosphate cytidylyltransferase' 20810.123 1  2.7.7.15 ? ? ? 
2 non-polymer syn "CYTIDINE-5'-MONOPHOSPHATE"             323.197   1  ?        ? ? ? 
3 water       nat water                                   18.015    43 ?        ? ? ? 
# 
_entity_poly.entity_id                      1 
_entity_poly.type                           'polypeptide(L)' 
_entity_poly.nstd_linkage                   no 
_entity_poly.nstd_monomer                   no 
_entity_poly.pdbx_seq_one_letter_code       
;GHMAVPDDDDDDDNSNDESEYESSQMDSEKNKGSIKNSKNVVIYADGVYDMLHLGHMKQLEQAKKLFENTTLIVGVTSDN
ETKLFKGQVVQTLEERTETLKHIRWVDEIISPCPWVVTPEFLEKYKIDYVAHDDIPYANNQKEDIYAWLKRAGKFKATQR
TEGVSTTDLIVRILKNYEDY
;
_entity_poly.pdbx_seq_one_letter_code_can   
;GHMAVPDDDDDDDNSNDESEYESSQMDSEKNKGSIKNSKNVVIYADGVYDMLHLGHMKQLEQAKKLFENTTLIVGVTSDN
ETKLFKGQVVQTLEERTETLKHIRWVDEIISPCPWVVTPEFLEKYKIDYVAHDDIPYANNQKEDIYAWLKRAGKFKATQR
TEGVSTTDLIVRILKNYEDY
;
_entity_poly.pdbx_strand_id                 A 
_entity_poly.pdbx_target_identifier         ? 
# 
loop_
_pdbx_entity_nonpoly.entity_id 
_pdbx_entity_nonpoly.name 
_pdbx_entity_nonpoly.comp_id 
2 "CYTIDINE-5'-MONOPHOSPHATE" C5P 
3 water                       HOH 
# 
loop_
_entity_poly_seq.entity_id 
_entity_poly_seq.num 
_entity_poly_seq.mon_id 
_entity_poly_seq.hetero 
1 1   GLY n 
1 2   HIS n 
1 3   MET n 
1 4   ALA n 
1 5   VAL n 
1 6   PRO n 
1 7   ASP n 
1 8   ASP n 
1 9   ASP n 
1 10  ASP n 
1 11  ASP n 
1 12  ASP n 
1 13  ASP n 
1 14  ASN n 
1 15  SER n 
1 16  ASN n 
1 17  ASP n 
1 18  GLU n 
1 19  SER n 
1 20  GLU n 
1 21  TYR n 
1 22  GLU n 
1 23  SER n 
1 24  SER n 
1 25  GLN n 
1 26  MET n 
1 27  ASP n 
1 28  SER n 
1 29  GLU n 
1 30  LYS n 
1 31  ASN n 
1 32  LYS n 
1 33  GLY n 
1 34  SER n 
1 35  ILE n 
1 36  LYS n 
1 37  ASN n 
1 38  SER n 
1 39  LYS n 
1 40  ASN n 
1 41  VAL n 
1 42  VAL n 
1 43  ILE n 
1 44  TYR n 
1 45  ALA n 
1 46  ASP n 
1 47  GLY n 
1 48  VAL n 
1 49  TYR n 
1 50  ASP n 
1 51  MET n 
1 52  LEU n 
1 53  HIS n 
1 54  LEU n 
1 55  GLY n 
1 56  HIS n 
1 57  MET n 
1 58  LYS n 
1 59  GLN n 
1 60  LEU n 
1 61  GLU n 
1 62  GLN n 
1 63  ALA n 
1 64  LYS n 
1 65  LYS n 
1 66  LEU n 
1 67  PHE n 
1 68  GLU n 
1 69  ASN n 
1 70  THR n 
1 71  THR n 
1 72  LEU n 
1 73  ILE n 
1 74  VAL n 
1 75  GLY n 
1 76  VAL n 
1 77  THR n 
1 78  SER n 
1 79  ASP n 
1 80  ASN n 
1 81  GLU n 
1 82  THR n 
1 83  LYS n 
1 84  LEU n 
1 85  PHE n 
1 86  LYS n 
1 87  GLY n 
1 88  GLN n 
1 89  VAL n 
1 90  VAL n 
1 91  GLN n 
1 92  THR n 
1 93  LEU n 
1 94  GLU n 
1 95  GLU n 
1 96  ARG n 
1 97  THR n 
1 98  GLU n 
1 99  THR n 
1 100 LEU n 
1 101 LYS n 
1 102 HIS n 
1 103 ILE n 
1 104 ARG n 
1 105 TRP n 
1 106 VAL n 
1 107 ASP n 
1 108 GLU n 
1 109 ILE n 
1 110 ILE n 
1 111 SER n 
1 112 PRO n 
1 113 CYS n 
1 114 PRO n 
1 115 TRP n 
1 116 VAL n 
1 117 VAL n 
1 118 THR n 
1 119 PRO n 
1 120 GLU n 
1 121 PHE n 
1 122 LEU n 
1 123 GLU n 
1 124 LYS n 
1 125 TYR n 
1 126 LYS n 
1 127 ILE n 
1 128 ASP n 
1 129 TYR n 
1 130 VAL n 
1 131 ALA n 
1 132 HIS n 
1 133 ASP n 
1 134 ASP n 
1 135 ILE n 
1 136 PRO n 
1 137 TYR n 
1 138 ALA n 
1 139 ASN n 
1 140 ASN n 
1 141 GLN n 
1 142 LYS n 
1 143 GLU n 
1 144 ASP n 
1 145 ILE n 
1 146 TYR n 
1 147 ALA n 
1 148 TRP n 
1 149 LEU n 
1 150 LYS n 
1 151 ARG n 
1 152 ALA n 
1 153 GLY n 
1 154 LYS n 
1 155 PHE n 
1 156 LYS n 
1 157 ALA n 
1 158 THR n 
1 159 GLN n 
1 160 ARG n 
1 161 THR n 
1 162 GLU n 
1 163 GLY n 
1 164 VAL n 
1 165 SER n 
1 166 THR n 
1 167 THR n 
1 168 ASP n 
1 169 LEU n 
1 170 ILE n 
1 171 VAL n 
1 172 ARG n 
1 173 ILE n 
1 174 LEU n 
1 175 LYS n 
1 176 ASN n 
1 177 TYR n 
1 178 GLU n 
1 179 ASP n 
1 180 TYR n 
# 
_entity_src_gen.entity_id                          1 
_entity_src_gen.pdbx_src_id                        1 
_entity_src_gen.pdbx_alt_source_flag               sample 
_entity_src_gen.pdbx_seq_type                      'Biological sequence' 
_entity_src_gen.pdbx_beg_seq_num                   1 
_entity_src_gen.pdbx_end_seq_num                   180 
_entity_src_gen.gene_src_common_name               ? 
_entity_src_gen.gene_src_genus                     ? 
_entity_src_gen.pdbx_gene_src_gene                 'ctP, MAL13P1.86' 
_entity_src_gen.gene_src_species                   ? 
_entity_src_gen.gene_src_strain                    ? 
_entity_src_gen.gene_src_tissue                    ? 
_entity_src_gen.gene_src_tissue_fraction           ? 
_entity_src_gen.gene_src_details                   ? 
_entity_src_gen.pdbx_gene_src_fragment             ? 
_entity_src_gen.pdbx_gene_src_scientific_name      'Plasmodium falciparum' 
_entity_src_gen.pdbx_gene_src_ncbi_taxonomy_id     5833 
_entity_src_gen.pdbx_gene_src_variant              ? 
_entity_src_gen.pdbx_gene_src_cell_line            ? 
_entity_src_gen.pdbx_gene_src_atcc                 ? 
_entity_src_gen.pdbx_gene_src_organ                ? 
_entity_src_gen.pdbx_gene_src_organelle            ? 
_entity_src_gen.pdbx_gene_src_cell                 ? 
_entity_src_gen.pdbx_gene_src_cellular_location    ? 
_entity_src_gen.host_org_common_name               ? 
_entity_src_gen.pdbx_host_org_scientific_name      'Escherichia coli' 
_entity_src_gen.pdbx_host_org_ncbi_taxonomy_id     562 
_entity_src_gen.host_org_genus                     ? 
_entity_src_gen.pdbx_host_org_gene                 ? 
_entity_src_gen.pdbx_host_org_organ                ? 
_entity_src_gen.host_org_species                   ? 
_entity_src_gen.pdbx_host_org_tissue               ? 
_entity_src_gen.pdbx_host_org_tissue_fraction      ? 
_entity_src_gen.pdbx_host_org_strain               ? 
_entity_src_gen.pdbx_host_org_variant              ? 
_entity_src_gen.pdbx_host_org_cell_line            ? 
_entity_src_gen.pdbx_host_org_atcc                 ? 
_entity_src_gen.pdbx_host_org_culture_collection   ? 
_entity_src_gen.pdbx_host_org_cell                 ? 
_entity_src_gen.pdbx_host_org_organelle            ? 
_entity_src_gen.pdbx_host_org_cellular_location    ? 
_entity_src_gen.pdbx_host_org_vector_type          ? 
_entity_src_gen.pdbx_host_org_vector               ? 
_entity_src_gen.host_org_details                   ? 
_entity_src_gen.expression_system_id               ? 
_entity_src_gen.plasmid_name                       ? 
_entity_src_gen.plasmid_details                    ? 
_entity_src_gen.pdbx_description                   ? 
# 
loop_
_chem_comp.id 
_chem_comp.type 
_chem_comp.mon_nstd_flag 
_chem_comp.name 
_chem_comp.pdbx_synonyms 
_chem_comp.formula 
_chem_comp.formula_weight 
ALA 'L-peptide linking' y ALANINE                     ? 'C3 H7 N O2'     89.093  
ARG 'L-peptide linking' y ARGININE                    ? 'C6 H15 N4 O2 1' 175.209 
ASN 'L-peptide linking' y ASPARAGINE                  ? 'C4 H8 N2 O3'    132.118 
ASP 'L-peptide linking' y 'ASPARTIC ACID'             ? 'C4 H7 N O4'     133.103 
C5P non-polymer         . "CYTIDINE-5'-MONOPHOSPHATE" ? 'C9 H14 N3 O8 P' 323.197 
CYS 'L-peptide linking' y CYSTEINE                    ? 'C3 H7 N O2 S'   121.158 
GLN 'L-peptide linking' y GLUTAMINE                   ? 'C5 H10 N2 O3'   146.144 
GLU 'L-peptide linking' y 'GLUTAMIC ACID'             ? 'C5 H9 N O4'     147.129 
GLY 'peptide linking'   y GLYCINE                     ? 'C2 H5 N O2'     75.067  
HIS 'L-peptide linking' y HISTIDINE                   ? 'C6 H10 N3 O2 1' 156.162 
HOH non-polymer         . WATER                       ? 'H2 O'           18.015  
ILE 'L-peptide linking' y ISOLEUCINE                  ? 'C6 H13 N O2'    131.173 
LEU 'L-peptide linking' y LEUCINE                     ? 'C6 H13 N O2'    131.173 
LYS 'L-peptide linking' y LYSINE                      ? 'C6 H15 N2 O2 1' 147.195 
MET 'L-peptide linking' y METHIONINE                  ? 'C5 H11 N O2 S'  149.211 
PHE 'L-peptide linking' y PHENYLALANINE               ? 'C9 H11 N O2'    165.189 
PRO 'L-peptide linking' y PROLINE                     ? 'C5 H9 N O2'     115.130 
SER 'L-peptide linking' y SERINE                      ? 'C3 H7 N O3'     105.093 
THR 'L-peptide linking' y THREONINE                   ? 'C4 H9 N O3'     119.119 
TRP 'L-peptide linking' y TRYPTOPHAN                  ? 'C11 H12 N2 O2'  204.225 
TYR 'L-peptide linking' y TYROSINE                    ? 'C9 H11 N O3'    181.189 
VAL 'L-peptide linking' y VALINE                      ? 'C5 H11 N O2'    117.146 
# 
loop_
_pdbx_poly_seq_scheme.asym_id 
_pdbx_poly_seq_scheme.entity_id 
_pdbx_poly_seq_scheme.seq_id 
_pdbx_poly_seq_scheme.mon_id 
_pdbx_poly_seq_scheme.ndb_seq_num 
_pdbx_poly_seq_scheme.pdb_seq_num 
_pdbx_poly_seq_scheme.auth_seq_num 
_pdbx_poly_seq_scheme.pdb_mon_id 
_pdbx_poly_seq_scheme.auth_mon_id 
_pdbx_poly_seq_scheme.pdb_strand_id 
_pdbx_poly_seq_scheme.pdb_ins_code 
_pdbx_poly_seq_scheme.hetero 
A 1 1   GLY 1   578 ?   ?   ?   A . n 
A 1 2   HIS 2   579 ?   ?   ?   A . n 
A 1 3   MET 3   580 ?   ?   ?   A . n 
A 1 4   ALA 4   581 ?   ?   ?   A . n 
A 1 5   VAL 5   582 ?   ?   ?   A . n 
A 1 6   PRO 6   583 ?   ?   ?   A . n 
A 1 7   ASP 7   584 ?   ?   ?   A . n 
A 1 8   ASP 8   585 ?   ?   ?   A . n 
A 1 9   ASP 9   586 ?   ?   ?   A . n 
A 1 10  ASP 10  587 ?   ?   ?   A . n 
A 1 11  ASP 11  588 ?   ?   ?   A . n 
A 1 12  ASP 12  589 ?   ?   ?   A . n 
A 1 13  ASP 13  590 ?   ?   ?   A . n 
A 1 14  ASN 14  591 ?   ?   ?   A . n 
A 1 15  SER 15  592 ?   ?   ?   A . n 
A 1 16  ASN 16  593 ?   ?   ?   A . n 
A 1 17  ASP 17  594 ?   ?   ?   A . n 
A 1 18  GLU 18  595 ?   ?   ?   A . n 
A 1 19  SER 19  596 ?   ?   ?   A . n 
A 1 20  GLU 20  597 ?   ?   ?   A . n 
A 1 21  TYR 21  598 ?   ?   ?   A . n 
A 1 22  GLU 22  599 ?   ?   ?   A . n 
A 1 23  SER 23  600 ?   ?   ?   A . n 
A 1 24  SER 24  601 ?   ?   ?   A . n 
A 1 25  GLN 25  602 ?   ?   ?   A . n 
A 1 26  MET 26  603 ?   ?   ?   A . n 
A 1 27  ASP 27  604 ?   ?   ?   A . n 
A 1 28  SER 28  605 ?   ?   ?   A . n 
A 1 29  GLU 29  606 ?   ?   ?   A . n 
A 1 30  LYS 30  607 ?   ?   ?   A . n 
A 1 31  ASN 31  608 ?   ?   ?   A . n 
A 1 32  LYS 32  609 ?   ?   ?   A . n 
A 1 33  GLY 33  610 ?   ?   ?   A . n 
A 1 34  SER 34  611 ?   ?   ?   A . n 
A 1 35  ILE 35  612 ?   ?   ?   A . n 
A 1 36  LYS 36  613 ?   ?   ?   A . n 
A 1 37  ASN 37  614 ?   ?   ?   A . n 
A 1 38  SER 38  615 ?   ?   ?   A . n 
A 1 39  LYS 39  616 616 LYS LYS A . n 
A 1 40  ASN 40  617 617 ASN ASN A . n 
A 1 41  VAL 41  618 618 VAL VAL A . n 
A 1 42  VAL 42  619 619 VAL VAL A . n 
A 1 43  ILE 43  620 620 ILE ILE A . n 
A 1 44  TYR 44  621 621 TYR TYR A . n 
A 1 45  ALA 45  622 622 ALA ALA A . n 
A 1 46  ASP 46  623 623 ASP ASP A . n 
A 1 47  GLY 47  624 624 GLY GLY A . n 
A 1 48  VAL 48  625 625 VAL VAL A . n 
A 1 49  TYR 49  626 626 TYR TYR A . n 
A 1 50  ASP 50  627 627 ASP ASP A . n 
A 1 51  MET 51  628 628 MET MET A . n 
A 1 52  LEU 52  629 629 LEU LEU A . n 
A 1 53  HIS 53  630 630 HIS HIS A . n 
A 1 54  LEU 54  631 631 LEU LEU A . n 
A 1 55  GLY 55  632 632 GLY GLY A . n 
A 1 56  HIS 56  633 633 HIS HIS A . n 
A 1 57  MET 57  634 634 MET MET A . n 
A 1 58  LYS 58  635 635 LYS LYS A . n 
A 1 59  GLN 59  636 636 GLN GLN A . n 
A 1 60  LEU 60  637 637 LEU LEU A . n 
A 1 61  GLU 61  638 638 GLU GLU A . n 
A 1 62  GLN 62  639 639 GLN GLN A . n 
A 1 63  ALA 63  640 640 ALA ALA A . n 
A 1 64  LYS 64  641 641 LYS LYS A . n 
A 1 65  LYS 65  642 642 LYS LYS A . n 
A 1 66  LEU 66  643 643 LEU LEU A . n 
A 1 67  PHE 67  644 644 PHE PHE A . n 
A 1 68  GLU 68  645 645 GLU GLU A . n 
A 1 69  ASN 69  646 646 ASN ASN A . n 
A 1 70  THR 70  647 647 THR THR A . n 
A 1 71  THR 71  648 648 THR THR A . n 
A 1 72  LEU 72  649 649 LEU LEU A . n 
A 1 73  ILE 73  650 650 ILE ILE A . n 
A 1 74  VAL 74  651 651 VAL VAL A . n 
A 1 75  GLY 75  652 652 GLY GLY A . n 
A 1 76  VAL 76  653 653 VAL VAL A . n 
A 1 77  THR 77  654 654 THR THR A . n 
A 1 78  SER 78  655 655 SER SER A . n 
A 1 79  ASP 79  656 656 ASP ASP A . n 
A 1 80  ASN 80  657 657 ASN ASN A . n 
A 1 81  GLU 81  658 658 GLU GLU A . n 
A 1 82  THR 82  659 659 THR THR A . n 
A 1 83  LYS 83  660 660 LYS LYS A . n 
A 1 84  LEU 84  661 661 LEU LEU A . n 
A 1 85  PHE 85  662 662 PHE PHE A . n 
A 1 86  LYS 86  663 663 LYS LYS A . n 
A 1 87  GLY 87  664 664 GLY GLY A . n 
A 1 88  GLN 88  665 665 GLN GLN A . n 
A 1 89  VAL 89  666 666 VAL VAL A . n 
A 1 90  VAL 90  667 667 VAL VAL A . n 
A 1 91  GLN 91  668 668 GLN GLN A . n 
A 1 92  THR 92  669 669 THR THR A . n 
A 1 93  LEU 93  670 670 LEU LEU A . n 
A 1 94  GLU 94  671 671 GLU GLU A . n 
A 1 95  GLU 95  672 672 GLU GLU A . n 
A 1 96  ARG 96  673 673 ARG ARG A . n 
A 1 97  THR 97  674 674 THR THR A . n 
A 1 98  GLU 98  675 675 GLU GLU A . n 
A 1 99  THR 99  676 676 THR THR A . n 
A 1 100 LEU 100 677 677 LEU LEU A . n 
A 1 101 LYS 101 678 678 LYS LYS A . n 
A 1 102 HIS 102 679 679 HIS HIS A . n 
A 1 103 ILE 103 680 680 ILE ILE A . n 
A 1 104 ARG 104 681 681 ARG ARG A . n 
A 1 105 TRP 105 682 682 TRP TRP A . n 
A 1 106 VAL 106 683 683 VAL VAL A . n 
A 1 107 ASP 107 684 684 ASP ASP A . n 
A 1 108 GLU 108 685 685 GLU GLU A . n 
A 1 109 ILE 109 686 686 ILE ILE A . n 
A 1 110 ILE 110 687 687 ILE ILE A . n 
A 1 111 SER 111 688 688 SER SER A . n 
A 1 112 PRO 112 689 689 PRO PRO A . n 
A 1 113 CYS 113 690 690 CYS CYS A . n 
A 1 114 PRO 114 691 691 PRO PRO A . n 
A 1 115 TRP 115 692 692 TRP TRP A . n 
A 1 116 VAL 116 693 693 VAL VAL A . n 
A 1 117 VAL 117 694 694 VAL VAL A . n 
A 1 118 THR 118 695 695 THR THR A . n 
A 1 119 PRO 119 696 696 PRO PRO A . n 
A 1 120 GLU 120 697 697 GLU GLU A . n 
A 1 121 PHE 121 698 698 PHE PHE A . n 
A 1 122 LEU 122 699 699 LEU LEU A . n 
A 1 123 GLU 123 700 700 GLU GLU A . n 
A 1 124 LYS 124 701 701 LYS LYS A . n 
A 1 125 TYR 125 702 702 TYR TYR A . n 
A 1 126 LYS 126 703 703 LYS LYS A . n 
A 1 127 ILE 127 704 704 ILE ILE A . n 
A 1 128 ASP 128 705 705 ASP ASP A . n 
A 1 129 TYR 129 706 706 TYR TYR A . n 
A 1 130 VAL 130 707 707 VAL VAL A . n 
A 1 131 ALA 131 708 708 ALA ALA A . n 
A 1 132 HIS 132 709 709 HIS HIS A . n 
A 1 133 ASP 133 710 710 ASP ASP A . n 
A 1 134 ASP 134 711 711 ASP ASP A . n 
A 1 135 ILE 135 712 712 ILE ILE A . n 
A 1 136 PRO 136 731 ?   ?   ?   A . n 
A 1 137 TYR 137 732 ?   ?   ?   A . n 
A 1 138 ALA 138 733 ?   ?   ?   A . n 
A 1 139 ASN 139 734 ?   ?   ?   A . n 
A 1 140 ASN 140 735 ?   ?   ?   A . n 
A 1 141 GLN 141 736 ?   ?   ?   A . n 
A 1 142 LYS 142 737 ?   ?   ?   A . n 
A 1 143 GLU 143 738 ?   ?   ?   A . n 
A 1 144 ASP 144 739 739 ASP ASP A . n 
A 1 145 ILE 145 740 740 ILE ILE A . n 
A 1 146 TYR 146 741 741 TYR TYR A . n 
A 1 147 ALA 147 742 742 ALA ALA A . n 
A 1 148 TRP 148 743 743 TRP TRP A . n 
A 1 149 LEU 149 744 744 LEU LEU A . n 
A 1 150 LYS 150 745 745 LYS LYS A . n 
A 1 151 ARG 151 746 746 ARG ARG A . n 
A 1 152 ALA 152 747 747 ALA ALA A . n 
A 1 153 GLY 153 748 748 GLY GLY A . n 
A 1 154 LYS 154 749 749 LYS LYS A . n 
A 1 155 PHE 155 750 750 PHE PHE A . n 
A 1 156 LYS 156 751 751 LYS LYS A . n 
A 1 157 ALA 157 752 752 ALA ALA A . n 
A 1 158 THR 158 753 753 THR THR A . n 
A 1 159 GLN 159 754 754 GLN GLN A . n 
A 1 160 ARG 160 755 755 ARG ARG A . n 
A 1 161 THR 161 756 756 THR THR A . n 
A 1 162 GLU 162 757 757 GLU GLU A . n 
A 1 163 GLY 163 758 758 GLY GLY A . n 
A 1 164 VAL 164 759 759 VAL VAL A . n 
A 1 165 SER 165 760 760 SER SER A . n 
A 1 166 THR 166 761 761 THR THR A . n 
A 1 167 THR 167 762 762 THR THR A . n 
A 1 168 ASP 168 763 763 ASP ASP A . n 
A 1 169 LEU 169 764 764 LEU LEU A . n 
A 1 170 ILE 170 765 765 ILE ILE A . n 
A 1 171 VAL 171 766 766 VAL VAL A . n 
A 1 172 ARG 172 767 767 ARG ARG A . n 
A 1 173 ILE 173 768 768 ILE ILE A . n 
A 1 174 LEU 174 769 769 LEU LEU A . n 
A 1 175 LYS 175 770 770 LYS LYS A . n 
A 1 176 ASN 176 771 ?   ?   ?   A . n 
A 1 177 TYR 177 772 ?   ?   ?   A . n 
A 1 178 GLU 178 773 ?   ?   ?   A . n 
A 1 179 ASP 179 774 ?   ?   ?   A . n 
A 1 180 TYR 180 775 ?   ?   ?   A . n 
# 
loop_
_pdbx_nonpoly_scheme.asym_id 
_pdbx_nonpoly_scheme.entity_id 
_pdbx_nonpoly_scheme.mon_id 
_pdbx_nonpoly_scheme.ndb_seq_num 
_pdbx_nonpoly_scheme.pdb_seq_num 
_pdbx_nonpoly_scheme.auth_seq_num 
_pdbx_nonpoly_scheme.pdb_mon_id 
_pdbx_nonpoly_scheme.auth_mon_id 
_pdbx_nonpoly_scheme.pdb_strand_id 
_pdbx_nonpoly_scheme.pdb_ins_code 
B 2 C5P 1  801 1  C5P C5P A . 
C 3 HOH 1  901 43 HOH HOH A . 
C 3 HOH 2  902 8  HOH HOH A . 
C 3 HOH 3  903 38 HOH HOH A . 
C 3 HOH 4  904 22 HOH HOH A . 
C 3 HOH 5  905 39 HOH HOH A . 
C 3 HOH 6  906 1  HOH HOH A . 
C 3 HOH 7  907 30 HOH HOH A . 
C 3 HOH 8  908 33 HOH HOH A . 
C 3 HOH 9  909 4  HOH HOH A . 
C 3 HOH 10 910 35 HOH HOH A . 
C 3 HOH 11 911 9  HOH HOH A . 
C 3 HOH 12 912 14 HOH HOH A . 
C 3 HOH 13 913 10 HOH HOH A . 
C 3 HOH 14 914 29 HOH HOH A . 
C 3 HOH 15 915 15 HOH HOH A . 
C 3 HOH 16 916 3  HOH HOH A . 
C 3 HOH 17 917 32 HOH HOH A . 
C 3 HOH 18 918 34 HOH HOH A . 
C 3 HOH 19 919 11 HOH HOH A . 
C 3 HOH 20 920 2  HOH HOH A . 
C 3 HOH 21 921 7  HOH HOH A . 
C 3 HOH 22 922 5  HOH HOH A . 
C 3 HOH 23 923 42 HOH HOH A . 
C 3 HOH 24 924 21 HOH HOH A . 
C 3 HOH 25 925 12 HOH HOH A . 
C 3 HOH 26 926 6  HOH HOH A . 
C 3 HOH 27 927 17 HOH HOH A . 
C 3 HOH 28 928 13 HOH HOH A . 
C 3 HOH 29 929 16 HOH HOH A . 
C 3 HOH 30 930 18 HOH HOH A . 
C 3 HOH 31 931 36 HOH HOH A . 
C 3 HOH 32 932 25 HOH HOH A . 
C 3 HOH 33 933 41 HOH HOH A . 
C 3 HOH 34 934 27 HOH HOH A . 
C 3 HOH 35 935 28 HOH HOH A . 
C 3 HOH 36 936 40 HOH HOH A . 
C 3 HOH 37 937 37 HOH HOH A . 
C 3 HOH 38 938 20 HOH HOH A . 
C 3 HOH 39 939 19 HOH HOH A . 
C 3 HOH 40 940 31 HOH HOH A . 
C 3 HOH 41 941 23 HOH HOH A . 
C 3 HOH 42 942 24 HOH HOH A . 
C 3 HOH 43 943 26 HOH HOH A . 
# 
loop_
_pdbx_unobs_or_zero_occ_atoms.id 
_pdbx_unobs_or_zero_occ_atoms.PDB_model_num 
_pdbx_unobs_or_zero_occ_atoms.polymer_flag 
_pdbx_unobs_or_zero_occ_atoms.occupancy_flag 
_pdbx_unobs_or_zero_occ_atoms.auth_asym_id 
_pdbx_unobs_or_zero_occ_atoms.auth_comp_id 
_pdbx_unobs_or_zero_occ_atoms.auth_seq_id 
_pdbx_unobs_or_zero_occ_atoms.PDB_ins_code 
_pdbx_unobs_or_zero_occ_atoms.auth_atom_id 
_pdbx_unobs_or_zero_occ_atoms.label_alt_id 
_pdbx_unobs_or_zero_occ_atoms.label_asym_id 
_pdbx_unobs_or_zero_occ_atoms.label_comp_id 
_pdbx_unobs_or_zero_occ_atoms.label_seq_id 
_pdbx_unobs_or_zero_occ_atoms.label_atom_id 
1  1 Y 1 A LYS 660 ? CG  ? A LYS 83  CG  
2  1 Y 1 A LYS 660 ? CD  ? A LYS 83  CD  
3  1 Y 1 A LYS 660 ? CE  ? A LYS 83  CE  
4  1 Y 1 A LYS 660 ? NZ  ? A LYS 83  NZ  
5  1 Y 1 A LEU 661 ? CG  ? A LEU 84  CG  
6  1 Y 1 A LEU 661 ? CD1 ? A LEU 84  CD1 
7  1 Y 1 A LEU 661 ? CD2 ? A LEU 84  CD2 
8  1 Y 1 A LYS 663 ? CG  ? A LYS 86  CG  
9  1 Y 1 A LYS 663 ? CD  ? A LYS 86  CD  
10 1 Y 1 A LYS 663 ? CE  ? A LYS 86  CE  
11 1 Y 1 A LYS 663 ? NZ  ? A LYS 86  NZ  
12 1 Y 1 A GLN 665 ? CB  ? A GLN 88  CB  
13 1 Y 1 A GLN 665 ? CG  ? A GLN 88  CG  
14 1 Y 1 A GLN 665 ? CD  ? A GLN 88  CD  
15 1 Y 1 A GLN 665 ? OE1 ? A GLN 88  OE1 
16 1 Y 1 A GLN 665 ? NE2 ? A GLN 88  NE2 
17 1 Y 1 A LYS 703 ? CE  ? A LYS 126 CE  
18 1 Y 1 A LYS 703 ? NZ  ? A LYS 126 NZ  
19 1 Y 1 A ILE 712 ? CG1 ? A ILE 135 CG1 
20 1 Y 1 A ILE 712 ? CG2 ? A ILE 135 CG2 
21 1 Y 1 A ILE 712 ? CD1 ? A ILE 135 CD1 
22 1 Y 1 A GLU 757 ? CD  ? A GLU 162 CD  
23 1 Y 1 A GLU 757 ? OE1 ? A GLU 162 OE1 
24 1 Y 1 A GLU 757 ? OE2 ? A GLU 162 OE2 
25 1 Y 1 A ILE 765 ? CD1 ? A ILE 170 CD1 
26 1 Y 1 A ILE 768 ? CD1 ? A ILE 173 CD1 
27 1 Y 1 A LEU 769 ? CD1 ? A LEU 174 CD1 
28 1 Y 1 A LEU 769 ? CD2 ? A LEU 174 CD2 
29 1 Y 1 A LYS 770 ? CG  ? A LYS 175 CG  
30 1 Y 1 A LYS 770 ? CD  ? A LYS 175 CD  
31 1 Y 1 A LYS 770 ? CE  ? A LYS 175 CE  
32 1 Y 1 A LYS 770 ? NZ  ? A LYS 175 NZ  
# 
loop_
_software.citation_id 
_software.classification 
_software.compiler_name 
_software.compiler_version 
_software.contact_author 
_software.contact_author_email 
_software.date 
_software.description 
_software.dependencies 
_software.hardware 
_software.language 
_software.location 
_software.mods 
_software.name 
_software.os 
_software.os_version 
_software.type 
_software.version 
_software.pdbx_ordinal 
? refinement       ? ? ? ? ? ? ? ? ? ? ? REFMAC ? ? ? 5.8.0073 1 
? phasing          ? ? ? ? ? ? ? ? ? ? ? PHASER ? ? ? .        2 
? 'data scaling'   ? ? ? ? ? ? ? ? ? ? ? SCALA  ? ? ? .        3 
? 'model building' ? ? ? ? ? ? ? ? ? ? ? Coot   ? ? ? .        4 
? 'data reduction' ? ? ? ? ? ? ? ? ? ? ? XDS    ? ? ? .        5 
# 
_cell.angle_alpha                  90.00 
_cell.angle_alpha_esd              ? 
_cell.angle_beta                   90.00 
_cell.angle_beta_esd               ? 
_cell.angle_gamma                  90.00 
_cell.angle_gamma_esd              ? 
_cell.entry_id                     4ZCP 
_cell.details                      ? 
_cell.formula_units_Z              ? 
_cell.length_a                     50.520 
_cell.length_a_esd                 ? 
_cell.length_b                     69.300 
_cell.length_b_esd                 ? 
_cell.length_c                     116.440 
_cell.length_c_esd                 ? 
_cell.volume                       ? 
_cell.volume_esd                   ? 
_cell.Z_PDB                        8 
_cell.reciprocal_angle_alpha       ? 
_cell.reciprocal_angle_beta        ? 
_cell.reciprocal_angle_gamma       ? 
_cell.reciprocal_angle_alpha_esd   ? 
_cell.reciprocal_angle_beta_esd    ? 
_cell.reciprocal_angle_gamma_esd   ? 
_cell.reciprocal_length_a          ? 
_cell.reciprocal_length_b          ? 
_cell.reciprocal_length_c          ? 
_cell.reciprocal_length_a_esd      ? 
_cell.reciprocal_length_b_esd      ? 
_cell.reciprocal_length_c_esd      ? 
_cell.pdbx_unique_axis             ? 
# 
_symmetry.entry_id                         4ZCP 
_symmetry.cell_setting                     ? 
_symmetry.Int_Tables_number                23 
_symmetry.space_group_name_Hall            ? 
_symmetry.space_group_name_H-M             'I 2 2 2' 
_symmetry.pdbx_full_space_group_name_H-M   ? 
# 
_exptl.absorpt_coefficient_mu     ? 
_exptl.absorpt_correction_T_max   ? 
_exptl.absorpt_correction_T_min   ? 
_exptl.absorpt_correction_type    ? 
_exptl.absorpt_process_details    ? 
_exptl.entry_id                   4ZCP 
_exptl.crystals_number            ? 
_exptl.details                    ? 
_exptl.method                     'X-RAY DIFFRACTION' 
_exptl.method_details             ? 
# 
_exptl_crystal.colour                      ? 
_exptl_crystal.density_diffrn              ? 
_exptl_crystal.density_Matthews            2.45 
_exptl_crystal.density_method              ? 
_exptl_crystal.density_percent_sol         49.77 
_exptl_crystal.description                 ? 
_exptl_crystal.F_000                       ? 
_exptl_crystal.id                          1 
_exptl_crystal.preparation                 ? 
_exptl_crystal.size_max                    ? 
_exptl_crystal.size_mid                    ? 
_exptl_crystal.size_min                    ? 
_exptl_crystal.size_rad                    ? 
_exptl_crystal.colour_lustre               ? 
_exptl_crystal.colour_modifier             ? 
_exptl_crystal.colour_primary              ? 
_exptl_crystal.density_meas                ? 
_exptl_crystal.density_meas_esd            ? 
_exptl_crystal.density_meas_gt             ? 
_exptl_crystal.density_meas_lt             ? 
_exptl_crystal.density_meas_temp           ? 
_exptl_crystal.density_meas_temp_esd       ? 
_exptl_crystal.density_meas_temp_gt        ? 
_exptl_crystal.density_meas_temp_lt        ? 
_exptl_crystal.pdbx_crystal_image_url      ? 
_exptl_crystal.pdbx_crystal_image_format   ? 
_exptl_crystal.pdbx_mosaicity              ? 
_exptl_crystal.pdbx_mosaicity_esd          ? 
# 
_exptl_crystal_grow.apparatus       ? 
_exptl_crystal_grow.atmosphere      ? 
_exptl_crystal_grow.crystal_id      1 
_exptl_crystal_grow.details         ? 
_exptl_crystal_grow.method          'VAPOR DIFFUSION, HANGING DROP' 
_exptl_crystal_grow.method_ref      ? 
_exptl_crystal_grow.pH              8.0 
_exptl_crystal_grow.pressure        ? 
_exptl_crystal_grow.pressure_esd    ? 
_exptl_crystal_grow.seeding         ? 
_exptl_crystal_grow.seeding_ref     ? 
_exptl_crystal_grow.temp            293 
_exptl_crystal_grow.temp_details    ? 
_exptl_crystal_grow.temp_esd        ? 
_exptl_crystal_grow.time            ? 
_exptl_crystal_grow.pdbx_details    '20% PEG 4000' 
_exptl_crystal_grow.pdbx_pH_range   ? 
# 
_diffrn.ambient_environment    ? 
_diffrn.ambient_temp           100 
_diffrn.ambient_temp_details   ? 
_diffrn.ambient_temp_esd       ? 
_diffrn.crystal_id             1 
_diffrn.crystal_support        ? 
_diffrn.crystal_treatment      ? 
_diffrn.details                ? 
_diffrn.id                     1 
_diffrn.ambient_pressure       ? 
_diffrn.ambient_pressure_esd   ? 
_diffrn.ambient_pressure_gt    ? 
_diffrn.ambient_pressure_lt    ? 
_diffrn.ambient_temp_gt        ? 
_diffrn.ambient_temp_lt        ? 
# 
_diffrn_detector.details                      ? 
_diffrn_detector.detector                     PIXEL 
_diffrn_detector.diffrn_id                    1 
_diffrn_detector.type                         'DECTRIS PILATUS 2M' 
_diffrn_detector.area_resol_mean              ? 
_diffrn_detector.dtime                        ? 
_diffrn_detector.pdbx_frames_total            ? 
_diffrn_detector.pdbx_collection_time_total   ? 
_diffrn_detector.pdbx_collection_date         2015-02-20 
# 
_diffrn_radiation.collimation                      ? 
_diffrn_radiation.diffrn_id                        1 
_diffrn_radiation.filter_edge                      ? 
_diffrn_radiation.inhomogeneity                    ? 
_diffrn_radiation.monochromator                    ? 
_diffrn_radiation.polarisn_norm                    ? 
_diffrn_radiation.polarisn_ratio                   ? 
_diffrn_radiation.probe                            ? 
_diffrn_radiation.type                             ? 
_diffrn_radiation.xray_symbol                      ? 
_diffrn_radiation.wavelength_id                    1 
_diffrn_radiation.pdbx_monochromatic_or_laue_m_l   M 
_diffrn_radiation.pdbx_wavelength_list             ? 
_diffrn_radiation.pdbx_wavelength                  ? 
_diffrn_radiation.pdbx_diffrn_protocol             'SINGLE WAVELENGTH' 
_diffrn_radiation.pdbx_analyzer                    ? 
_diffrn_radiation.pdbx_scattering_type             x-ray 
# 
_diffrn_radiation_wavelength.id           1 
_diffrn_radiation_wavelength.wavelength   0.8726 
_diffrn_radiation_wavelength.wt           1.0 
# 
_diffrn_source.current                     ? 
_diffrn_source.details                     ? 
_diffrn_source.diffrn_id                   1 
_diffrn_source.power                       ? 
_diffrn_source.size                        ? 
_diffrn_source.source                      SYNCHROTRON 
_diffrn_source.target                      ? 
_diffrn_source.type                        'ESRF BEAMLINE ID23-2' 
_diffrn_source.voltage                     ? 
_diffrn_source.take-off_angle              ? 
_diffrn_source.pdbx_wavelength_list        0.8726 
_diffrn_source.pdbx_wavelength             ? 
_diffrn_source.pdbx_synchrotron_beamline   ID23-2 
_diffrn_source.pdbx_synchrotron_site       ESRF 
# 
_reflns.B_iso_Wilson_estimate            ? 
_reflns.entry_id                         4ZCP 
_reflns.data_reduction_details           ? 
_reflns.data_reduction_method            ? 
_reflns.d_resolution_high                1.98 
_reflns.d_resolution_low                 58.22 
_reflns.details                          ? 
_reflns.limit_h_max                      ? 
_reflns.limit_h_min                      ? 
_reflns.limit_k_max                      ? 
_reflns.limit_k_min                      ? 
_reflns.limit_l_max                      ? 
_reflns.limit_l_min                      ? 
_reflns.number_all                       ? 
_reflns.number_obs                       13840 
_reflns.observed_criterion               ? 
_reflns.observed_criterion_F_max         ? 
_reflns.observed_criterion_F_min         ? 
_reflns.observed_criterion_I_max         ? 
_reflns.observed_criterion_I_min         ? 
_reflns.observed_criterion_sigma_F       ? 
_reflns.observed_criterion_sigma_I       ? 
_reflns.percent_possible_obs             99.30 
_reflns.R_free_details                   ? 
_reflns.Rmerge_F_all                     ? 
_reflns.Rmerge_F_obs                     ? 
_reflns.Friedel_coverage                 ? 
_reflns.number_gt                        ? 
_reflns.threshold_expression             ? 
_reflns.pdbx_redundancy                  4.6 
_reflns.pdbx_Rmerge_I_obs                ? 
_reflns.pdbx_Rmerge_I_all                ? 
_reflns.pdbx_Rsym_value                  0.059 
_reflns.pdbx_netI_over_av_sigmaI         ? 
_reflns.pdbx_netI_over_sigmaI            10.5 
_reflns.pdbx_res_netI_over_av_sigmaI_2   ? 
_reflns.pdbx_res_netI_over_sigmaI_2      ? 
_reflns.pdbx_chi_squared                 ? 
_reflns.pdbx_scaling_rejects             ? 
_reflns.pdbx_d_res_high_opt              ? 
_reflns.pdbx_d_res_low_opt               ? 
_reflns.pdbx_d_res_opt_method            ? 
_reflns.phase_calculation_details        ? 
_reflns.pdbx_Rrim_I_all                  ? 
_reflns.pdbx_Rpim_I_all                  ? 
_reflns.pdbx_d_opt                       ? 
_reflns.pdbx_number_measured_all         ? 
_reflns.pdbx_diffrn_id                   1 
_reflns.pdbx_ordinal                     1 
_reflns.pdbx_CC_half                     ? 
_reflns.pdbx_R_split                     ? 
# 
_refine.aniso_B[1][1]                            -0.00 
_refine.aniso_B[1][2]                            -0.00 
_refine.aniso_B[1][3]                            0.00 
_refine.aniso_B[2][2]                            0.01 
_refine.aniso_B[2][3]                            0.00 
_refine.aniso_B[3][3]                            -0.01 
_refine.B_iso_max                                ? 
_refine.B_iso_mean                               40.135 
_refine.B_iso_min                                ? 
_refine.correlation_coeff_Fo_to_Fc               0.954 
_refine.correlation_coeff_Fo_to_Fc_free          0.936 
_refine.details                                  'HYDROGENS HAVE BEEN ADDED IN THE RIDING POSITIONS' 
_refine.diff_density_max                         ? 
_refine.diff_density_max_esd                     ? 
_refine.diff_density_min                         ? 
_refine.diff_density_min_esd                     ? 
_refine.diff_density_rms                         ? 
_refine.diff_density_rms_esd                     ? 
_refine.entry_id                                 4ZCP 
_refine.pdbx_refine_id                           'X-RAY DIFFRACTION' 
_refine.ls_abs_structure_details                 ? 
_refine.ls_abs_structure_Flack                   ? 
_refine.ls_abs_structure_Flack_esd               ? 
_refine.ls_abs_structure_Rogers                  ? 
_refine.ls_abs_structure_Rogers_esd              ? 
_refine.ls_d_res_high                            1.98 
_refine.ls_d_res_low                             58.22 
_refine.ls_extinction_coef                       ? 
_refine.ls_extinction_coef_esd                   ? 
_refine.ls_extinction_expression                 ? 
_refine.ls_extinction_method                     ? 
_refine.ls_goodness_of_fit_all                   ? 
_refine.ls_goodness_of_fit_all_esd               ? 
_refine.ls_goodness_of_fit_obs                   ? 
_refine.ls_goodness_of_fit_obs_esd               ? 
_refine.ls_hydrogen_treatment                    ? 
_refine.ls_matrix_type                           ? 
_refine.ls_number_constraints                    ? 
_refine.ls_number_parameters                     ? 
_refine.ls_number_reflns_all                     ? 
_refine.ls_number_reflns_obs                     13840 
_refine.ls_number_reflns_R_free                  710 
_refine.ls_number_reflns_R_work                  ? 
_refine.ls_number_restraints                     ? 
_refine.ls_percent_reflns_obs                    99.30 
_refine.ls_percent_reflns_R_free                 4.9 
_refine.ls_R_factor_all                          ? 
_refine.ls_R_factor_obs                          0.20923 
_refine.ls_R_factor_R_free                       0.24713 
_refine.ls_R_factor_R_free_error                 ? 
_refine.ls_R_factor_R_free_error_details         ? 
_refine.ls_R_factor_R_work                       0.20730 
_refine.ls_R_Fsqd_factor_obs                     ? 
_refine.ls_R_I_factor_obs                        ? 
_refine.ls_redundancy_reflns_all                 ? 
_refine.ls_redundancy_reflns_obs                 ? 
_refine.ls_restrained_S_all                      ? 
_refine.ls_restrained_S_obs                      ? 
_refine.ls_shift_over_esd_max                    ? 
_refine.ls_shift_over_esd_mean                   ? 
_refine.ls_structure_factor_coef                 ? 
_refine.ls_weighting_details                     ? 
_refine.ls_weighting_scheme                      ? 
_refine.ls_wR_factor_all                         ? 
_refine.ls_wR_factor_obs                         ? 
_refine.ls_wR_factor_R_free                      ? 
_refine.ls_wR_factor_R_work                      ? 
_refine.occupancy_max                            ? 
_refine.occupancy_min                            ? 
_refine.solvent_model_details                    MASK 
_refine.solvent_model_param_bsol                 ? 
_refine.solvent_model_param_ksol                 ? 
_refine.ls_R_factor_gt                           ? 
_refine.ls_goodness_of_fit_gt                    ? 
_refine.ls_goodness_of_fit_ref                   ? 
_refine.ls_shift_over_su_max                     ? 
_refine.ls_shift_over_su_max_lt                  ? 
_refine.ls_shift_over_su_mean                    ? 
_refine.ls_shift_over_su_mean_lt                 ? 
_refine.pdbx_ls_sigma_I                          ? 
_refine.pdbx_ls_sigma_F                          ? 
_refine.pdbx_ls_sigma_Fsqd                       ? 
_refine.pdbx_data_cutoff_high_absF               ? 
_refine.pdbx_data_cutoff_high_rms_absF           ? 
_refine.pdbx_data_cutoff_low_absF                ? 
_refine.pdbx_isotropic_thermal_model             ? 
_refine.pdbx_ls_cross_valid_method               'FREE R-VALUE' 
_refine.pdbx_method_to_determine_struct          'MOLECULAR REPLACEMENT' 
_refine.pdbx_starting_model                      4ZCT 
_refine.pdbx_stereochemistry_target_values       'MAXIMUM LIKELIHOOD' 
_refine.pdbx_R_Free_selection_details            RANDOM 
_refine.pdbx_stereochem_target_val_spec_case     ? 
_refine.pdbx_overall_ESU_R                       0.142 
_refine.pdbx_overall_ESU_R_Free                  0.140 
_refine.pdbx_solvent_vdw_probe_radii             1.20 
_refine.pdbx_solvent_ion_probe_radii             0.80 
_refine.pdbx_solvent_shrinkage_radii             0.80 
_refine.pdbx_real_space_R                        ? 
_refine.pdbx_density_correlation                 ? 
_refine.pdbx_pd_number_of_powder_patterns        ? 
_refine.pdbx_pd_number_of_points                 ? 
_refine.pdbx_pd_meas_number_of_points            ? 
_refine.pdbx_pd_proc_ls_prof_R_factor            ? 
_refine.pdbx_pd_proc_ls_prof_wR_factor           ? 
_refine.pdbx_pd_Marquardt_correlation_coeff      ? 
_refine.pdbx_pd_Fsqrd_R_factor                   ? 
_refine.pdbx_pd_ls_matrix_band_width             ? 
_refine.pdbx_overall_phase_error                 ? 
_refine.pdbx_overall_SU_R_free_Cruickshank_DPI   ? 
_refine.pdbx_overall_SU_R_free_Blow_DPI          ? 
_refine.pdbx_overall_SU_R_Blow_DPI               ? 
_refine.pdbx_TLS_residual_ADP_flag               ? 
_refine.pdbx_diffrn_id                           1 
_refine.overall_SU_B                             4.278 
_refine.overall_SU_ML                            0.117 
_refine.overall_SU_R_Cruickshank_DPI             ? 
_refine.overall_SU_R_free                        ? 
_refine.overall_FOM_free_R_set                   ? 
_refine.overall_FOM_work_R_set                   ? 
_refine.pdbx_average_fsc_overall                 ? 
_refine.pdbx_average_fsc_work                    ? 
_refine.pdbx_average_fsc_free                    ? 
# 
_refine_hist.pdbx_refine_id                   'X-RAY DIFFRACTION' 
_refine_hist.cycle_id                         1 
_refine_hist.pdbx_number_atoms_protein        1023 
_refine_hist.pdbx_number_atoms_nucleic_acid   0 
_refine_hist.pdbx_number_atoms_ligand         21 
_refine_hist.number_atoms_solvent             43 
_refine_hist.number_atoms_total               1087 
_refine_hist.d_res_high                       1.98 
_refine_hist.d_res_low                        58.22 
# 
loop_
_refine_ls_restr.pdbx_refine_id 
_refine_ls_restr.criterion 
_refine_ls_restr.dev_ideal 
_refine_ls_restr.dev_ideal_target 
_refine_ls_restr.number 
_refine_ls_restr.rejects 
_refine_ls_restr.type 
_refine_ls_restr.weight 
_refine_ls_restr.pdbx_restraint_function 
'X-RAY DIFFRACTION' ? 0.008  0.020  1065 ? r_bond_refined_d             ? ? 
'X-RAY DIFFRACTION' ? 0.001  0.020  999  ? r_bond_other_d               ? ? 
'X-RAY DIFFRACTION' ? 1.104  1.969  1449 ? r_angle_refined_deg          ? ? 
'X-RAY DIFFRACTION' ? 0.673  3.007  2292 ? r_angle_other_deg            ? ? 
'X-RAY DIFFRACTION' ? 5.069  5.000  127  ? r_dihedral_angle_1_deg       ? ? 
'X-RAY DIFFRACTION' ? 32.788 24.348 46   ? r_dihedral_angle_2_deg       ? ? 
'X-RAY DIFFRACTION' ? 11.852 15.000 180  ? r_dihedral_angle_3_deg       ? ? 
'X-RAY DIFFRACTION' ? 15.769 15.000 5    ? r_dihedral_angle_4_deg       ? ? 
'X-RAY DIFFRACTION' ? 0.067  0.200  171  ? r_chiral_restr               ? ? 
'X-RAY DIFFRACTION' ? 0.004  0.020  1164 ? r_gen_planes_refined         ? ? 
'X-RAY DIFFRACTION' ? 0.001  0.020  236  ? r_gen_planes_other           ? ? 
'X-RAY DIFFRACTION' ? ?      ?      ?    ? r_nbd_refined                ? ? 
'X-RAY DIFFRACTION' ? ?      ?      ?    ? r_nbd_other                  ? ? 
'X-RAY DIFFRACTION' ? ?      ?      ?    ? r_nbtor_refined              ? ? 
'X-RAY DIFFRACTION' ? ?      ?      ?    ? r_nbtor_other                ? ? 
'X-RAY DIFFRACTION' ? ?      ?      ?    ? r_xyhbond_nbd_refined        ? ? 
'X-RAY DIFFRACTION' ? ?      ?      ?    ? r_xyhbond_nbd_other          ? ? 
'X-RAY DIFFRACTION' ? ?      ?      ?    ? r_metal_ion_refined          ? ? 
'X-RAY DIFFRACTION' ? ?      ?      ?    ? r_metal_ion_other            ? ? 
'X-RAY DIFFRACTION' ? ?      ?      ?    ? r_symmetry_vdw_refined       ? ? 
'X-RAY DIFFRACTION' ? ?      ?      ?    ? r_symmetry_vdw_other         ? ? 
'X-RAY DIFFRACTION' ? ?      ?      ?    ? r_symmetry_hbond_refined     ? ? 
'X-RAY DIFFRACTION' ? ?      ?      ?    ? r_symmetry_hbond_other       ? ? 
'X-RAY DIFFRACTION' ? ?      ?      ?    ? r_symmetry_metal_ion_refined ? ? 
'X-RAY DIFFRACTION' ? ?      ?      ?    ? r_symmetry_metal_ion_other   ? ? 
'X-RAY DIFFRACTION' ? 1.967  4.031  514  ? r_mcbond_it                  ? ? 
'X-RAY DIFFRACTION' ? 1.967  4.023  513  ? r_mcbond_other               ? ? 
'X-RAY DIFFRACTION' ? 3.147  6.018  639  ? r_mcangle_it                 ? ? 
'X-RAY DIFFRACTION' ? 3.146  6.027  640  ? r_mcangle_other              ? ? 
'X-RAY DIFFRACTION' ? 2.371  4.204  551  ? r_scbond_it                  ? ? 
'X-RAY DIFFRACTION' ? 2.369  4.204  552  ? r_scbond_other               ? ? 
'X-RAY DIFFRACTION' ? ?      ?      ?    ? r_scangle_it                 ? ? 
'X-RAY DIFFRACTION' ? 3.795  6.220  811  ? r_scangle_other              ? ? 
'X-RAY DIFFRACTION' ? 6.617  32.958 1224 ? r_long_range_B_refined       ? ? 
'X-RAY DIFFRACTION' ? 6.615  32.966 1225 ? r_long_range_B_other         ? ? 
'X-RAY DIFFRACTION' ? ?      ?      ?    ? r_rigid_bond_restr           ? ? 
'X-RAY DIFFRACTION' ? ?      ?      ?    ? r_sphericity_free            ? ? 
'X-RAY DIFFRACTION' ? ?      ?      ?    ? r_sphericity_bonded          ? ? 
# 
_refine_ls_shell.pdbx_refine_id                   'X-RAY DIFFRACTION' 
_refine_ls_shell.d_res_high                       1.980 
_refine_ls_shell.d_res_low                        2.031 
_refine_ls_shell.number_reflns_all                ? 
_refine_ls_shell.number_reflns_obs                ? 
_refine_ls_shell.number_reflns_R_free             51 
_refine_ls_shell.number_reflns_R_work             1019 
_refine_ls_shell.percent_reflns_obs               99.72 
_refine_ls_shell.percent_reflns_R_free            ? 
_refine_ls_shell.R_factor_all                     ? 
_refine_ls_shell.R_factor_obs                     ? 
_refine_ls_shell.R_factor_R_free                  0.308 
_refine_ls_shell.R_factor_R_free_error            ? 
_refine_ls_shell.R_factor_R_work                  0.342 
_refine_ls_shell.redundancy_reflns_all            ? 
_refine_ls_shell.redundancy_reflns_obs            ? 
_refine_ls_shell.wR_factor_all                    ? 
_refine_ls_shell.wR_factor_obs                    ? 
_refine_ls_shell.wR_factor_R_free                 ? 
_refine_ls_shell.wR_factor_R_work                 ? 
_refine_ls_shell.pdbx_total_number_of_bins_used   20 
_refine_ls_shell.pdbx_phase_error                 ? 
_refine_ls_shell.pdbx_fsc_work                    ? 
_refine_ls_shell.pdbx_fsc_free                    ? 
# 
_struct.entry_id                     4ZCP 
_struct.title                        
;Crystal structure of the C-terminal catalytic domain of Plasmodium falciparum CTP:phosphocholine cytidylyltransferase in complex with CMP
;
_struct.pdbx_model_details           ? 
_struct.pdbx_formula_weight          ? 
_struct.pdbx_formula_weight_method   ? 
_struct.pdbx_model_type_details      ? 
_struct.pdbx_CASP_flag               ? 
# 
_struct_keywords.entry_id        4ZCP 
_struct_keywords.text            'enzyme, malaria, cytidylyltransferase, phosphatidylcholine, TRANSFERASE' 
_struct_keywords.pdbx_keywords   TRANSFERASE 
# 
loop_
_struct_asym.id 
_struct_asym.pdbx_blank_PDB_chainid_flag 
_struct_asym.pdbx_modified 
_struct_asym.entity_id 
_struct_asym.details 
A N N 1 ? 
B N N 2 ? 
C N N 3 ? 
# 
_struct_ref.id                         1 
_struct_ref.db_name                    UNP 
_struct_ref.db_code                    Q8IEE9_PLAF7 
_struct_ref.pdbx_db_accession          Q8IEE9 
_struct_ref.pdbx_db_isoform            ? 
_struct_ref.entity_id                  1 
_struct_ref.pdbx_seq_one_letter_code   
;AVPDDDDDDDNSNDESEYESSQMDSEKNKGSIKNSKNVVIYADGVYDMLHLGHMKQLEQAKKLFENTTLIVGVTSDNETK
LFKGQVVQTLEERTETLKHIRWVDEIISPCPWVVTPEFLEKYKIDYVAHDDIPYANNQKKKKKKKSKGKSFSFDEENEDI
YAWLKRAGKFKATQRTEGVSTTDLIVRILKNYEDY
;
_struct_ref.pdbx_align_begin           581 
# 
_struct_ref_seq.align_id                      1 
_struct_ref_seq.ref_id                        1 
_struct_ref_seq.pdbx_PDB_id_code              4ZCP 
_struct_ref_seq.pdbx_strand_id                A 
_struct_ref_seq.seq_align_beg                 4 
_struct_ref_seq.pdbx_seq_align_beg_ins_code   ? 
_struct_ref_seq.seq_align_end                 180 
_struct_ref_seq.pdbx_seq_align_end_ins_code   ? 
_struct_ref_seq.pdbx_db_accession             Q8IEE9 
_struct_ref_seq.db_align_beg                  581 
_struct_ref_seq.pdbx_db_align_beg_ins_code    ? 
_struct_ref_seq.db_align_end                  775 
_struct_ref_seq.pdbx_db_align_end_ins_code    ? 
_struct_ref_seq.pdbx_auth_seq_align_beg       581 
_struct_ref_seq.pdbx_auth_seq_align_end       775 
# 
loop_
_struct_ref_seq_dif.align_id 
_struct_ref_seq_dif.pdbx_pdb_id_code 
_struct_ref_seq_dif.mon_id 
_struct_ref_seq_dif.pdbx_pdb_strand_id 
_struct_ref_seq_dif.seq_num 
_struct_ref_seq_dif.pdbx_pdb_ins_code 
_struct_ref_seq_dif.pdbx_seq_db_name 
_struct_ref_seq_dif.pdbx_seq_db_accession_code 
_struct_ref_seq_dif.db_mon_id 
_struct_ref_seq_dif.pdbx_seq_db_seq_num 
_struct_ref_seq_dif.details 
_struct_ref_seq_dif.pdbx_auth_seq_num 
_struct_ref_seq_dif.pdbx_ordinal 
1 4ZCP GLY A 1 ? UNP Q8IEE9 ?   ?   'expression tag' 578 1  
1 4ZCP HIS A 2 ? UNP Q8IEE9 ?   ?   'expression tag' 579 2  
1 4ZCP MET A 3 ? UNP Q8IEE9 ?   ?   'expression tag' 580 3  
1 4ZCP ?   A ? ? UNP Q8IEE9 LYS 720 deletion         ?   4  
1 4ZCP ?   A ? ? UNP Q8IEE9 LYS 721 deletion         ?   5  
1 4ZCP ?   A ? ? UNP Q8IEE9 LYS 722 deletion         ?   6  
1 4ZCP ?   A ? ? UNP Q8IEE9 LYS 723 deletion         ?   7  
1 4ZCP ?   A ? ? UNP Q8IEE9 LYS 724 deletion         ?   8  
1 4ZCP ?   A ? ? UNP Q8IEE9 LYS 725 deletion         ?   9  
1 4ZCP ?   A ? ? UNP Q8IEE9 SER 726 deletion         ?   10 
1 4ZCP ?   A ? ? UNP Q8IEE9 LYS 727 deletion         ?   11 
1 4ZCP ?   A ? ? UNP Q8IEE9 GLY 728 deletion         ?   12 
1 4ZCP ?   A ? ? UNP Q8IEE9 LYS 729 deletion         ?   13 
1 4ZCP ?   A ? ? UNP Q8IEE9 SER 730 deletion         ?   14 
1 4ZCP ?   A ? ? UNP Q8IEE9 PHE 731 deletion         ?   15 
1 4ZCP ?   A ? ? UNP Q8IEE9 SER 732 deletion         ?   16 
1 4ZCP ?   A ? ? UNP Q8IEE9 PHE 733 deletion         ?   17 
1 4ZCP ?   A ? ? UNP Q8IEE9 ASP 734 deletion         ?   18 
1 4ZCP ?   A ? ? UNP Q8IEE9 GLU 735 deletion         ?   19 
1 4ZCP ?   A ? ? UNP Q8IEE9 GLU 736 deletion         ?   20 
1 4ZCP ?   A ? ? UNP Q8IEE9 ASN 737 deletion         ?   21 
# 
_pdbx_struct_assembly.id                   1 
_pdbx_struct_assembly.details              author_defined_assembly 
_pdbx_struct_assembly.method_details       ? 
_pdbx_struct_assembly.oligomeric_details   dimeric 
_pdbx_struct_assembly.oligomeric_count     2 
# 
loop_
_pdbx_struct_assembly_gen.assembly_id 
_pdbx_struct_assembly_gen.oper_expression 
_pdbx_struct_assembly_gen.asym_id_list 
1 1 A,B,C 
1 2 A,B,C 
# 
loop_
_pdbx_struct_oper_list.id 
_pdbx_struct_oper_list.type 
_pdbx_struct_oper_list.name 
_pdbx_struct_oper_list.symmetry_operation 
_pdbx_struct_oper_list.matrix[1][1] 
_pdbx_struct_oper_list.matrix[1][2] 
_pdbx_struct_oper_list.matrix[1][3] 
_pdbx_struct_oper_list.vector[1] 
_pdbx_struct_oper_list.matrix[2][1] 
_pdbx_struct_oper_list.matrix[2][2] 
_pdbx_struct_oper_list.matrix[2][3] 
_pdbx_struct_oper_list.vector[2] 
_pdbx_struct_oper_list.matrix[3][1] 
_pdbx_struct_oper_list.matrix[3][2] 
_pdbx_struct_oper_list.matrix[3][3] 
_pdbx_struct_oper_list.vector[3] 
1 'identity operation'         1_555 x,y,z     1.0000000000 0.0000000000  0.0000000000 0.0000000000  0.0000000000  1.0000000000  0.0000000000  0.0000000000  0.0000000000 0.0000000000  1.0000000000  0.0000000000   
2 'crystal symmetry operation' 2_595 -x,-y+4,z 0.3762126581 -0.2368279117 0.8957547522 12.9415626329 -0.2368279117 -0.9592450633 -0.1541474903 19.2455760639 0.8957547522 -0.1541474903 -0.4169675948 -14.7947333684 
# 
loop_
_struct_conf.conf_type_id 
_struct_conf.id 
_struct_conf.pdbx_PDB_helix_id 
_struct_conf.beg_label_comp_id 
_struct_conf.beg_label_asym_id 
_struct_conf.beg_label_seq_id 
_struct_conf.pdbx_beg_PDB_ins_code 
_struct_conf.end_label_comp_id 
_struct_conf.end_label_asym_id 
_struct_conf.end_label_seq_id 
_struct_conf.pdbx_end_PDB_ins_code 
_struct_conf.beg_auth_comp_id 
_struct_conf.beg_auth_asym_id 
_struct_conf.beg_auth_seq_id 
_struct_conf.end_auth_comp_id 
_struct_conf.end_auth_asym_id 
_struct_conf.end_auth_seq_id 
_struct_conf.pdbx_PDB_helix_class 
_struct_conf.details 
_struct_conf.pdbx_PDB_helix_length 
HELX_P HELX_P1 AA1 HIS A 53  ? LYS A 65  ? HIS A 630 LYS A 642 1 ? 13 
HELX_P HELX_P2 AA2 SER A 78  ? LYS A 86  ? SER A 655 LYS A 663 1 ? 9  
HELX_P HELX_P3 AA3 THR A 92  ? LYS A 101 ? THR A 669 LYS A 678 1 ? 10 
HELX_P HELX_P4 AA4 THR A 118 ? TYR A 125 ? THR A 695 TYR A 702 1 ? 8  
HELX_P HELX_P5 AA5 TYR A 146 ? GLY A 153 ? TYR A 741 GLY A 748 1 ? 8  
HELX_P HELX_P6 AA6 SER A 165 ? LEU A 174 ? SER A 760 LEU A 769 1 ? 10 
# 
_struct_conf_type.id          HELX_P 
_struct_conf_type.criteria    ? 
_struct_conf_type.reference   ? 
# 
_struct_mon_prot_cis.pdbx_id                1 
_struct_mon_prot_cis.label_comp_id          SER 
_struct_mon_prot_cis.label_seq_id           111 
_struct_mon_prot_cis.label_asym_id          A 
_struct_mon_prot_cis.label_alt_id           . 
_struct_mon_prot_cis.pdbx_PDB_ins_code      ? 
_struct_mon_prot_cis.auth_comp_id           SER 
_struct_mon_prot_cis.auth_seq_id            688 
_struct_mon_prot_cis.auth_asym_id           A 
_struct_mon_prot_cis.pdbx_label_comp_id_2   PRO 
_struct_mon_prot_cis.pdbx_label_seq_id_2    112 
_struct_mon_prot_cis.pdbx_label_asym_id_2   A 
_struct_mon_prot_cis.pdbx_PDB_ins_code_2    ? 
_struct_mon_prot_cis.pdbx_auth_comp_id_2    PRO 
_struct_mon_prot_cis.pdbx_auth_seq_id_2     689 
_struct_mon_prot_cis.pdbx_auth_asym_id_2    A 
_struct_mon_prot_cis.pdbx_PDB_model_num     1 
_struct_mon_prot_cis.pdbx_omega_angle       -2.36 
# 
_struct_sheet.id               AA1 
_struct_sheet.type             ? 
_struct_sheet.number_strands   5 
_struct_sheet.details          ? 
# 
loop_
_struct_sheet_order.sheet_id 
_struct_sheet_order.range_id_1 
_struct_sheet_order.range_id_2 
_struct_sheet_order.offset 
_struct_sheet_order.sense 
AA1 1 2 ? parallel 
AA1 2 3 ? parallel 
AA1 3 4 ? parallel 
AA1 4 5 ? parallel 
# 
loop_
_struct_sheet_range.sheet_id 
_struct_sheet_range.id 
_struct_sheet_range.beg_label_comp_id 
_struct_sheet_range.beg_label_asym_id 
_struct_sheet_range.beg_label_seq_id 
_struct_sheet_range.pdbx_beg_PDB_ins_code 
_struct_sheet_range.end_label_comp_id 
_struct_sheet_range.end_label_asym_id 
_struct_sheet_range.end_label_seq_id 
_struct_sheet_range.pdbx_end_PDB_ins_code 
_struct_sheet_range.beg_auth_comp_id 
_struct_sheet_range.beg_auth_asym_id 
_struct_sheet_range.beg_auth_seq_id 
_struct_sheet_range.end_auth_comp_id 
_struct_sheet_range.end_auth_asym_id 
_struct_sheet_range.end_auth_seq_id 
AA1 1 GLU A 108 ? CYS A 113 ? GLU A 685 CYS A 690 
AA1 2 THR A 70  ? THR A 77  ? THR A 647 THR A 654 
AA1 3 VAL A 41  ? GLY A 47  ? VAL A 618 GLY A 624 
AA1 4 TYR A 129 ? ASP A 133 ? TYR A 706 ASP A 710 
AA1 5 PHE A 155 ? THR A 158 ? PHE A 750 THR A 753 
# 
loop_
_pdbx_struct_sheet_hbond.sheet_id 
_pdbx_struct_sheet_hbond.range_id_1 
_pdbx_struct_sheet_hbond.range_id_2 
_pdbx_struct_sheet_hbond.range_1_label_atom_id 
_pdbx_struct_sheet_hbond.range_1_label_comp_id 
_pdbx_struct_sheet_hbond.range_1_label_asym_id 
_pdbx_struct_sheet_hbond.range_1_label_seq_id 
_pdbx_struct_sheet_hbond.range_1_PDB_ins_code 
_pdbx_struct_sheet_hbond.range_1_auth_atom_id 
_pdbx_struct_sheet_hbond.range_1_auth_comp_id 
_pdbx_struct_sheet_hbond.range_1_auth_asym_id 
_pdbx_struct_sheet_hbond.range_1_auth_seq_id 
_pdbx_struct_sheet_hbond.range_2_label_atom_id 
_pdbx_struct_sheet_hbond.range_2_label_comp_id 
_pdbx_struct_sheet_hbond.range_2_label_asym_id 
_pdbx_struct_sheet_hbond.range_2_label_seq_id 
_pdbx_struct_sheet_hbond.range_2_PDB_ins_code 
_pdbx_struct_sheet_hbond.range_2_auth_atom_id 
_pdbx_struct_sheet_hbond.range_2_auth_comp_id 
_pdbx_struct_sheet_hbond.range_2_auth_asym_id 
_pdbx_struct_sheet_hbond.range_2_auth_seq_id 
AA1 1 2 O ILE A 110 ? O ILE A 687 N VAL A 74  ? N VAL A 651 
AA1 2 3 O ILE A 73  ? O ILE A 650 N ILE A 43  ? N ILE A 620 
AA1 3 4 N TYR A 44  ? N TYR A 621 O ALA A 131 ? O ALA A 708 
AA1 4 5 N VAL A 130 ? N VAL A 707 O LYS A 156 ? O LYS A 751 
# 
_struct_site.id                   AC1 
_struct_site.pdbx_evidence_code   Software 
_struct_site.pdbx_auth_asym_id    A 
_struct_site.pdbx_auth_comp_id    C5P 
_struct_site.pdbx_auth_seq_id     801 
_struct_site.pdbx_auth_ins_code   ? 
_struct_site.pdbx_num_residues    17 
_struct_site.details              'binding site for residue C5P A 801' 
# 
loop_
_struct_site_gen.id 
_struct_site_gen.site_id 
_struct_site_gen.pdbx_num_res 
_struct_site_gen.label_comp_id 
_struct_site_gen.label_asym_id 
_struct_site_gen.label_seq_id 
_struct_site_gen.pdbx_auth_ins_code 
_struct_site_gen.auth_comp_id 
_struct_site_gen.auth_asym_id 
_struct_site_gen.auth_seq_id 
_struct_site_gen.label_atom_id 
_struct_site_gen.label_alt_id 
_struct_site_gen.symmetry 
_struct_site_gen.details 
1  AC1 17 GLY A 47  ? GLY A 624 . ? 1_555 ? 
2  AC1 17 VAL A 48  ? VAL A 625 . ? 1_555 ? 
3  AC1 17 TYR A 49  ? TYR A 626 . ? 1_555 ? 
4  AC1 17 HIS A 53  ? HIS A 630 . ? 1_555 ? 
5  AC1 17 GLY A 55  ? GLY A 632 . ? 1_555 ? 
6  AC1 17 HIS A 56  ? HIS A 633 . ? 1_555 ? 
7  AC1 17 GLN A 59  ? GLN A 636 . ? 1_555 ? 
8  AC1 17 ASP A 133 ? ASP A 710 . ? 1_555 ? 
9  AC1 17 GLN A 159 ? GLN A 754 . ? 1_555 ? 
10 AC1 17 ARG A 160 ? ARG A 755 . ? 1_555 ? 
11 AC1 17 THR A 161 ? THR A 756 . ? 1_555 ? 
12 AC1 17 HOH C .   ? HOH A 905 . ? 1_555 ? 
13 AC1 17 HOH C .   ? HOH A 908 . ? 1_555 ? 
14 AC1 17 HOH C .   ? HOH A 913 . ? 1_555 ? 
15 AC1 17 HOH C .   ? HOH A 916 . ? 1_555 ? 
16 AC1 17 HOH C .   ? HOH A 920 . ? 1_555 ? 
17 AC1 17 HOH C .   ? HOH A 936 . ? 1_555 ? 
# 
_pdbx_validate_torsion.id              1 
_pdbx_validate_torsion.PDB_model_num   1 
_pdbx_validate_torsion.auth_comp_id    ASP 
_pdbx_validate_torsion.auth_asym_id    A 
_pdbx_validate_torsion.auth_seq_id     711 
_pdbx_validate_torsion.PDB_ins_code    ? 
_pdbx_validate_torsion.label_alt_id    ? 
_pdbx_validate_torsion.phi             -109.95 
_pdbx_validate_torsion.psi             74.71 
# 
loop_
_pdbx_unobs_or_zero_occ_residues.id 
_pdbx_unobs_or_zero_occ_residues.PDB_model_num 
_pdbx_unobs_or_zero_occ_residues.polymer_flag 
_pdbx_unobs_or_zero_occ_residues.occupancy_flag 
_pdbx_unobs_or_zero_occ_residues.auth_asym_id 
_pdbx_unobs_or_zero_occ_residues.auth_comp_id 
_pdbx_unobs_or_zero_occ_residues.auth_seq_id 
_pdbx_unobs_or_zero_occ_residues.PDB_ins_code 
_pdbx_unobs_or_zero_occ_residues.label_asym_id 
_pdbx_unobs_or_zero_occ_residues.label_comp_id 
_pdbx_unobs_or_zero_occ_residues.label_seq_id 
1  1 Y 1 A GLY 578 ? A GLY 1   
2  1 Y 1 A HIS 579 ? A HIS 2   
3  1 Y 1 A MET 580 ? A MET 3   
4  1 Y 1 A ALA 581 ? A ALA 4   
5  1 Y 1 A VAL 582 ? A VAL 5   
6  1 Y 1 A PRO 583 ? A PRO 6   
7  1 Y 1 A ASP 584 ? A ASP 7   
8  1 Y 1 A ASP 585 ? A ASP 8   
9  1 Y 1 A ASP 586 ? A ASP 9   
10 1 Y 1 A ASP 587 ? A ASP 10  
11 1 Y 1 A ASP 588 ? A ASP 11  
12 1 Y 1 A ASP 589 ? A ASP 12  
13 1 Y 1 A ASP 590 ? A ASP 13  
14 1 Y 1 A ASN 591 ? A ASN 14  
15 1 Y 1 A SER 592 ? A SER 15  
16 1 Y 1 A ASN 593 ? A ASN 16  
17 1 Y 1 A ASP 594 ? A ASP 17  
18 1 Y 1 A GLU 595 ? A GLU 18  
19 1 Y 1 A SER 596 ? A SER 19  
20 1 Y 1 A GLU 597 ? A GLU 20  
21 1 Y 1 A TYR 598 ? A TYR 21  
22 1 Y 1 A GLU 599 ? A GLU 22  
23 1 Y 1 A SER 600 ? A SER 23  
24 1 Y 1 A SER 601 ? A SER 24  
25 1 Y 1 A GLN 602 ? A GLN 25  
26 1 Y 1 A MET 603 ? A MET 26  
27 1 Y 1 A ASP 604 ? A ASP 27  
28 1 Y 1 A SER 605 ? A SER 28  
29 1 Y 1 A GLU 606 ? A GLU 29  
30 1 Y 1 A LYS 607 ? A LYS 30  
31 1 Y 1 A ASN 608 ? A ASN 31  
32 1 Y 1 A LYS 609 ? A LYS 32  
33 1 Y 1 A GLY 610 ? A GLY 33  
34 1 Y 1 A SER 611 ? A SER 34  
35 1 Y 1 A ILE 612 ? A ILE 35  
36 1 Y 1 A LYS 613 ? A LYS 36  
37 1 Y 1 A ASN 614 ? A ASN 37  
38 1 Y 1 A SER 615 ? A SER 38  
39 1 Y 1 A PRO 731 ? A PRO 136 
40 1 Y 1 A TYR 732 ? A TYR 137 
41 1 Y 1 A ALA 733 ? A ALA 138 
42 1 Y 1 A ASN 734 ? A ASN 139 
43 1 Y 1 A ASN 735 ? A ASN 140 
44 1 Y 1 A GLN 736 ? A GLN 141 
45 1 Y 1 A LYS 737 ? A LYS 142 
46 1 Y 1 A GLU 738 ? A GLU 143 
47 1 Y 1 A ASN 771 ? A ASN 176 
48 1 Y 1 A TYR 772 ? A TYR 177 
49 1 Y 1 A GLU 773 ? A GLU 178 
50 1 Y 1 A ASP 774 ? A ASP 179 
51 1 Y 1 A TYR 775 ? A TYR 180 
# 
loop_
_chem_comp_atom.comp_id 
_chem_comp_atom.atom_id 
_chem_comp_atom.type_symbol 
_chem_comp_atom.pdbx_aromatic_flag 
_chem_comp_atom.pdbx_stereo_config 
_chem_comp_atom.pdbx_ordinal 
ALA N      N N N 1   
ALA CA     C N S 2   
ALA C      C N N 3   
ALA O      O N N 4   
ALA CB     C N N 5   
ALA OXT    O N N 6   
ALA H      H N N 7   
ALA H2     H N N 8   
ALA HA     H N N 9   
ALA HB1    H N N 10  
ALA HB2    H N N 11  
ALA HB3    H N N 12  
ALA HXT    H N N 13  
ARG N      N N N 14  
ARG CA     C N S 15  
ARG C      C N N 16  
ARG O      O N N 17  
ARG CB     C N N 18  
ARG CG     C N N 19  
ARG CD     C N N 20  
ARG NE     N N N 21  
ARG CZ     C N N 22  
ARG NH1    N N N 23  
ARG NH2    N N N 24  
ARG OXT    O N N 25  
ARG H      H N N 26  
ARG H2     H N N 27  
ARG HA     H N N 28  
ARG HB2    H N N 29  
ARG HB3    H N N 30  
ARG HG2    H N N 31  
ARG HG3    H N N 32  
ARG HD2    H N N 33  
ARG HD3    H N N 34  
ARG HE     H N N 35  
ARG HH11   H N N 36  
ARG HH12   H N N 37  
ARG HH21   H N N 38  
ARG HH22   H N N 39  
ARG HXT    H N N 40  
ASN N      N N N 41  
ASN CA     C N S 42  
ASN C      C N N 43  
ASN O      O N N 44  
ASN CB     C N N 45  
ASN CG     C N N 46  
ASN OD1    O N N 47  
ASN ND2    N N N 48  
ASN OXT    O N N 49  
ASN H      H N N 50  
ASN H2     H N N 51  
ASN HA     H N N 52  
ASN HB2    H N N 53  
ASN HB3    H N N 54  
ASN HD21   H N N 55  
ASN HD22   H N N 56  
ASN HXT    H N N 57  
ASP N      N N N 58  
ASP CA     C N S 59  
ASP C      C N N 60  
ASP O      O N N 61  
ASP CB     C N N 62  
ASP CG     C N N 63  
ASP OD1    O N N 64  
ASP OD2    O N N 65  
ASP OXT    O N N 66  
ASP H      H N N 67  
ASP H2     H N N 68  
ASP HA     H N N 69  
ASP HB2    H N N 70  
ASP HB3    H N N 71  
ASP HD2    H N N 72  
ASP HXT    H N N 73  
C5P O3P    O N N 74  
C5P P      P N N 75  
C5P O1P    O N N 76  
C5P O2P    O N N 77  
C5P "O5'"  O N N 78  
C5P "C5'"  C N N 79  
C5P "C4'"  C N R 80  
C5P "O4'"  O N N 81  
C5P "C3'"  C N S 82  
C5P "O3'"  O N N 83  
C5P "C2'"  C N R 84  
C5P "O2'"  O N N 85  
C5P "C1'"  C N R 86  
C5P N1     N N N 87  
C5P C2     C N N 88  
C5P N3     N N N 89  
C5P C4     C N N 90  
C5P C5     C N N 91  
C5P C6     C N N 92  
C5P O2     O N N 93  
C5P N4     N N N 94  
C5P HOP3   H N N 95  
C5P HOP2   H N N 96  
C5P "H5'1" H N N 97  
C5P "H5'2" H N N 98  
C5P "H4'"  H N N 99  
C5P "H3'"  H N N 100 
C5P "HO3'" H N N 101 
C5P "H2'1" H N N 102 
C5P "HO2'" H N N 103 
C5P "H1'"  H N N 104 
C5P H5     H N N 105 
C5P H6     H N N 106 
C5P HN41   H N N 107 
C5P HN42   H N N 108 
CYS N      N N N 109 
CYS CA     C N R 110 
CYS C      C N N 111 
CYS O      O N N 112 
CYS CB     C N N 113 
CYS SG     S N N 114 
CYS OXT    O N N 115 
CYS H      H N N 116 
CYS H2     H N N 117 
CYS HA     H N N 118 
CYS HB2    H N N 119 
CYS HB3    H N N 120 
CYS HG     H N N 121 
CYS HXT    H N N 122 
GLN N      N N N 123 
GLN CA     C N S 124 
GLN C      C N N 125 
GLN O      O N N 126 
GLN CB     C N N 127 
GLN CG     C N N 128 
GLN CD     C N N 129 
GLN OE1    O N N 130 
GLN NE2    N N N 131 
GLN OXT    O N N 132 
GLN H      H N N 133 
GLN H2     H N N 134 
GLN HA     H N N 135 
GLN HB2    H N N 136 
GLN HB3    H N N 137 
GLN HG2    H N N 138 
GLN HG3    H N N 139 
GLN HE21   H N N 140 
GLN HE22   H N N 141 
GLN HXT    H N N 142 
GLU N      N N N 143 
GLU CA     C N S 144 
GLU C      C N N 145 
GLU O      O N N 146 
GLU CB     C N N 147 
GLU CG     C N N 148 
GLU CD     C N N 149 
GLU OE1    O N N 150 
GLU OE2    O N N 151 
GLU OXT    O N N 152 
GLU H      H N N 153 
GLU H2     H N N 154 
GLU HA     H N N 155 
GLU HB2    H N N 156 
GLU HB3    H N N 157 
GLU HG2    H N N 158 
GLU HG3    H N N 159 
GLU HE2    H N N 160 
GLU HXT    H N N 161 
GLY N      N N N 162 
GLY CA     C N N 163 
GLY C      C N N 164 
GLY O      O N N 165 
GLY OXT    O N N 166 
GLY H      H N N 167 
GLY H2     H N N 168 
GLY HA2    H N N 169 
GLY HA3    H N N 170 
GLY HXT    H N N 171 
HIS N      N N N 172 
HIS CA     C N S 173 
HIS C      C N N 174 
HIS O      O N N 175 
HIS CB     C N N 176 
HIS CG     C Y N 177 
HIS ND1    N Y N 178 
HIS CD2    C Y N 179 
HIS CE1    C Y N 180 
HIS NE2    N Y N 181 
HIS OXT    O N N 182 
HIS H      H N N 183 
HIS H2     H N N 184 
HIS HA     H N N 185 
HIS HB2    H N N 186 
HIS HB3    H N N 187 
HIS HD1    H N N 188 
HIS HD2    H N N 189 
HIS HE1    H N N 190 
HIS HE2    H N N 191 
HIS HXT    H N N 192 
HOH O      O N N 193 
HOH H1     H N N 194 
HOH H2     H N N 195 
ILE N      N N N 196 
ILE CA     C N S 197 
ILE C      C N N 198 
ILE O      O N N 199 
ILE CB     C N S 200 
ILE CG1    C N N 201 
ILE CG2    C N N 202 
ILE CD1    C N N 203 
ILE OXT    O N N 204 
ILE H      H N N 205 
ILE H2     H N N 206 
ILE HA     H N N 207 
ILE HB     H N N 208 
ILE HG12   H N N 209 
ILE HG13   H N N 210 
ILE HG21   H N N 211 
ILE HG22   H N N 212 
ILE HG23   H N N 213 
ILE HD11   H N N 214 
ILE HD12   H N N 215 
ILE HD13   H N N 216 
ILE HXT    H N N 217 
LEU N      N N N 218 
LEU CA     C N S 219 
LEU C      C N N 220 
LEU O      O N N 221 
LEU CB     C N N 222 
LEU CG     C N N 223 
LEU CD1    C N N 224 
LEU CD2    C N N 225 
LEU OXT    O N N 226 
LEU H      H N N 227 
LEU H2     H N N 228 
LEU HA     H N N 229 
LEU HB2    H N N 230 
LEU HB3    H N N 231 
LEU HG     H N N 232 
LEU HD11   H N N 233 
LEU HD12   H N N 234 
LEU HD13   H N N 235 
LEU HD21   H N N 236 
LEU HD22   H N N 237 
LEU HD23   H N N 238 
LEU HXT    H N N 239 
LYS N      N N N 240 
LYS CA     C N S 241 
LYS C      C N N 242 
LYS O      O N N 243 
LYS CB     C N N 244 
LYS CG     C N N 245 
LYS CD     C N N 246 
LYS CE     C N N 247 
LYS NZ     N N N 248 
LYS OXT    O N N 249 
LYS H      H N N 250 
LYS H2     H N N 251 
LYS HA     H N N 252 
LYS HB2    H N N 253 
LYS HB3    H N N 254 
LYS HG2    H N N 255 
LYS HG3    H N N 256 
LYS HD2    H N N 257 
LYS HD3    H N N 258 
LYS HE2    H N N 259 
LYS HE3    H N N 260 
LYS HZ1    H N N 261 
LYS HZ2    H N N 262 
LYS HZ3    H N N 263 
LYS HXT    H N N 264 
MET N      N N N 265 
MET CA     C N S 266 
MET C      C N N 267 
MET O      O N N 268 
MET CB     C N N 269 
MET CG     C N N 270 
MET SD     S N N 271 
MET CE     C N N 272 
MET OXT    O N N 273 
MET H      H N N 274 
MET H2     H N N 275 
MET HA     H N N 276 
MET HB2    H N N 277 
MET HB3    H N N 278 
MET HG2    H N N 279 
MET HG3    H N N 280 
MET HE1    H N N 281 
MET HE2    H N N 282 
MET HE3    H N N 283 
MET HXT    H N N 284 
PHE N      N N N 285 
PHE CA     C N S 286 
PHE C      C N N 287 
PHE O      O N N 288 
PHE CB     C N N 289 
PHE CG     C Y N 290 
PHE CD1    C Y N 291 
PHE CD2    C Y N 292 
PHE CE1    C Y N 293 
PHE CE2    C Y N 294 
PHE CZ     C Y N 295 
PHE OXT    O N N 296 
PHE H      H N N 297 
PHE H2     H N N 298 
PHE HA     H N N 299 
PHE HB2    H N N 300 
PHE HB3    H N N 301 
PHE HD1    H N N 302 
PHE HD2    H N N 303 
PHE HE1    H N N 304 
PHE HE2    H N N 305 
PHE HZ     H N N 306 
PHE HXT    H N N 307 
PRO N      N N N 308 
PRO CA     C N S 309 
PRO C      C N N 310 
PRO O      O N N 311 
PRO CB     C N N 312 
PRO CG     C N N 313 
PRO CD     C N N 314 
PRO OXT    O N N 315 
PRO H      H N N 316 
PRO HA     H N N 317 
PRO HB2    H N N 318 
PRO HB3    H N N 319 
PRO HG2    H N N 320 
PRO HG3    H N N 321 
PRO HD2    H N N 322 
PRO HD3    H N N 323 
PRO HXT    H N N 324 
SER N      N N N 325 
SER CA     C N S 326 
SER C      C N N 327 
SER O      O N N 328 
SER CB     C N N 329 
SER OG     O N N 330 
SER OXT    O N N 331 
SER H      H N N 332 
SER H2     H N N 333 
SER HA     H N N 334 
SER HB2    H N N 335 
SER HB3    H N N 336 
SER HG     H N N 337 
SER HXT    H N N 338 
THR N      N N N 339 
THR CA     C N S 340 
THR C      C N N 341 
THR O      O N N 342 
THR CB     C N R 343 
THR OG1    O N N 344 
THR CG2    C N N 345 
THR OXT    O N N 346 
THR H      H N N 347 
THR H2     H N N 348 
THR HA     H N N 349 
THR HB     H N N 350 
THR HG1    H N N 351 
THR HG21   H N N 352 
THR HG22   H N N 353 
THR HG23   H N N 354 
THR HXT    H N N 355 
TRP N      N N N 356 
TRP CA     C N S 357 
TRP C      C N N 358 
TRP O      O N N 359 
TRP CB     C N N 360 
TRP CG     C Y N 361 
TRP CD1    C Y N 362 
TRP CD2    C Y N 363 
TRP NE1    N Y N 364 
TRP CE2    C Y N 365 
TRP CE3    C Y N 366 
TRP CZ2    C Y N 367 
TRP CZ3    C Y N 368 
TRP CH2    C Y N 369 
TRP OXT    O N N 370 
TRP H      H N N 371 
TRP H2     H N N 372 
TRP HA     H N N 373 
TRP HB2    H N N 374 
TRP HB3    H N N 375 
TRP HD1    H N N 376 
TRP HE1    H N N 377 
TRP HE3    H N N 378 
TRP HZ2    H N N 379 
TRP HZ3    H N N 380 
TRP HH2    H N N 381 
TRP HXT    H N N 382 
TYR N      N N N 383 
TYR CA     C N S 384 
TYR C      C N N 385 
TYR O      O N N 386 
TYR CB     C N N 387 
TYR CG     C Y N 388 
TYR CD1    C Y N 389 
TYR CD2    C Y N 390 
TYR CE1    C Y N 391 
TYR CE2    C Y N 392 
TYR CZ     C Y N 393 
TYR OH     O N N 394 
TYR OXT    O N N 395 
TYR H      H N N 396 
TYR H2     H N N 397 
TYR HA     H N N 398 
TYR HB2    H N N 399 
TYR HB3    H N N 400 
TYR HD1    H N N 401 
TYR HD2    H N N 402 
TYR HE1    H N N 403 
TYR HE2    H N N 404 
TYR HH     H N N 405 
TYR HXT    H N N 406 
VAL N      N N N 407 
VAL CA     C N S 408 
VAL C      C N N 409 
VAL O      O N N 410 
VAL CB     C N N 411 
VAL CG1    C N N 412 
VAL CG2    C N N 413 
VAL OXT    O N N 414 
VAL H      H N N 415 
VAL H2     H N N 416 
VAL HA     H N N 417 
VAL HB     H N N 418 
VAL HG11   H N N 419 
VAL HG12   H N N 420 
VAL HG13   H N N 421 
VAL HG21   H N N 422 
VAL HG22   H N N 423 
VAL HG23   H N N 424 
VAL HXT    H N N 425 
# 
loop_
_chem_comp_bond.comp_id 
_chem_comp_bond.atom_id_1 
_chem_comp_bond.atom_id_2 
_chem_comp_bond.value_order 
_chem_comp_bond.pdbx_aromatic_flag 
_chem_comp_bond.pdbx_stereo_config 
_chem_comp_bond.pdbx_ordinal 
ALA N     CA     sing N N 1   
ALA N     H      sing N N 2   
ALA N     H2     sing N N 3   
ALA CA    C      sing N N 4   
ALA CA    CB     sing N N 5   
ALA CA    HA     sing N N 6   
ALA C     O      doub N N 7   
ALA C     OXT    sing N N 8   
ALA CB    HB1    sing N N 9   
ALA CB    HB2    sing N N 10  
ALA CB    HB3    sing N N 11  
ALA OXT   HXT    sing N N 12  
ARG N     CA     sing N N 13  
ARG N     H      sing N N 14  
ARG N     H2     sing N N 15  
ARG CA    C      sing N N 16  
ARG CA    CB     sing N N 17  
ARG CA    HA     sing N N 18  
ARG C     O      doub N N 19  
ARG C     OXT    sing N N 20  
ARG CB    CG     sing N N 21  
ARG CB    HB2    sing N N 22  
ARG CB    HB3    sing N N 23  
ARG CG    CD     sing N N 24  
ARG CG    HG2    sing N N 25  
ARG CG    HG3    sing N N 26  
ARG CD    NE     sing N N 27  
ARG CD    HD2    sing N N 28  
ARG CD    HD3    sing N N 29  
ARG NE    CZ     sing N N 30  
ARG NE    HE     sing N N 31  
ARG CZ    NH1    sing N N 32  
ARG CZ    NH2    doub N N 33  
ARG NH1   HH11   sing N N 34  
ARG NH1   HH12   sing N N 35  
ARG NH2   HH21   sing N N 36  
ARG NH2   HH22   sing N N 37  
ARG OXT   HXT    sing N N 38  
ASN N     CA     sing N N 39  
ASN N     H      sing N N 40  
ASN N     H2     sing N N 41  
ASN CA    C      sing N N 42  
ASN CA    CB     sing N N 43  
ASN CA    HA     sing N N 44  
ASN C     O      doub N N 45  
ASN C     OXT    sing N N 46  
ASN CB    CG     sing N N 47  
ASN CB    HB2    sing N N 48  
ASN CB    HB3    sing N N 49  
ASN CG    OD1    doub N N 50  
ASN CG    ND2    sing N N 51  
ASN ND2   HD21   sing N N 52  
ASN ND2   HD22   sing N N 53  
ASN OXT   HXT    sing N N 54  
ASP N     CA     sing N N 55  
ASP N     H      sing N N 56  
ASP N     H2     sing N N 57  
ASP CA    C      sing N N 58  
ASP CA    CB     sing N N 59  
ASP CA    HA     sing N N 60  
ASP C     O      doub N N 61  
ASP C     OXT    sing N N 62  
ASP CB    CG     sing N N 63  
ASP CB    HB2    sing N N 64  
ASP CB    HB3    sing N N 65  
ASP CG    OD1    doub N N 66  
ASP CG    OD2    sing N N 67  
ASP OD2   HD2    sing N N 68  
ASP OXT   HXT    sing N N 69  
C5P O3P   P      sing N N 70  
C5P O3P   HOP3   sing N N 71  
C5P P     O1P    doub N N 72  
C5P P     O2P    sing N N 73  
C5P P     "O5'"  sing N N 74  
C5P O2P   HOP2   sing N N 75  
C5P "O5'" "C5'"  sing N N 76  
C5P "C5'" "C4'"  sing N N 77  
C5P "C5'" "H5'1" sing N N 78  
C5P "C5'" "H5'2" sing N N 79  
C5P "C4'" "O4'"  sing N N 80  
C5P "C4'" "C3'"  sing N N 81  
C5P "C4'" "H4'"  sing N N 82  
C5P "O4'" "C1'"  sing N N 83  
C5P "C3'" "O3'"  sing N N 84  
C5P "C3'" "C2'"  sing N N 85  
C5P "C3'" "H3'"  sing N N 86  
C5P "O3'" "HO3'" sing N N 87  
C5P "C2'" "O2'"  sing N N 88  
C5P "C2'" "C1'"  sing N N 89  
C5P "C2'" "H2'1" sing N N 90  
C5P "O2'" "HO2'" sing N N 91  
C5P "C1'" N1     sing N N 92  
C5P "C1'" "H1'"  sing N N 93  
C5P N1    C2     sing N N 94  
C5P N1    C6     sing N N 95  
C5P C2    N3     sing N N 96  
C5P C2    O2     doub N N 97  
C5P N3    C4     doub N N 98  
C5P C4    C5     sing N N 99  
C5P C4    N4     sing N N 100 
C5P C5    C6     doub N N 101 
C5P C5    H5     sing N N 102 
C5P C6    H6     sing N N 103 
C5P N4    HN41   sing N N 104 
C5P N4    HN42   sing N N 105 
CYS N     CA     sing N N 106 
CYS N     H      sing N N 107 
CYS N     H2     sing N N 108 
CYS CA    C      sing N N 109 
CYS CA    CB     sing N N 110 
CYS CA    HA     sing N N 111 
CYS C     O      doub N N 112 
CYS C     OXT    sing N N 113 
CYS CB    SG     sing N N 114 
CYS CB    HB2    sing N N 115 
CYS CB    HB3    sing N N 116 
CYS SG    HG     sing N N 117 
CYS OXT   HXT    sing N N 118 
GLN N     CA     sing N N 119 
GLN N     H      sing N N 120 
GLN N     H2     sing N N 121 
GLN CA    C      sing N N 122 
GLN CA    CB     sing N N 123 
GLN CA    HA     sing N N 124 
GLN C     O      doub N N 125 
GLN C     OXT    sing N N 126 
GLN CB    CG     sing N N 127 
GLN CB    HB2    sing N N 128 
GLN CB    HB3    sing N N 129 
GLN CG    CD     sing N N 130 
GLN CG    HG2    sing N N 131 
GLN CG    HG3    sing N N 132 
GLN CD    OE1    doub N N 133 
GLN CD    NE2    sing N N 134 
GLN NE2   HE21   sing N N 135 
GLN NE2   HE22   sing N N 136 
GLN OXT   HXT    sing N N 137 
GLU N     CA     sing N N 138 
GLU N     H      sing N N 139 
GLU N     H2     sing N N 140 
GLU CA    C      sing N N 141 
GLU CA    CB     sing N N 142 
GLU CA    HA     sing N N 143 
GLU C     O      doub N N 144 
GLU C     OXT    sing N N 145 
GLU CB    CG     sing N N 146 
GLU CB    HB2    sing N N 147 
GLU CB    HB3    sing N N 148 
GLU CG    CD     sing N N 149 
GLU CG    HG2    sing N N 150 
GLU CG    HG3    sing N N 151 
GLU CD    OE1    doub N N 152 
GLU CD    OE2    sing N N 153 
GLU OE2   HE2    sing N N 154 
GLU OXT   HXT    sing N N 155 
GLY N     CA     sing N N 156 
GLY N     H      sing N N 157 
GLY N     H2     sing N N 158 
GLY CA    C      sing N N 159 
GLY CA    HA2    sing N N 160 
GLY CA    HA3    sing N N 161 
GLY C     O      doub N N 162 
GLY C     OXT    sing N N 163 
GLY OXT   HXT    sing N N 164 
HIS N     CA     sing N N 165 
HIS N     H      sing N N 166 
HIS N     H2     sing N N 167 
HIS CA    C      sing N N 168 
HIS CA    CB     sing N N 169 
HIS CA    HA     sing N N 170 
HIS C     O      doub N N 171 
HIS C     OXT    sing N N 172 
HIS CB    CG     sing N N 173 
HIS CB    HB2    sing N N 174 
HIS CB    HB3    sing N N 175 
HIS CG    ND1    sing Y N 176 
HIS CG    CD2    doub Y N 177 
HIS ND1   CE1    doub Y N 178 
HIS ND1   HD1    sing N N 179 
HIS CD2   NE2    sing Y N 180 
HIS CD2   HD2    sing N N 181 
HIS CE1   NE2    sing Y N 182 
HIS CE1   HE1    sing N N 183 
HIS NE2   HE2    sing N N 184 
HIS OXT   HXT    sing N N 185 
HOH O     H1     sing N N 186 
HOH O     H2     sing N N 187 
ILE N     CA     sing N N 188 
ILE N     H      sing N N 189 
ILE N     H2     sing N N 190 
ILE CA    C      sing N N 191 
ILE CA    CB     sing N N 192 
ILE CA    HA     sing N N 193 
ILE C     O      doub N N 194 
ILE C     OXT    sing N N 195 
ILE CB    CG1    sing N N 196 
ILE CB    CG2    sing N N 197 
ILE CB    HB     sing N N 198 
ILE CG1   CD1    sing N N 199 
ILE CG1   HG12   sing N N 200 
ILE CG1   HG13   sing N N 201 
ILE CG2   HG21   sing N N 202 
ILE CG2   HG22   sing N N 203 
ILE CG2   HG23   sing N N 204 
ILE CD1   HD11   sing N N 205 
ILE CD1   HD12   sing N N 206 
ILE CD1   HD13   sing N N 207 
ILE OXT   HXT    sing N N 208 
LEU N     CA     sing N N 209 
LEU N     H      sing N N 210 
LEU N     H2     sing N N 211 
LEU CA    C      sing N N 212 
LEU CA    CB     sing N N 213 
LEU CA    HA     sing N N 214 
LEU C     O      doub N N 215 
LEU C     OXT    sing N N 216 
LEU CB    CG     sing N N 217 
LEU CB    HB2    sing N N 218 
LEU CB    HB3    sing N N 219 
LEU CG    CD1    sing N N 220 
LEU CG    CD2    sing N N 221 
LEU CG    HG     sing N N 222 
LEU CD1   HD11   sing N N 223 
LEU CD1   HD12   sing N N 224 
LEU CD1   HD13   sing N N 225 
LEU CD2   HD21   sing N N 226 
LEU CD2   HD22   sing N N 227 
LEU CD2   HD23   sing N N 228 
LEU OXT   HXT    sing N N 229 
LYS N     CA     sing N N 230 
LYS N     H      sing N N 231 
LYS N     H2     sing N N 232 
LYS CA    C      sing N N 233 
LYS CA    CB     sing N N 234 
LYS CA    HA     sing N N 235 
LYS C     O      doub N N 236 
LYS C     OXT    sing N N 237 
LYS CB    CG     sing N N 238 
LYS CB    HB2    sing N N 239 
LYS CB    HB3    sing N N 240 
LYS CG    CD     sing N N 241 
LYS CG    HG2    sing N N 242 
LYS CG    HG3    sing N N 243 
LYS CD    CE     sing N N 244 
LYS CD    HD2    sing N N 245 
LYS CD    HD3    sing N N 246 
LYS CE    NZ     sing N N 247 
LYS CE    HE2    sing N N 248 
LYS CE    HE3    sing N N 249 
LYS NZ    HZ1    sing N N 250 
LYS NZ    HZ2    sing N N 251 
LYS NZ    HZ3    sing N N 252 
LYS OXT   HXT    sing N N 253 
MET N     CA     sing N N 254 
MET N     H      sing N N 255 
MET N     H2     sing N N 256 
MET CA    C      sing N N 257 
MET CA    CB     sing N N 258 
MET CA    HA     sing N N 259 
MET C     O      doub N N 260 
MET C     OXT    sing N N 261 
MET CB    CG     sing N N 262 
MET CB    HB2    sing N N 263 
MET CB    HB3    sing N N 264 
MET CG    SD     sing N N 265 
MET CG    HG2    sing N N 266 
MET CG    HG3    sing N N 267 
MET SD    CE     sing N N 268 
MET CE    HE1    sing N N 269 
MET CE    HE2    sing N N 270 
MET CE    HE3    sing N N 271 
MET OXT   HXT    sing N N 272 
PHE N     CA     sing N N 273 
PHE N     H      sing N N 274 
PHE N     H2     sing N N 275 
PHE CA    C      sing N N 276 
PHE CA    CB     sing N N 277 
PHE CA    HA     sing N N 278 
PHE C     O      doub N N 279 
PHE C     OXT    sing N N 280 
PHE CB    CG     sing N N 281 
PHE CB    HB2    sing N N 282 
PHE CB    HB3    sing N N 283 
PHE CG    CD1    doub Y N 284 
PHE CG    CD2    sing Y N 285 
PHE CD1   CE1    sing Y N 286 
PHE CD1   HD1    sing N N 287 
PHE CD2   CE2    doub Y N 288 
PHE CD2   HD2    sing N N 289 
PHE CE1   CZ     doub Y N 290 
PHE CE1   HE1    sing N N 291 
PHE CE2   CZ     sing Y N 292 
PHE CE2   HE2    sing N N 293 
PHE CZ    HZ     sing N N 294 
PHE OXT   HXT    sing N N 295 
PRO N     CA     sing N N 296 
PRO N     CD     sing N N 297 
PRO N     H      sing N N 298 
PRO CA    C      sing N N 299 
PRO CA    CB     sing N N 300 
PRO CA    HA     sing N N 301 
PRO C     O      doub N N 302 
PRO C     OXT    sing N N 303 
PRO CB    CG     sing N N 304 
PRO CB    HB2    sing N N 305 
PRO CB    HB3    sing N N 306 
PRO CG    CD     sing N N 307 
PRO CG    HG2    sing N N 308 
PRO CG    HG3    sing N N 309 
PRO CD    HD2    sing N N 310 
PRO CD    HD3    sing N N 311 
PRO OXT   HXT    sing N N 312 
SER N     CA     sing N N 313 
SER N     H      sing N N 314 
SER N     H2     sing N N 315 
SER CA    C      sing N N 316 
SER CA    CB     sing N N 317 
SER CA    HA     sing N N 318 
SER C     O      doub N N 319 
SER C     OXT    sing N N 320 
SER CB    OG     sing N N 321 
SER CB    HB2    sing N N 322 
SER CB    HB3    sing N N 323 
SER OG    HG     sing N N 324 
SER OXT   HXT    sing N N 325 
THR N     CA     sing N N 326 
THR N     H      sing N N 327 
THR N     H2     sing N N 328 
THR CA    C      sing N N 329 
THR CA    CB     sing N N 330 
THR CA    HA     sing N N 331 
THR C     O      doub N N 332 
THR C     OXT    sing N N 333 
THR CB    OG1    sing N N 334 
THR CB    CG2    sing N N 335 
THR CB    HB     sing N N 336 
THR OG1   HG1    sing N N 337 
THR CG2   HG21   sing N N 338 
THR CG2   HG22   sing N N 339 
THR CG2   HG23   sing N N 340 
THR OXT   HXT    sing N N 341 
TRP N     CA     sing N N 342 
TRP N     H      sing N N 343 
TRP N     H2     sing N N 344 
TRP CA    C      sing N N 345 
TRP CA    CB     sing N N 346 
TRP CA    HA     sing N N 347 
TRP C     O      doub N N 348 
TRP C     OXT    sing N N 349 
TRP CB    CG     sing N N 350 
TRP CB    HB2    sing N N 351 
TRP CB    HB3    sing N N 352 
TRP CG    CD1    doub Y N 353 
TRP CG    CD2    sing Y N 354 
TRP CD1   NE1    sing Y N 355 
TRP CD1   HD1    sing N N 356 
TRP CD2   CE2    doub Y N 357 
TRP CD2   CE3    sing Y N 358 
TRP NE1   CE2    sing Y N 359 
TRP NE1   HE1    sing N N 360 
TRP CE2   CZ2    sing Y N 361 
TRP CE3   CZ3    doub Y N 362 
TRP CE3   HE3    sing N N 363 
TRP CZ2   CH2    doub Y N 364 
TRP CZ2   HZ2    sing N N 365 
TRP CZ3   CH2    sing Y N 366 
TRP CZ3   HZ3    sing N N 367 
TRP CH2   HH2    sing N N 368 
TRP OXT   HXT    sing N N 369 
TYR N     CA     sing N N 370 
TYR N     H      sing N N 371 
TYR N     H2     sing N N 372 
TYR CA    C      sing N N 373 
TYR CA    CB     sing N N 374 
TYR CA    HA     sing N N 375 
TYR C     O      doub N N 376 
TYR C     OXT    sing N N 377 
TYR CB    CG     sing N N 378 
TYR CB    HB2    sing N N 379 
TYR CB    HB3    sing N N 380 
TYR CG    CD1    doub Y N 381 
TYR CG    CD2    sing Y N 382 
TYR CD1   CE1    sing Y N 383 
TYR CD1   HD1    sing N N 384 
TYR CD2   CE2    doub Y N 385 
TYR CD2   HD2    sing N N 386 
TYR CE1   CZ     doub Y N 387 
TYR CE1   HE1    sing N N 388 
TYR CE2   CZ     sing Y N 389 
TYR CE2   HE2    sing N N 390 
TYR CZ    OH     sing N N 391 
TYR OH    HH     sing N N 392 
TYR OXT   HXT    sing N N 393 
VAL N     CA     sing N N 394 
VAL N     H      sing N N 395 
VAL N     H2     sing N N 396 
VAL CA    C      sing N N 397 
VAL CA    CB     sing N N 398 
VAL CA    HA     sing N N 399 
VAL C     O      doub N N 400 
VAL C     OXT    sing N N 401 
VAL CB    CG1    sing N N 402 
VAL CB    CG2    sing N N 403 
VAL CB    HB     sing N N 404 
VAL CG1   HG11   sing N N 405 
VAL CG1   HG12   sing N N 406 
VAL CG1   HG13   sing N N 407 
VAL CG2   HG21   sing N N 408 
VAL CG2   HG22   sing N N 409 
VAL CG2   HG23   sing N N 410 
VAL OXT   HXT    sing N N 411 
# 
_pdbx_audit_support.funding_organization   'EU-ITN Marie Curie Paramet' 
_pdbx_audit_support.country                France 
_pdbx_audit_support.grant_number           290080 
_pdbx_audit_support.ordinal                1 
# 
_pdbx_initial_refinement_model.id               1 
_pdbx_initial_refinement_model.entity_id_list   ? 
_pdbx_initial_refinement_model.type             'experimental model' 
_pdbx_initial_refinement_model.source_name      PDB 
_pdbx_initial_refinement_model.accession_code   4ZCT 
_pdbx_initial_refinement_model.details          ? 
# 
_atom_sites.entry_id                    4ZCP 
_atom_sites.fract_transf_matrix[1][1]   -0.00933496 
_atom_sites.fract_transf_matrix[1][2]   0.00670592 
_atom_sites.fract_transf_matrix[1][3]   0.01611495 
_atom_sites.fract_transf_matrix[2][1]   -0.00431652 
_atom_sites.fract_transf_matrix[2][2]   -0.01341949 
_atom_sites.fract_transf_matrix[2][3]   0.00308381 
_atom_sites.fract_transf_matrix[3][1]   0.00712393 
_atom_sites.fract_transf_matrix[3][2]   -0.00122593 
_atom_sites.fract_transf_matrix[3][3]   0.00463685 
_atom_sites.fract_transf_vector[1]      0.115083 
_atom_sites.fract_transf_vector[2]      2.179874 
_atom_sites.fract_transf_vector[3]      0.185656 
# 
loop_
_atom_type.symbol 
C 
N 
O 
P 
S 
# 
loop_
_atom_site.group_PDB 
_atom_site.id 
_atom_site.type_symbol 
_atom_site.label_atom_id 
_atom_site.label_alt_id 
_atom_site.label_comp_id 
_atom_site.label_asym_id 
_atom_site.label_entity_id 
_atom_site.label_seq_id 
_atom_site.pdbx_PDB_ins_code 
_atom_site.Cartn_x 
_atom_site.Cartn_y 
_atom_site.Cartn_z 
_atom_site.occupancy 
_atom_site.B_iso_or_equiv 
_atom_site.pdbx_formal_charge 
_atom_site.auth_seq_id 
_atom_site.auth_comp_id 
_atom_site.auth_asym_id 
_atom_site.auth_atom_id 
_atom_site.pdbx_PDB_model_num 
ATOM   1    N N     . LYS A 1 39  ? 16.587  -2.646  16.393  1.00 63.43 ?  616 LYS A N     1 
ATOM   2    C CA    . LYS A 1 39  ? 16.225  -1.229  16.082  1.00 62.60 ?  616 LYS A CA    1 
ATOM   3    C C     . LYS A 1 39  ? 15.403  -1.130  14.788  1.00 57.45 ?  616 LYS A C     1 
ATOM   4    O O     . LYS A 1 39  ? 14.379  -0.453  14.762  1.00 56.88 ?  616 LYS A O     1 
ATOM   5    C CB    . LYS A 1 39  ? 17.482  -0.356  15.981  1.00 62.59 ?  616 LYS A CB    1 
ATOM   6    C CG    . LYS A 1 39  ? 17.234  1.137   16.156  1.00 64.27 ?  616 LYS A CG    1 
ATOM   7    C CD    . LYS A 1 39  ? 16.823  1.471   17.587  1.00 65.08 ?  616 LYS A CD    1 
ATOM   8    C CE    . LYS A 1 39  ? 16.971  2.949   17.902  1.00 63.36 ?  616 LYS A CE    1 
ATOM   9    N NZ    . LYS A 1 39  ? 15.904  3.768   17.264  0.40 63.50 1  616 LYS A NZ    1 
ATOM   10   N N     . ASN A 1 40  ? 15.842  -1.797  13.724  1.00 53.79 ?  617 ASN A N     1 
ATOM   11   C CA    . ASN A 1 40  ? 15.136  -1.703  12.452  1.00 53.96 ?  617 ASN A CA    1 
ATOM   12   C C     . ASN A 1 40  ? 13.830  -2.491  12.413  1.00 50.11 ?  617 ASN A C     1 
ATOM   13   O O     . ASN A 1 40  ? 13.786  -3.643  12.815  1.00 52.17 ?  617 ASN A O     1 
ATOM   14   C CB    . ASN A 1 40  ? 16.000  -2.136  11.283  1.00 53.79 ?  617 ASN A CB    1 
ATOM   15   C CG    . ASN A 1 40  ? 15.450  -1.630  9.965   1.00 55.94 ?  617 ASN A CG    1 
ATOM   16   O OD1   . ASN A 1 40  ? 14.761  -2.348  9.250   1.00 54.63 ?  617 ASN A OD1   1 
ATOM   17   N ND2   . ASN A 1 40  ? 15.719  -0.369  9.661   1.00 60.04 ?  617 ASN A ND2   1 
ATOM   18   N N     . VAL A 1 41  ? 12.783  -1.855  11.896  1.00 42.57 ?  618 VAL A N     1 
ATOM   19   C CA    . VAL A 1 41  ? 11.431  -2.384  11.942  1.00 37.98 ?  618 VAL A CA    1 
ATOM   20   C C     . VAL A 1 41  ? 10.906  -2.501  10.515  1.00 35.04 ?  618 VAL A C     1 
ATOM   21   O O     . VAL A 1 41  ? 11.027  -1.558  9.730   1.00 32.18 ?  618 VAL A O     1 
ATOM   22   C CB    . VAL A 1 41  ? 10.522  -1.422  12.744  1.00 38.71 ?  618 VAL A CB    1 
ATOM   23   C CG1   . VAL A 1 41  ? 9.061   -1.815  12.628  1.00 36.74 ?  618 VAL A CG1   1 
ATOM   24   C CG2   . VAL A 1 41  ? 10.950  -1.378  14.204  1.00 40.40 ?  618 VAL A CG2   1 
ATOM   25   N N     . VAL A 1 42  ? 10.310  -3.646  10.190  1.00 31.36 ?  619 VAL A N     1 
ATOM   26   C CA    . VAL A 1 42  ? 9.833   -3.897  8.843   1.00 31.00 ?  619 VAL A CA    1 
ATOM   27   C C     . VAL A 1 42  ? 8.342   -3.604  8.767   1.00 29.38 ?  619 VAL A C     1 
ATOM   28   O O     . VAL A 1 42  ? 7.527   -4.171  9.508   1.00 29.35 ?  619 VAL A O     1 
ATOM   29   C CB    . VAL A 1 42  ? 10.149  -5.344  8.388   1.00 31.69 ?  619 VAL A CB    1 
ATOM   30   C CG1   . VAL A 1 42  ? 9.621   -5.602  6.994   1.00 30.62 ?  619 VAL A CG1   1 
ATOM   31   C CG2   . VAL A 1 42  ? 11.648  -5.602  8.438   1.00 31.62 ?  619 VAL A CG2   1 
ATOM   32   N N     . ILE A 1 43  ? 7.991   -2.710  7.862   1.00 28.79 ?  620 ILE A N     1 
ATOM   33   C CA    . ILE A 1 43  ? 6.616   -2.258  7.691   1.00 27.29 ?  620 ILE A CA    1 
ATOM   34   C C     . ILE A 1 43  ? 6.140   -2.743  6.336   1.00 27.39 ?  620 ILE A C     1 
ATOM   35   O O     . ILE A 1 43  ? 6.887   -2.676  5.358   1.00 26.83 ?  620 ILE A O     1 
ATOM   36   C CB    . ILE A 1 43  ? 6.554   -0.706  7.732   1.00 27.76 ?  620 ILE A CB    1 
ATOM   37   C CG1   . ILE A 1 43  ? 7.170   -0.150  9.020   1.00 29.66 ?  620 ILE A CG1   1 
ATOM   38   C CG2   . ILE A 1 43  ? 5.144   -0.180  7.500   1.00 26.81 ?  620 ILE A CG2   1 
ATOM   39   C CD1   . ILE A 1 43  ? 6.444   -0.522  10.290  1.00 31.12 ?  620 ILE A CD1   1 
ATOM   40   N N     . TYR A 1 44  ? 4.901   -3.233  6.277   1.00 27.05 ?  621 TYR A N     1 
ATOM   41   C CA    . TYR A 1 44  ? 4.297   -3.682  5.036   1.00 26.46 ?  621 TYR A CA    1 
ATOM   42   C C     . TYR A 1 44  ? 3.041   -2.891  4.729   1.00 27.30 ?  621 TYR A C     1 
ATOM   43   O O     . TYR A 1 44  ? 2.131   -2.804  5.557   1.00 26.69 ?  621 TYR A O     1 
ATOM   44   C CB    . TYR A 1 44  ? 3.955   -5.178  5.119   1.00 27.88 ?  621 TYR A CB    1 
ATOM   45   C CG    . TYR A 1 44  ? 3.306   -5.743  3.892   1.00 28.96 ?  621 TYR A CG    1 
ATOM   46   C CD1   . TYR A 1 44  ? 4.036   -5.925  2.719   1.00 30.38 ?  621 TYR A CD1   1 
ATOM   47   C CD2   . TYR A 1 44  ? 1.962   -6.097  3.890   1.00 28.38 ?  621 TYR A CD2   1 
ATOM   48   C CE1   . TYR A 1 44  ? 3.444   -6.450  1.585   1.00 30.58 ?  621 TYR A CE1   1 
ATOM   49   C CE2   . TYR A 1 44  ? 1.366   -6.616  2.763   1.00 30.13 ?  621 TYR A CE2   1 
ATOM   50   C CZ    . TYR A 1 44  ? 2.113   -6.797  1.616   1.00 31.89 ?  621 TYR A CZ    1 
ATOM   51   O OH    . TYR A 1 44  ? 1.532   -7.316  0.501   1.00 31.67 ?  621 TYR A OH    1 
ATOM   52   N N     . ALA A 1 45  ? 2.991   -2.316  3.536   1.00 28.84 ?  622 ALA A N     1 
ATOM   53   C CA    . ALA A 1 45  ? 1.808   -1.603  3.063   1.00 30.20 ?  622 ALA A CA    1 
ATOM   54   C C     . ALA A 1 45  ? 1.375   -2.187  1.736   1.00 30.64 ?  622 ALA A C     1 
ATOM   55   O O     . ALA A 1 45  ? 2.154   -2.195  0.778   1.00 28.66 ?  622 ALA A O     1 
ATOM   56   C CB    . ALA A 1 45  ? 2.134   -0.130  2.892   1.00 29.74 ?  622 ALA A CB    1 
ATOM   57   N N     . ASP A 1 46  ? 0.134   -2.658  1.654   1.00 32.38 ?  623 ASP A N     1 
ATOM   58   C CA    . ASP A 1 46  ? -0.364  -3.214  0.402   1.00 33.58 ?  623 ASP A CA    1 
ATOM   59   C C     . ASP A 1 46  ? -1.444  -2.355  -0.215  1.00 32.50 ?  623 ASP A C     1 
ATOM   60   O O     . ASP A 1 46  ? -2.041  -1.519  0.448   1.00 34.90 ?  623 ASP A O     1 
ATOM   61   C CB    . ASP A 1 46  ? -0.805  -4.683  0.557   1.00 37.65 ?  623 ASP A CB    1 
ATOM   62   C CG    . ASP A 1 46  ? -2.013  -4.879  1.473   1.00 39.52 ?  623 ASP A CG    1 
ATOM   63   O OD1   . ASP A 1 46  ? -2.491  -3.931  2.142   1.00 44.76 ?  623 ASP A OD1   1 
ATOM   64   O OD2   . ASP A 1 46  ? -2.461  -6.043  1.531   1.00 41.52 -1 623 ASP A OD2   1 
ATOM   65   N N     . GLY A 1 47  ? -1.672  -2.547  -1.505  1.00 31.81 ?  624 GLY A N     1 
ATOM   66   C CA    . GLY A 1 47  ? -2.705  -1.821  -2.200  1.00 30.55 ?  624 GLY A CA    1 
ATOM   67   C C     . GLY A 1 47  ? -2.603  -1.988  -3.681  1.00 31.46 ?  624 GLY A C     1 
ATOM   68   O O     . GLY A 1 47  ? -1.752  -2.731  -4.183  1.00 30.72 ?  624 GLY A O     1 
ATOM   69   N N     . VAL A 1 48  ? -3.495  -1.301  -4.380  1.00 31.60 ?  625 VAL A N     1 
ATOM   70   C CA    . VAL A 1 48  ? -3.536  -1.315  -5.833  1.00 31.87 ?  625 VAL A CA    1 
ATOM   71   C C     . VAL A 1 48  ? -2.516  -0.330  -6.393  1.00 31.99 ?  625 VAL A C     1 
ATOM   72   O O     . VAL A 1 48  ? -1.781  -0.650  -7.328  1.00 30.49 ?  625 VAL A O     1 
ATOM   73   C CB    . VAL A 1 48  ? -4.945  -0.949  -6.359  1.00 31.42 ?  625 VAL A CB    1 
ATOM   74   C CG1   . VAL A 1 48  ? -4.995  -1.040  -7.876  1.00 31.81 ?  625 VAL A CG1   1 
ATOM   75   C CG2   . VAL A 1 48  ? -6.004  -1.866  -5.755  1.00 32.24 ?  625 VAL A CG2   1 
ATOM   76   N N     . TYR A 1 49  ? -2.487  0.872   -5.820  1.00 31.54 ?  626 TYR A N     1 
ATOM   77   C CA    . TYR A 1 49  ? -1.598  1.941   -6.277  1.00 32.96 ?  626 TYR A CA    1 
ATOM   78   C C     . TYR A 1 49  ? -1.752  2.253   -7.770  1.00 34.44 ?  626 TYR A C     1 
ATOM   79   O O     . TYR A 1 49  ? -0.763  2.478   -8.480  1.00 36.30 ?  626 TYR A O     1 
ATOM   80   C CB    . TYR A 1 49  ? -0.140  1.615   -5.906  1.00 31.49 ?  626 TYR A CB    1 
ATOM   81   C CG    . TYR A 1 49  ? 0.077   1.548   -4.406  1.00 32.33 ?  626 TYR A CG    1 
ATOM   82   C CD1   . TYR A 1 49  ? 0.183   2.713   -3.653  1.00 30.65 ?  626 TYR A CD1   1 
ATOM   83   C CD2   . TYR A 1 49  ? 0.170   0.323   -3.736  1.00 32.37 ?  626 TYR A CD2   1 
ATOM   84   C CE1   . TYR A 1 49  ? 0.365   2.662   -2.283  1.00 32.61 ?  626 TYR A CE1   1 
ATOM   85   C CE2   . TYR A 1 49  ? 0.372   0.263   -2.367  1.00 33.06 ?  626 TYR A CE2   1 
ATOM   86   C CZ    . TYR A 1 49  ? 0.470   1.433   -1.642  1.00 33.09 ?  626 TYR A CZ    1 
ATOM   87   O OH    . TYR A 1 49  ? 0.656   1.394   -0.276  1.00 33.51 ?  626 TYR A OH    1 
ATOM   88   N N     . ASP A 1 50  ? -3.002  2.300   -8.232  1.00 35.80 ?  627 ASP A N     1 
ATOM   89   C CA    . ASP A 1 50  ? -3.304  2.615   -9.628  1.00 36.60 ?  627 ASP A CA    1 
ATOM   90   C C     . ASP A 1 50  ? -3.124  4.118   -9.832  1.00 36.21 ?  627 ASP A C     1 
ATOM   91   O O     . ASP A 1 50  ? -3.502  4.906   -8.975  1.00 36.70 ?  627 ASP A O     1 
ATOM   92   C CB    . ASP A 1 50  ? -4.749  2.199   -9.945  1.00 38.93 ?  627 ASP A CB    1 
ATOM   93   C CG    . ASP A 1 50  ? -5.031  2.085   -11.441 1.00 42.23 ?  627 ASP A CG    1 
ATOM   94   O OD1   . ASP A 1 50  ? -4.079  2.014   -12.251 1.00 40.66 ?  627 ASP A OD1   1 
ATOM   95   O OD2   . ASP A 1 50  ? -6.234  2.045   -11.813 1.00 45.69 -1 627 ASP A OD2   1 
ATOM   96   N N     . MET A 1 51  ? -2.520  4.522   -10.943 1.00 37.43 ?  628 MET A N     1 
ATOM   97   C CA    . MET A 1 51  ? -2.305  5.955   -11.226 1.00 39.68 ?  628 MET A CA    1 
ATOM   98   C C     . MET A 1 51  ? -1.818  6.733   -9.995  1.00 39.11 ?  628 MET A C     1 
ATOM   99   O O     . MET A 1 51  ? -2.495  7.633   -9.473  1.00 36.90 ?  628 MET A O     1 
ATOM   100  C CB    . MET A 1 51  ? -3.581  6.569   -11.796 1.00 42.35 ?  628 MET A CB    1 
ATOM   101  C CG    . MET A 1 51  ? -3.980  5.948   -13.121 1.00 45.87 ?  628 MET A CG    1 
ATOM   102  S SD    . MET A 1 51  ? -5.532  6.617   -13.741 1.00 57.21 ?  628 MET A SD    1 
ATOM   103  C CE    . MET A 1 51  ? -6.699  6.117   -12.473 1.00 55.25 ?  628 MET A CE    1 
ATOM   104  N N     . LEU A 1 52  ? -0.613  6.381   -9.558  1.00 39.08 ?  629 LEU A N     1 
ATOM   105  C CA    . LEU A 1 52  ? -0.068  6.884   -8.304  1.00 37.83 ?  629 LEU A CA    1 
ATOM   106  C C     . LEU A 1 52  ? -0.235  8.410   -8.179  1.00 37.79 ?  629 LEU A C     1 
ATOM   107  O O     . LEU A 1 52  ? 0.097   9.143   -9.091  1.00 35.53 ?  629 LEU A O     1 
ATOM   108  C CB    . LEU A 1 52  ? 1.403   6.495   -8.180  1.00 38.69 ?  629 LEU A CB    1 
ATOM   109  C CG    . LEU A 1 52  ? 2.007   6.500   -6.779  1.00 37.90 ?  629 LEU A CG    1 
ATOM   110  C CD1   . LEU A 1 52  ? 1.527   5.296   -5.994  1.00 38.62 ?  629 LEU A CD1   1 
ATOM   111  C CD2   . LEU A 1 52  ? 3.520   6.483   -6.851  1.00 41.35 ?  629 LEU A CD2   1 
ATOM   112  N N     . HIS A 1 53  ? -0.753  8.866   -7.044  1.00 37.43 ?  630 HIS A N     1 
ATOM   113  C CA    . HIS A 1 53  ? -0.981  10.290  -6.789  1.00 39.98 ?  630 HIS A CA    1 
ATOM   114  C C     . HIS A 1 53  ? -0.480  10.640  -5.385  1.00 37.04 ?  630 HIS A C     1 
ATOM   115  O O     . HIS A 1 53  ? 0.017   9.779   -4.664  1.00 33.92 ?  630 HIS A O     1 
ATOM   116  C CB    . HIS A 1 53  ? -2.464  10.648  -6.961  1.00 40.15 ?  630 HIS A CB    1 
ATOM   117  C CG    . HIS A 1 53  ? -3.397  9.799   -6.156  1.00 42.41 ?  630 HIS A CG    1 
ATOM   118  N ND1   . HIS A 1 53  ? -3.513  9.905   -4.788  1.00 44.46 ?  630 HIS A ND1   1 
ATOM   119  C CD2   . HIS A 1 53  ? -4.287  8.850   -6.534  1.00 43.97 ?  630 HIS A CD2   1 
ATOM   120  C CE1   . HIS A 1 53  ? -4.413  9.045   -4.351  1.00 44.72 ?  630 HIS A CE1   1 
ATOM   121  N NE2   . HIS A 1 53  ? -4.904  8.397   -5.393  1.00 45.09 ?  630 HIS A NE2   1 
ATOM   122  N N     . LEU A 1 54  ? -0.646  11.896  -4.995  1.00 35.84 ?  631 LEU A N     1 
ATOM   123  C CA    . LEU A 1 54  ? -0.077  12.414  -3.753  1.00 35.76 ?  631 LEU A CA    1 
ATOM   124  C C     . LEU A 1 54  ? -0.627  11.738  -2.480  1.00 35.09 ?  631 LEU A C     1 
ATOM   125  O O     . LEU A 1 54  ? 0.083   11.612  -1.477  1.00 33.74 ?  631 LEU A O     1 
ATOM   126  C CB    . LEU A 1 54  ? -0.289  13.940  -3.702  1.00 36.85 ?  631 LEU A CB    1 
ATOM   127  C CG    . LEU A 1 54  ? 0.283   14.700  -2.512  1.00 39.34 ?  631 LEU A CG    1 
ATOM   128  C CD1   . LEU A 1 54  ? 1.805   14.641  -2.504  1.00 39.09 ?  631 LEU A CD1   1 
ATOM   129  C CD2   . LEU A 1 54  ? -0.203  16.150  -2.501  1.00 41.15 ?  631 LEU A CD2   1 
ATOM   130  N N     . GLY A 1 55  ? -1.897  11.351  -2.504  1.00 34.19 ?  632 GLY A N     1 
ATOM   131  C CA    . GLY A 1 55  ? -2.498  10.512  -1.450  1.00 33.40 ?  632 GLY A CA    1 
ATOM   132  C C     . GLY A 1 55  ? -1.773  9.202   -1.158  1.00 31.36 ?  632 GLY A C     1 
ATOM   133  O O     . GLY A 1 55  ? -1.495  8.893   -0.001  1.00 32.38 ?  632 GLY A O     1 
ATOM   134  N N     . HIS A 1 56  ? -1.435  8.447   -2.204  1.00 31.76 ?  633 HIS A N     1 
ATOM   135  C CA    . HIS A 1 56  ? -0.604  7.253   -2.060  1.00 30.18 ?  633 HIS A CA    1 
ATOM   136  C C     . HIS A 1 56  ? 0.766   7.616   -1.499  1.00 30.60 ?  633 HIS A C     1 
ATOM   137  O O     . HIS A 1 56  ? 1.257   6.961   -0.574  1.00 30.94 ?  633 HIS A O     1 
ATOM   138  C CB    . HIS A 1 56  ? -0.392  6.569   -3.411  1.00 33.04 ?  633 HIS A CB    1 
ATOM   139  C CG    . HIS A 1 56  ? -1.639  6.022   -4.018  1.00 34.71 ?  633 HIS A CG    1 
ATOM   140  N ND1   . HIS A 1 56  ? -2.056  6.361   -5.285  1.00 37.24 ?  633 HIS A ND1   1 
ATOM   141  C CD2   . HIS A 1 56  ? -2.557  5.151   -3.540  1.00 36.20 ?  633 HIS A CD2   1 
ATOM   142  C CE1   . HIS A 1 56  ? -3.176  5.724   -5.564  1.00 36.66 ?  633 HIS A CE1   1 
ATOM   143  N NE2   . HIS A 1 56  ? -3.505  4.987   -4.521  1.00 36.78 ?  633 HIS A NE2   1 
ATOM   144  N N     . MET A 1 57  ? 1.380   8.671   -2.050  1.00 29.70 ?  634 MET A N     1 
ATOM   145  C CA    . MET A 1 57  ? 2.744   9.056   -1.656  1.00 31.38 ?  634 MET A CA    1 
ATOM   146  C C     . MET A 1 57  ? 2.782   9.492   -0.202  1.00 28.58 ?  634 MET A C     1 
ATOM   147  O O     . MET A 1 57  ? 3.713   9.158   0.534   1.00 28.87 ?  634 MET A O     1 
ATOM   148  C CB    . MET A 1 57  ? 3.291   10.185  -2.540  1.00 32.91 ?  634 MET A CB    1 
ATOM   149  C CG    . MET A 1 57  ? 3.410   9.854   -4.014  1.00 36.61 ?  634 MET A CG    1 
ATOM   150  S SD    . MET A 1 57  ? 3.653   11.339  -5.004  1.00 38.67 ?  634 MET A SD    1 
ATOM   151  C CE    . MET A 1 57  ? 3.348   10.671  -6.642  1.00 40.98 ?  634 MET A CE    1 
ATOM   152  N N     . LYS A 1 58  ? 1.773   10.226  0.228   1.00 28.98 ?  635 LYS A N     1 
ATOM   153  C CA    . LYS A 1 58  ? 1.673   10.581  1.647   1.00 30.10 ?  635 LYS A CA    1 
ATOM   154  C C     . LYS A 1 58  ? 1.421   9.379   2.552   1.00 29.09 ?  635 LYS A C     1 
ATOM   155  O O     . LYS A 1 58  ? 1.918   9.347   3.677   1.00 28.99 ?  635 LYS A O     1 
ATOM   156  C CB    . LYS A 1 58  ? 0.617   11.655  1.863   1.00 32.75 ?  635 LYS A CB    1 
ATOM   157  C CG    . LYS A 1 58  ? 1.054   13.013  1.322   1.00 35.64 ?  635 LYS A CG    1 
ATOM   158  C CD    . LYS A 1 58  ? -0.029  14.072  1.459   1.00 40.04 ?  635 LYS A CD    1 
ATOM   159  C CE    . LYS A 1 58  ? -0.302  14.389  2.916   1.00 43.73 ?  635 LYS A CE    1 
ATOM   160  N NZ    . LYS A 1 58  ? -1.269  15.507  3.080   1.00 49.59 1  635 LYS A NZ    1 
ATOM   161  N N     . GLN A 1 59  ? 0.681   8.383   2.068   1.00 31.37 ?  636 GLN A N     1 
ATOM   162  C CA    . GLN A 1 59  ? 0.480   7.150   2.840   1.00 29.58 ?  636 GLN A CA    1 
ATOM   163  C C     . GLN A 1 59  ? 1.784   6.404   3.038   1.00 29.46 ?  636 GLN A C     1 
ATOM   164  O O     . GLN A 1 59  ? 2.058   5.924   4.131   1.00 28.93 ?  636 GLN A O     1 
ATOM   165  C CB    . GLN A 1 59  ? -0.515  6.227   2.177   1.00 32.29 ?  636 GLN A CB    1 
ATOM   166  C CG    . GLN A 1 59  ? -0.897  5.019   3.038   1.00 31.50 ?  636 GLN A CG    1 
ATOM   167  C CD    . GLN A 1 59  ? -0.084  3.755   2.759   1.00 34.28 ?  636 GLN A CD    1 
ATOM   168  O OE1   . GLN A 1 59  ? 0.400   3.535   1.642   1.00 32.02 ?  636 GLN A OE1   1 
ATOM   169  N NE2   . GLN A 1 59  ? 0.031   2.889   3.782   1.00 36.03 ?  636 GLN A NE2   1 
ATOM   170  N N     . LEU A 1 60  ? 2.572   6.307   1.968   1.00 28.43 ?  637 LEU A N     1 
ATOM   171  C CA    . LEU A 1 60  ? 3.840   5.606   2.009   1.00 26.84 ?  637 LEU A CA    1 
ATOM   172  C C     . LEU A 1 60  ? 4.827   6.329   2.905   1.00 27.26 ?  637 LEU A C     1 
ATOM   173  O O     . LEU A 1 60  ? 5.588   5.695   3.657   1.00 26.64 ?  637 LEU A O     1 
ATOM   174  C CB    . LEU A 1 60  ? 4.401   5.440   0.598   1.00 27.14 ?  637 LEU A CB    1 
ATOM   175  C CG    . LEU A 1 60  ? 3.550   4.566   -0.340  1.00 28.20 ?  637 LEU A CG    1 
ATOM   176  C CD1   . LEU A 1 60  ? 4.006   4.717   -1.792  1.00 30.64 ?  637 LEU A CD1   1 
ATOM   177  C CD2   . LEU A 1 60  ? 3.620   3.110   0.076   1.00 27.13 ?  637 LEU A CD2   1 
ATOM   178  N N     . GLU A 1 61  ? 4.819   7.658   2.833   1.00 27.39 ?  638 GLU A N     1 
ATOM   179  C CA    . GLU A 1 61  ? 5.628   8.467   3.740   1.00 29.37 ?  638 GLU A CA    1 
ATOM   180  C C     . GLU A 1 61  ? 5.236   8.185   5.207   1.00 28.70 ?  638 GLU A C     1 
ATOM   181  O O     . GLU A 1 61  ? 6.099   7.953   6.049   1.00 26.81 ?  638 GLU A O     1 
ATOM   182  C CB    . GLU A 1 61  ? 5.469   9.952   3.425   1.00 30.67 ?  638 GLU A CB    1 
ATOM   183  C CG    . GLU A 1 61  ? 6.387   10.814  4.270   1.00 31.31 ?  638 GLU A CG    1 
ATOM   184  C CD    . GLU A 1 61  ? 6.105   12.300  4.172   1.00 33.37 ?  638 GLU A CD    1 
ATOM   185  O OE1   . GLU A 1 61  ? 5.064   12.704  3.603   1.00 30.82 ?  638 GLU A OE1   1 
ATOM   186  O OE2   . GLU A 1 61  ? 6.962   13.060  4.687   1.00 32.68 -1 638 GLU A OE2   1 
ATOM   187  N N     . GLN A 1 62  ? 3.940   8.186   5.488   1.00 28.48 ?  639 GLN A N     1 
ATOM   188  C CA    . GLN A 1 62  ? 3.430   7.868   6.844   1.00 30.24 ?  639 GLN A CA    1 
ATOM   189  C C     . GLN A 1 62  ? 3.920   6.508   7.303   1.00 30.27 ?  639 GLN A C     1 
ATOM   190  O O     . GLN A 1 62  ? 4.571   6.374   8.355   1.00 30.64 ?  639 GLN A O     1 
ATOM   191  C CB    . GLN A 1 62  ? 1.910   7.829   6.831   1.00 33.64 ?  639 GLN A CB    1 
ATOM   192  C CG    . GLN A 1 62  ? 1.226   9.158   6.868   1.00 37.50 ?  639 GLN A CG    1 
ATOM   193  C CD    . GLN A 1 62  ? -0.283  9.010   6.729   1.00 40.60 ?  639 GLN A CD    1 
ATOM   194  O OE1   . GLN A 1 62  ? -0.948  8.480   7.632   1.00 35.46 ?  639 GLN A OE1   1 
ATOM   195  N NE2   . GLN A 1 62  ? -0.834  9.461   5.579   1.00 40.24 ?  639 GLN A NE2   1 
ATOM   196  N N     . ALA A 1 63  ? 3.678   5.496   6.470   1.00 29.62 ?  640 ALA A N     1 
ATOM   197  C CA    . ALA A 1 63  ? 4.122   4.136   6.811   1.00 28.48 ?  640 ALA A CA    1 
ATOM   198  C C     . ALA A 1 63  ? 5.626   4.120   7.089   1.00 28.91 ?  640 ALA A C     1 
ATOM   199  O O     . ALA A 1 63  ? 6.083   3.562   8.094   1.00 30.21 ?  640 ALA A O     1 
ATOM   200  C CB    . ALA A 1 63  ? 3.767   3.158   5.704   1.00 27.72 ?  640 ALA A CB    1 
ATOM   201  N N     . LYS A 1 64  ? 6.396   4.733   6.191   1.00 28.55 ?  641 LYS A N     1 
ATOM   202  C CA    . LYS A 1 64  ? 7.853   4.769   6.326   1.00 28.01 ?  641 LYS A CA    1 
ATOM   203  C C     . LYS A 1 64  ? 8.346   5.420   7.625   1.00 28.15 ?  641 LYS A C     1 
ATOM   204  O O     . LYS A 1 64  ? 9.352   4.981   8.216   1.00 30.05 ?  641 LYS A O     1 
ATOM   205  C CB    . LYS A 1 64  ? 8.465   5.471   5.101   1.00 27.82 ?  641 LYS A CB    1 
ATOM   206  C CG    . LYS A 1 64  ? 9.973   5.691   5.158   1.00 29.86 ?  641 LYS A CG    1 
ATOM   207  C CD    . LYS A 1 64  ? 10.749  4.399   5.019   1.00 32.05 ?  641 LYS A CD    1 
ATOM   208  C CE    . LYS A 1 64  ? 12.240  4.679   5.023   1.00 35.25 ?  641 LYS A CE    1 
ATOM   209  N NZ    . LYS A 1 64  ? 13.005  3.448   5.300   1.00 36.28 1  641 LYS A NZ    1 
ATOM   210  N N     . LYS A 1 65  ? 7.668   6.481   8.044   1.00 28.82 ?  642 LYS A N     1 
ATOM   211  C CA    . LYS A 1 65  ? 8.051   7.224   9.235   1.00 30.54 ?  642 LYS A CA    1 
ATOM   212  C C     . LYS A 1 65  ? 7.305   6.759   10.497  1.00 31.86 ?  642 LYS A C     1 
ATOM   213  O O     . LYS A 1 65  ? 7.244   7.490   11.459  1.00 30.82 ?  642 LYS A O     1 
ATOM   214  C CB    . LYS A 1 65  ? 7.828   8.725   9.008   1.00 31.58 ?  642 LYS A CB    1 
ATOM   215  C CG    . LYS A 1 65  ? 8.711   9.301   7.917   1.00 31.53 ?  642 LYS A CG    1 
ATOM   216  C CD    . LYS A 1 65  ? 8.456   10.776  7.688   1.00 32.56 ?  642 LYS A CD    1 
ATOM   217  C CE    . LYS A 1 65  ? 9.528   11.379  6.788   1.00 33.54 ?  642 LYS A CE    1 
ATOM   218  N NZ    . LYS A 1 65  ? 9.081   12.658  6.168   1.00 33.06 1  642 LYS A NZ    1 
ATOM   219  N N     . LEU A 1 66  ? 6.722   5.558   10.505  1.00 33.01 ?  643 LEU A N     1 
ATOM   220  C CA    . LEU A 1 66  ? 6.087   5.077   11.729  1.00 33.29 ?  643 LEU A CA    1 
ATOM   221  C C     . LEU A 1 66  ? 7.108   4.900   12.848  1.00 34.66 ?  643 LEU A C     1 
ATOM   222  O O     . LEU A 1 66  ? 6.772   5.099   14.008  1.00 36.06 ?  643 LEU A O     1 
ATOM   223  C CB    . LEU A 1 66  ? 5.327   3.767   11.504  1.00 32.43 ?  643 LEU A CB    1 
ATOM   224  C CG    . LEU A 1 66  ? 4.043   3.933   10.696  1.00 30.82 ?  643 LEU A CG    1 
ATOM   225  C CD1   . LEU A 1 66  ? 3.596   2.578   10.188  1.00 31.84 ?  643 LEU A CD1   1 
ATOM   226  C CD2   . LEU A 1 66  ? 2.956   4.608   11.519  1.00 31.39 ?  643 LEU A CD2   1 
ATOM   227  N N     . PHE A 1 67  ? 8.335   4.516   12.505  1.00 36.08 ?  644 PHE A N     1 
ATOM   228  C CA    . PHE A 1 67  ? 9.423   4.412   13.483  1.00 36.56 ?  644 PHE A CA    1 
ATOM   229  C C     . PHE A 1 67  ? 10.676  5.063   12.945  1.00 39.91 ?  644 PHE A C     1 
ATOM   230  O O     . PHE A 1 67  ? 10.745  5.410   11.759  1.00 37.23 ?  644 PHE A O     1 
ATOM   231  C CB    . PHE A 1 67  ? 9.686   2.947   13.851  1.00 38.72 ?  644 PHE A CB    1 
ATOM   232  C CG    . PHE A 1 67  ? 8.500   2.282   14.481  1.00 38.82 ?  644 PHE A CG    1 
ATOM   233  C CD1   . PHE A 1 67  ? 7.517   1.685   13.693  1.00 38.32 ?  644 PHE A CD1   1 
ATOM   234  C CD2   . PHE A 1 67  ? 8.327   2.316   15.855  1.00 39.70 ?  644 PHE A CD2   1 
ATOM   235  C CE1   . PHE A 1 67  ? 6.399   1.099   14.271  1.00 39.64 ?  644 PHE A CE1   1 
ATOM   236  C CE2   . PHE A 1 67  ? 7.210   1.737   16.437  1.00 40.17 ?  644 PHE A CE2   1 
ATOM   237  C CZ    . PHE A 1 67  ? 6.249   1.128   15.648  1.00 40.05 ?  644 PHE A CZ    1 
ATOM   238  N N     . GLU A 1 68  ? 11.657  5.231   13.829  1.00 42.80 ?  645 GLU A N     1 
ATOM   239  C CA    . GLU A 1 68  ? 12.911  5.899   13.496  1.00 46.11 ?  645 GLU A CA    1 
ATOM   240  C C     . GLU A 1 68  ? 13.681  5.172   12.392  1.00 44.93 ?  645 GLU A C     1 
ATOM   241  O O     . GLU A 1 68  ? 14.120  5.798   11.436  1.00 43.23 ?  645 GLU A O     1 
ATOM   242  C CB    . GLU A 1 68  ? 13.797  6.014   14.741  1.00 51.42 ?  645 GLU A CB    1 
ATOM   243  C CG    . GLU A 1 68  ? 14.992  6.951   14.589  1.00 57.36 ?  645 GLU A CG    1 
ATOM   244  C CD    . GLU A 1 68  ? 15.886  6.968   15.827  1.00 66.30 ?  645 GLU A CD    1 
ATOM   245  O OE1   . GLU A 1 68  ? 15.354  7.122   16.952  1.00 70.35 ?  645 GLU A OE1   1 
ATOM   246  O OE2   . GLU A 1 68  ? 17.125  6.825   15.683  1.00 69.79 -1 645 GLU A OE2   1 
ATOM   247  N N     . ASN A 1 69  ? 13.849  3.859   12.542  1.00 43.18 ?  646 ASN A N     1 
ATOM   248  C CA    . ASN A 1 69  ? 14.532  3.036   11.552  1.00 43.14 ?  646 ASN A CA    1 
ATOM   249  C C     . ASN A 1 69  ? 13.602  1.929   11.027  1.00 39.66 ?  646 ASN A C     1 
ATOM   250  O O     . ASN A 1 69  ? 13.247  0.992   11.761  1.00 38.69 ?  646 ASN A O     1 
ATOM   251  C CB    . ASN A 1 69  ? 15.784  2.400   12.165  1.00 48.57 ?  646 ASN A CB    1 
ATOM   252  C CG    . ASN A 1 69  ? 16.753  3.429   12.729  1.00 53.28 ?  646 ASN A CG    1 
ATOM   253  O OD1   . ASN A 1 69  ? 16.990  3.475   13.944  1.00 60.46 ?  646 ASN A OD1   1 
ATOM   254  N ND2   . ASN A 1 69  ? 17.314  4.262   11.855  1.00 53.36 ?  646 ASN A ND2   1 
ATOM   255  N N     . THR A 1 70  ? 13.219  2.050   9.760   1.00 36.40 ?  647 THR A N     1 
ATOM   256  C CA    . THR A 1 70  ? 12.311  1.113   9.134   1.00 34.70 ?  647 THR A CA    1 
ATOM   257  C C     . THR A 1 70  ? 12.824  0.644   7.794   1.00 35.74 ?  647 THR A C     1 
ATOM   258  O O     . THR A 1 70  ? 13.661  1.299   7.163   1.00 35.71 ?  647 THR A O     1 
ATOM   259  C CB    . THR A 1 70  ? 10.930  1.747   8.877   1.00 34.65 ?  647 THR A CB    1 
ATOM   260  O OG1   . THR A 1 70  ? 11.054  2.804   7.914   1.00 35.16 ?  647 THR A OG1   1 
ATOM   261  C CG2   . THR A 1 70  ? 10.334  2.300   10.156  1.00 33.11 ?  647 THR A CG2   1 
ATOM   262  N N     . THR A 1 71  ? 12.286  -0.492  7.373   1.00 33.77 ?  648 THR A N     1 
ATOM   263  C CA    . THR A 1 71  ? 12.289  -0.915  5.997   1.00 33.17 ?  648 THR A CA    1 
ATOM   264  C C     . THR A 1 71  ? 10.822  -0.955  5.557   1.00 30.57 ?  648 THR A C     1 
ATOM   265  O O     . THR A 1 71  ? 10.020  -1.687  6.125   1.00 30.92 ?  648 THR A O     1 
ATOM   266  C CB    . THR A 1 71  ? 12.918  -2.310  5.885   1.00 34.76 ?  648 THR A CB    1 
ATOM   267  O OG1   . THR A 1 71  ? 14.280  -2.232  6.304   1.00 34.61 ?  648 THR A OG1   1 
ATOM   268  C CG2   . THR A 1 71  ? 12.849  -2.854  4.453   1.00 35.63 ?  648 THR A CG2   1 
ATOM   269  N N     . LEU A 1 72  ? 10.458  -0.164  4.559   1.00 27.70 ?  649 LEU A N     1 
ATOM   270  C CA    . LEU A 1 72  ? 9.108   -0.237  4.006   1.00 25.14 ?  649 LEU A CA    1 
ATOM   271  C C     . LEU A 1 72  ? 9.049   -1.163  2.800   1.00 26.56 ?  649 LEU A C     1 
ATOM   272  O O     . LEU A 1 72  ? 9.659   -0.881  1.745   1.00 25.89 ?  649 LEU A O     1 
ATOM   273  C CB    . LEU A 1 72  ? 8.615   1.135   3.611   1.00 24.89 ?  649 LEU A CB    1 
ATOM   274  C CG    . LEU A 1 72  ? 7.203   1.177   3.017   1.00 23.90 ?  649 LEU A CG    1 
ATOM   275  C CD1   . LEU A 1 72  ? 6.140   0.660   3.978   1.00 25.16 ?  649 LEU A CD1   1 
ATOM   276  C CD2   . LEU A 1 72  ? 6.920   2.614   2.663   1.00 25.48 ?  649 LEU A CD2   1 
ATOM   277  N N     . ILE A 1 73  ? 8.311   -2.272  2.966   1.00 26.13 ?  650 ILE A N     1 
ATOM   278  C CA    . ILE A 1 73  ? 7.984   -3.173  1.877   1.00 26.79 ?  650 ILE A CA    1 
ATOM   279  C C     . ILE A 1 73  ? 6.574   -2.821  1.390   1.00 26.31 ?  650 ILE A C     1 
ATOM   280  O O     . ILE A 1 73  ? 5.636   -2.726  2.196   1.00 27.47 ?  650 ILE A O     1 
ATOM   281  C CB    . ILE A 1 73  ? 7.976   -4.625  2.347   1.00 27.76 ?  650 ILE A CB    1 
ATOM   282  C CG1   . ILE A 1 73  ? 9.329   -5.006  2.974   1.00 28.32 ?  650 ILE A CG1   1 
ATOM   283  C CG2   . ILE A 1 73  ? 7.669   -5.560  1.197   1.00 27.14 ?  650 ILE A CG2   1 
ATOM   284  C CD1   . ILE A 1 73  ? 9.339   -6.411  3.546   1.00 28.63 ?  650 ILE A CD1   1 
ATOM   285  N N     . VAL A 1 74  ? 6.422   -2.635  0.086   1.00 24.54 ?  651 VAL A N     1 
ATOM   286  C CA    . VAL A 1 74  ? 5.106   -2.349  -0.515  1.00 24.79 ?  651 VAL A CA    1 
ATOM   287  C C     . VAL A 1 74  ? 4.618   -3.538  -1.346  1.00 27.15 ?  651 VAL A C     1 
ATOM   288  O O     . VAL A 1 74  ? 5.341   -4.037  -2.234  1.00 26.40 ?  651 VAL A O     1 
ATOM   289  C CB    . VAL A 1 74  ? 5.165   -1.072  -1.381  1.00 25.24 ?  651 VAL A CB    1 
ATOM   290  C CG1   . VAL A 1 74  ? 3.796   -0.737  -1.964  1.00 24.82 ?  651 VAL A CG1   1 
ATOM   291  C CG2   . VAL A 1 74  ? 5.665   0.096   -0.560  1.00 26.09 ?  651 VAL A CG2   1 
ATOM   292  N N     . GLY A 1 75  ? 3.403   -4.009  -1.051  1.00 27.56 ?  652 GLY A N     1 
ATOM   293  C CA    . GLY A 1 75  ? 2.763   -5.048  -1.847  1.00 28.67 ?  652 GLY A CA    1 
ATOM   294  C C     . GLY A 1 75  ? 1.816   -4.432  -2.857  1.00 28.98 ?  652 GLY A C     1 
ATOM   295  O O     . GLY A 1 75  ? 1.026   -3.579  -2.512  1.00 27.70 ?  652 GLY A O     1 
ATOM   296  N N     . VAL A 1 76  ? 1.923   -4.857  -4.112  1.00 29.87 ?  653 VAL A N     1 
ATOM   297  C CA    . VAL A 1 76  ? 1.070   -4.361  -5.192  1.00 30.05 ?  653 VAL A CA    1 
ATOM   298  C C     . VAL A 1 76  ? 0.170   -5.492  -5.688  1.00 31.91 ?  653 VAL A C     1 
ATOM   299  O O     . VAL A 1 76  ? 0.671   -6.556  -6.091  1.00 29.70 ?  653 VAL A O     1 
ATOM   300  C CB    . VAL A 1 76  ? 1.918   -3.842  -6.363  1.00 29.94 ?  653 VAL A CB    1 
ATOM   301  C CG1   . VAL A 1 76  ? 1.039   -3.153  -7.396  1.00 30.38 ?  653 VAL A CG1   1 
ATOM   302  C CG2   . VAL A 1 76  ? 2.991   -2.903  -5.844  1.00 30.68 ?  653 VAL A CG2   1 
ATOM   303  N N     . THR A 1 77  ? -1.144  -5.259  -5.692  1.00 32.99 ?  654 THR A N     1 
ATOM   304  C CA    . THR A 1 77  ? -2.112  -6.322  -5.986  1.00 34.85 ?  654 THR A CA    1 
ATOM   305  C C     . THR A 1 77  ? -2.151  -6.686  -7.467  1.00 35.30 ?  654 THR A C     1 
ATOM   306  O O     . THR A 1 77  ? -1.904  -5.840  -8.326  1.00 35.07 ?  654 THR A O     1 
ATOM   307  C CB    . THR A 1 77  ? -3.523  -5.909  -5.565  1.00 35.25 ?  654 THR A CB    1 
ATOM   308  O OG1   . THR A 1 77  ? -3.819  -4.646  -6.157  1.00 37.82 ?  654 THR A OG1   1 
ATOM   309  C CG2   . THR A 1 77  ? -3.619  -5.796  -4.070  1.00 36.05 ?  654 THR A CG2   1 
ATOM   310  N N     . SER A 1 78  ? -2.475  -7.948  -7.761  1.00 35.34 ?  655 SER A N     1 
ATOM   311  C CA    . SER A 1 78  ? -2.462  -8.451  -9.137  1.00 35.55 ?  655 SER A CA    1 
ATOM   312  C C     . SER A 1 78  ? -3.617  -7.863  -9.939  1.00 36.30 ?  655 SER A C     1 
ATOM   313  O O     . SER A 1 78  ? -4.607  -7.405  -9.378  1.00 37.29 ?  655 SER A O     1 
ATOM   314  C CB    . SER A 1 78  ? -2.550  -9.985  -9.172  1.00 38.14 ?  655 SER A CB    1 
ATOM   315  O OG    . SER A 1 78  ? -3.825  -10.431 -8.715  1.00 39.30 ?  655 SER A OG    1 
ATOM   316  N N     . ASP A 1 79  ? -3.467  -7.869  -11.255 1.00 41.33 ?  656 ASP A N     1 
ATOM   317  C CA    . ASP A 1 79  ? -4.517  -7.385  -12.151 1.00 47.13 ?  656 ASP A CA    1 
ATOM   318  C C     . ASP A 1 79  ? -5.813  -8.188  -11.953 1.00 47.19 ?  656 ASP A C     1 
ATOM   319  O O     . ASP A 1 79  ? -6.877  -7.604  -11.766 1.00 49.08 ?  656 ASP A O     1 
ATOM   320  C CB    . ASP A 1 79  ? -4.044  -7.460  -13.608 1.00 48.97 ?  656 ASP A CB    1 
ATOM   321  C CG    . ASP A 1 79  ? -3.014  -6.386  -13.952 1.00 54.03 ?  656 ASP A CG    1 
ATOM   322  O OD1   . ASP A 1 79  ? -3.237  -5.210  -13.564 1.00 55.02 ?  656 ASP A OD1   1 
ATOM   323  O OD2   . ASP A 1 79  ? -1.997  -6.712  -14.624 1.00 55.80 -1 656 ASP A OD2   1 
ATOM   324  N N     . ASN A 1 80  ? -5.707  -9.516  -11.946 1.00 49.07 ?  657 ASN A N     1 
ATOM   325  C CA    . ASN A 1 80  ? -6.891  -10.388 -11.826 1.00 54.05 ?  657 ASN A CA    1 
ATOM   326  C C     . ASN A 1 80  ? -7.673  -10.223 -10.515 1.00 51.17 ?  657 ASN A C     1 
ATOM   327  O O     . ASN A 1 80  ? -8.878  -9.954  -10.532 1.00 52.30 ?  657 ASN A O     1 
ATOM   328  C CB    . ASN A 1 80  ? -6.500  -11.859 -12.035 1.00 55.81 ?  657 ASN A CB    1 
ATOM   329  C CG    . ASN A 1 80  ? -6.119  -12.166 -13.480 1.00 61.40 ?  657 ASN A CG    1 
ATOM   330  O OD1   . ASN A 1 80  ? -6.438  -11.406 -14.400 1.00 63.94 ?  657 ASN A OD1   1 
ATOM   331  N ND2   . ASN A 1 80  ? -5.432  -13.283 -13.686 1.00 64.76 ?  657 ASN A ND2   1 
ATOM   332  N N     . GLU A 1 81  ? -6.994  -10.373 -9.385  1.00 48.57 ?  658 GLU A N     1 
ATOM   333  C CA    . GLU A 1 81  ? -7.668  -10.239 -8.100  1.00 46.37 ?  658 GLU A CA    1 
ATOM   334  C C     . GLU A 1 81  ? -8.230  -8.835  -7.900  1.00 46.66 ?  658 GLU A C     1 
ATOM   335  O O     . GLU A 1 81  ? -9.303  -8.674  -7.323  1.00 46.29 ?  658 GLU A O     1 
ATOM   336  C CB    . GLU A 1 81  ? -6.733  -10.608 -6.965  1.00 46.13 ?  658 GLU A CB    1 
ATOM   337  C CG    . GLU A 1 81  ? -6.466  -12.099 -6.906  1.00 46.66 ?  658 GLU A CG    1 
ATOM   338  C CD    . GLU A 1 81  ? -5.285  -12.446 -6.028  1.00 49.06 ?  658 GLU A CD    1 
ATOM   339  O OE1   . GLU A 1 81  ? -4.239  -11.761 -6.129  1.00 48.99 ?  658 GLU A OE1   1 
ATOM   340  O OE2   . GLU A 1 81  ? -5.400  -13.411 -5.245  1.00 48.28 -1 658 GLU A OE2   1 
ATOM   341  N N     . THR A 1 82  ? -7.519  -7.817  -8.382  1.00 45.75 ?  659 THR A N     1 
ATOM   342  C CA    . THR A 1 82  ? -8.037  -6.458  -8.300  1.00 46.28 ?  659 THR A CA    1 
ATOM   343  C C     . THR A 1 82  ? -9.311  -6.317  -9.159  1.00 48.99 ?  659 THR A C     1 
ATOM   344  O O     . THR A 1 82  ? -10.281 -5.704  -8.726  1.00 51.31 ?  659 THR A O     1 
ATOM   345  C CB    . THR A 1 82  ? -6.985  -5.399  -8.712  1.00 45.77 ?  659 THR A CB    1 
ATOM   346  O OG1   . THR A 1 82  ? -5.782  -5.562  -7.934  1.00 42.06 ?  659 THR A OG1   1 
ATOM   347  C CG2   . THR A 1 82  ? -7.540  -4.009  -8.482  1.00 46.02 ?  659 THR A CG2   1 
ATOM   348  N N     . LYS A 1 83  ? -9.302  -6.886  -10.362 1.00 51.50 ?  660 LYS A N     1 
ATOM   349  C CA    . LYS A 1 83  ? -10.503 -6.934  -11.212 1.00 56.18 ?  660 LYS A CA    1 
ATOM   350  C C     . LYS A 1 83  ? -11.642 -7.688  -10.507 1.00 60.21 ?  660 LYS A C     1 
ATOM   351  O O     . LYS A 1 83  ? -12.754 -7.164  -10.385 1.00 59.40 ?  660 LYS A O     1 
ATOM   352  C CB    . LYS A 1 83  ? -10.188 -7.596  -12.555 1.00 54.52 ?  660 LYS A CB    1 
ATOM   353  N N     . LEU A 1 84  ? -11.339 -8.894  -10.015 1.00 62.93 ?  661 LEU A N     1 
ATOM   354  C CA    . LEU A 1 84  ? -12.324 -9.750  -9.331  1.00 61.81 ?  661 LEU A CA    1 
ATOM   355  C C     . LEU A 1 84  ? -12.949 -9.098  -8.097  1.00 63.18 ?  661 LEU A C     1 
ATOM   356  O O     . LEU A 1 84  ? -14.154 -9.197  -7.892  1.00 65.81 ?  661 LEU A O     1 
ATOM   357  C CB    . LEU A 1 84  ? -11.694 -11.093 -8.935  1.00 60.08 ?  661 LEU A CB    1 
ATOM   358  N N     . PHE A 1 85  ? -12.143 -8.416  -7.287  1.00 63.77 ?  662 PHE A N     1 
ATOM   359  C CA    . PHE A 1 85  ? -12.606 -7.932  -5.983  1.00 63.61 ?  662 PHE A CA    1 
ATOM   360  C C     . PHE A 1 85  ? -12.874 -6.425  -5.881  1.00 65.04 ?  662 PHE A C     1 
ATOM   361  O O     . PHE A 1 85  ? -13.723 -6.014  -5.094  1.00 66.01 ?  662 PHE A O     1 
ATOM   362  C CB    . PHE A 1 85  ? -11.616 -8.349  -4.892  1.00 65.04 ?  662 PHE A CB    1 
ATOM   363  C CG    . PHE A 1 85  ? -11.526 -9.840  -4.685  1.00 65.77 ?  662 PHE A CG    1 
ATOM   364  C CD1   . PHE A 1 85  ? -12.577 -10.537 -4.102  1.00 65.38 ?  662 PHE A CD1   1 
ATOM   365  C CD2   . PHE A 1 85  ? -10.389 -10.546 -5.061  1.00 66.41 ?  662 PHE A CD2   1 
ATOM   366  C CE1   . PHE A 1 85  ? -12.500 -11.907 -3.904  1.00 65.88 ?  662 PHE A CE1   1 
ATOM   367  C CE2   . PHE A 1 85  ? -10.306 -11.917 -4.866  1.00 68.09 ?  662 PHE A CE2   1 
ATOM   368  C CZ    . PHE A 1 85  ? -11.362 -12.598 -4.286  1.00 66.77 ?  662 PHE A CZ    1 
ATOM   369  N N     . LYS A 1 86  ? -12.157 -5.602  -6.643  1.00 65.35 ?  663 LYS A N     1 
ATOM   370  C CA    . LYS A 1 86  ? -12.299 -4.144  -6.540  1.00 66.20 ?  663 LYS A CA    1 
ATOM   371  C C     . LYS A 1 86  ? -12.990 -3.566  -7.767  1.00 67.68 ?  663 LYS A C     1 
ATOM   372  O O     . LYS A 1 86  ? -14.026 -2.921  -7.650  1.00 70.00 ?  663 LYS A O     1 
ATOM   373  C CB    . LYS A 1 86  ? -10.936 -3.475  -6.339  0.80 63.96 ?  663 LYS A CB    1 
ATOM   374  N N     . GLY A 1 87  ? -12.413 -3.807  -8.938  1.00 72.15 ?  664 GLY A N     1 
ATOM   375  C CA    . GLY A 1 87  ? -12.923 -3.261  -10.199 1.00 72.06 ?  664 GLY A CA    1 
ATOM   376  C C     . GLY A 1 87  ? -11.815 -3.152  -11.230 1.00 70.48 ?  664 GLY A C     1 
ATOM   377  O O     . GLY A 1 87  ? -10.730 -3.712  -11.046 1.00 73.85 ?  664 GLY A O     1 
ATOM   378  N N     . GLN A 1 88  ? -12.077 -2.431  -12.315 1.00 68.06 ?  665 GLN A N     1 
ATOM   379  C CA    . GLN A 1 88  ? -11.079 -2.243  -13.361 0.50 65.86 ?  665 GLN A CA    1 
ATOM   380  C C     . GLN A 1 88  ? -9.868  -1.494  -12.806 1.00 64.91 ?  665 GLN A C     1 
ATOM   381  O O     . GLN A 1 88  ? -10.011 -0.635  -11.934 1.00 66.00 ?  665 GLN A O     1 
ATOM   382  N N     . VAL A 1 89  ? -8.678  -1.864  -13.271 1.00 61.15 ?  666 VAL A N     1 
ATOM   383  C CA    . VAL A 1 89  ? -7.478  -1.069  -13.038 1.00 60.33 ?  666 VAL A CA    1 
ATOM   384  C C     . VAL A 1 89  ? -7.110  -0.452  -14.368 1.00 56.64 ?  666 VAL A C     1 
ATOM   385  O O     . VAL A 1 89  ? -7.221  -1.096  -15.399 1.00 60.30 ?  666 VAL A O     1 
ATOM   386  C CB    . VAL A 1 89  ? -6.261  -1.879  -12.505 1.00 62.51 ?  666 VAL A CB    1 
ATOM   387  C CG1   . VAL A 1 89  ? -6.474  -2.287  -11.065 1.00 64.72 ?  666 VAL A CG1   1 
ATOM   388  C CG2   . VAL A 1 89  ? -5.945  -3.100  -13.365 1.00 65.82 ?  666 VAL A CG2   1 
ATOM   389  N N     . VAL A 1 90  ? -6.678  0.797   -14.348 1.00 53.36 ?  667 VAL A N     1 
ATOM   390  C CA    . VAL A 1 90  ? -6.205  1.447   -15.557 1.00 51.32 ?  667 VAL A CA    1 
ATOM   391  C C     . VAL A 1 90  ? -4.846  0.874   -15.920 1.00 50.45 ?  667 VAL A C     1 
ATOM   392  O O     . VAL A 1 90  ? -4.622  0.447   -17.049 1.00 51.51 ?  667 VAL A O     1 
ATOM   393  C CB    . VAL A 1 90  ? -6.102  2.969   -15.363 1.00 52.20 ?  667 VAL A CB    1 
ATOM   394  C CG1   . VAL A 1 90  ? -5.586  3.650   -16.624 1.00 52.20 ?  667 VAL A CG1   1 
ATOM   395  C CG2   . VAL A 1 90  ? -7.463  3.528   -14.975 1.00 52.85 ?  667 VAL A CG2   1 
ATOM   396  N N     . GLN A 1 91  ? -3.934  0.855   -14.957 1.00 47.23 ?  668 GLN A N     1 
ATOM   397  C CA    . GLN A 1 91  ? -2.579  0.406   -15.224 1.00 44.29 ?  668 GLN A CA    1 
ATOM   398  C C     . GLN A 1 91  ? -2.384  -1.032  -14.854 1.00 41.77 ?  668 GLN A C     1 
ATOM   399  O O     . GLN A 1 91  ? -3.011  -1.536  -13.929 1.00 44.16 ?  668 GLN A O     1 
ATOM   400  C CB    . GLN A 1 91  ? -1.579  1.251   -14.452 1.00 43.78 ?  668 GLN A CB    1 
ATOM   401  C CG    . GLN A 1 91  ? -1.511  2.679   -14.929 1.00 44.75 ?  668 GLN A CG    1 
ATOM   402  C CD    . GLN A 1 91  ? -0.600  3.516   -14.059 1.00 44.69 ?  668 GLN A CD    1 
ATOM   403  O OE1   . GLN A 1 91  ? -0.878  3.740   -12.880 1.00 39.24 ?  668 GLN A OE1   1 
ATOM   404  N NE2   . GLN A 1 91  ? 0.500   3.971   -14.632 1.00 46.31 ?  668 GLN A NE2   1 
ATOM   405  N N     . THR A 1 92  ? -1.471  -1.672  -15.569 1.00 41.56 ?  669 THR A N     1 
ATOM   406  C CA    . THR A 1 92  ? -1.112  -3.058  -15.329 1.00 41.32 ?  669 THR A CA    1 
ATOM   407  C C     . THR A 1 92  ? -0.247  -3.161  -14.073 1.00 39.56 ?  669 THR A C     1 
ATOM   408  O O     . THR A 1 92  ? 0.256   -2.156  -13.566 1.00 38.77 ?  669 THR A O     1 
ATOM   409  C CB    . THR A 1 92  ? -0.293  -3.628  -16.504 1.00 43.08 ?  669 THR A CB    1 
ATOM   410  O OG1   . THR A 1 92  ? 0.973   -2.956  -16.586 1.00 41.65 ?  669 THR A OG1   1 
ATOM   411  C CG2   . THR A 1 92  ? -1.039  -3.479  -17.838 1.00 43.31 ?  669 THR A CG2   1 
ATOM   412  N N     . LEU A 1 93  ? -0.066  -4.380  -13.590 1.00 37.90 ?  670 LEU A N     1 
ATOM   413  C CA    . LEU A 1 93  ? 0.816   -4.648  -12.455 1.00 38.15 ?  670 LEU A CA    1 
ATOM   414  C C     . LEU A 1 93  ? 2.222   -4.089  -12.728 1.00 37.59 ?  670 LEU A C     1 
ATOM   415  O O     . LEU A 1 93  ? 2.811   -3.439  -11.868 1.00 34.99 ?  670 LEU A O     1 
ATOM   416  C CB    . LEU A 1 93  ? 0.867   -6.155  -12.155 1.00 37.04 ?  670 LEU A CB    1 
ATOM   417  C CG    . LEU A 1 93  ? 1.832   -6.652  -11.070 1.00 38.30 ?  670 LEU A CG    1 
ATOM   418  C CD1   . LEU A 1 93  ? 1.489   -6.019  -9.732  1.00 39.18 ?  670 LEU A CD1   1 
ATOM   419  C CD2   . LEU A 1 93  ? 1.797   -8.172  -10.964 1.00 38.21 ?  670 LEU A CD2   1 
ATOM   420  N N     . GLU A 1 94  ? 2.741   -4.322  -13.929 1.00 37.05 ?  671 GLU A N     1 
ATOM   421  C CA    . GLU A 1 94  ? 4.079   -3.866  -14.277 1.00 39.71 ?  671 GLU A CA    1 
ATOM   422  C C     . GLU A 1 94  ? 4.199   -2.345  -14.199 1.00 38.33 ?  671 GLU A C     1 
ATOM   423  O O     . GLU A 1 94  ? 5.181   -1.836  -13.662 1.00 35.26 ?  671 GLU A O     1 
ATOM   424  C CB    . GLU A 1 94  ? 4.501   -4.344  -15.675 1.00 44.92 ?  671 GLU A CB    1 
ATOM   425  C CG    . GLU A 1 94  ? 5.977   -4.069  -15.967 1.00 49.70 ?  671 GLU A CG    1 
ATOM   426  C CD    . GLU A 1 94  ? 6.411   -4.420  -17.386 1.00 57.48 ?  671 GLU A CD    1 
ATOM   427  O OE1   . GLU A 1 94  ? 7.632   -4.612  -17.593 1.00 62.09 ?  671 GLU A OE1   1 
ATOM   428  O OE2   . GLU A 1 94  ? 5.549   -4.495  -18.293 1.00 60.61 -1 671 GLU A OE2   1 
ATOM   429  N N     . GLU A 1 95  ? 3.209   -1.639  -14.741 1.00 34.95 ?  672 GLU A N     1 
ATOM   430  C CA    . GLU A 1 95  ? 3.167   -0.184  -14.675 1.00 36.34 ?  672 GLU A CA    1 
ATOM   431  C C     . GLU A 1 95  ? 3.015   0.338   -13.257 1.00 33.06 ?  672 GLU A C     1 
ATOM   432  O O     . GLU A 1 95  ? 3.678   1.279   -12.871 1.00 31.63 ?  672 GLU A O     1 
ATOM   433  C CB    . GLU A 1 95  ? 1.999   0.356   -15.510 1.00 38.61 ?  672 GLU A CB    1 
ATOM   434  C CG    . GLU A 1 95  ? 2.237   0.260   -17.008 1.00 43.44 ?  672 GLU A CG    1 
ATOM   435  C CD    . GLU A 1 95  ? 0.976   0.446   -17.843 1.00 47.31 ?  672 GLU A CD    1 
ATOM   436  O OE1   . GLU A 1 95  ? -0.144  0.522   -17.299 1.00 46.93 ?  672 GLU A OE1   1 
ATOM   437  O OE2   . GLU A 1 95  ? 1.110   0.516   -19.079 1.00 53.43 -1 672 GLU A OE2   1 
ATOM   438  N N     . ARG A 1 96  ? 2.108   -0.248  -12.488 1.00 31.73 ?  673 ARG A N     1 
ATOM   439  C CA    . ARG A 1 96  ? 1.869   0.219   -11.124 1.00 31.57 ?  673 ARG A CA    1 
ATOM   440  C C     . ARG A 1 96  ? 3.140   0.033   -10.272 1.00 31.37 ?  673 ARG A C     1 
ATOM   441  O O     . ARG A 1 96  ? 3.520   0.895   -9.474  1.00 32.38 ?  673 ARG A O     1 
ATOM   442  C CB    . ARG A 1 96  ? 0.650   -0.497  -10.544 1.00 32.34 ?  673 ARG A CB    1 
ATOM   443  C CG    . ARG A 1 96  ? -0.644  -0.074  -11.240 1.00 33.61 ?  673 ARG A CG    1 
ATOM   444  C CD    . ARG A 1 96  ? -1.899  -0.719  -10.676 1.00 36.04 ?  673 ARG A CD    1 
ATOM   445  N NE    . ARG A 1 96  ? -2.091  -2.129  -11.046 1.00 34.39 ?  673 ARG A NE    1 
ATOM   446  C CZ    . ARG A 1 96  ? -2.118  -3.158  -10.200 1.00 34.70 ?  673 ARG A CZ    1 
ATOM   447  N NH1   . ARG A 1 96  ? -2.318  -4.385  -10.678 1.00 36.06 1  673 ARG A NH1   1 
ATOM   448  N NH2   . ARG A 1 96  ? -1.936  -2.996  -8.884  1.00 32.50 ?  673 ARG A NH2   1 
ATOM   449  N N     . THR A 1 97  ? 3.817   -1.082  -10.502 1.00 30.48 ?  674 THR A N     1 
ATOM   450  C CA    . THR A 1 97  ? 5.052   -1.421  -9.820  1.00 29.82 ?  674 THR A CA    1 
ATOM   451  C C     . THR A 1 97  ? 6.226   -0.506  -10.230 1.00 30.66 ?  674 THR A C     1 
ATOM   452  O O     . THR A 1 97  ? 7.019   -0.070  -9.387  1.00 30.77 ?  674 THR A O     1 
ATOM   453  C CB    . THR A 1 97  ? 5.408   -2.886  -10.124 1.00 30.51 ?  674 THR A CB    1 
ATOM   454  O OG1   . THR A 1 97  ? 4.324   -3.730  -9.712  1.00 30.68 ?  674 THR A OG1   1 
ATOM   455  C CG2   . THR A 1 97  ? 6.679   -3.324  -9.387  1.00 30.21 ?  674 THR A CG2   1 
ATOM   456  N N     . GLU A 1 98  ? 6.349   -0.233  -11.524 1.00 31.45 ?  675 GLU A N     1 
ATOM   457  C CA    . GLU A 1 98  ? 7.452   0.587   -12.019 1.00 33.01 ?  675 GLU A CA    1 
ATOM   458  C C     . GLU A 1 98  ? 7.419   2.015   -11.465 1.00 32.61 ?  675 GLU A C     1 
ATOM   459  O O     . GLU A 1 98  ? 8.464   2.596   -11.169 1.00 31.87 ?  675 GLU A O     1 
ATOM   460  C CB    . GLU A 1 98  ? 7.458   0.639   -13.546 1.00 35.42 ?  675 GLU A CB    1 
ATOM   461  C CG    . GLU A 1 98  ? 8.734   1.263   -14.105 1.00 38.79 ?  675 GLU A CG    1 
ATOM   462  C CD    . GLU A 1 98  ? 8.904   1.049   -15.599 1.00 41.90 ?  675 GLU A CD    1 
ATOM   463  O OE1   . GLU A 1 98  ? 9.739   1.758   -16.215 1.00 41.55 ?  675 GLU A OE1   1 
ATOM   464  O OE2   . GLU A 1 98  ? 8.194   0.186   -16.150 1.00 42.75 -1 675 GLU A OE2   1 
ATOM   465  N N     . THR A 1 99  ? 6.225   2.582   -11.346 1.00 31.60 ?  676 THR A N     1 
ATOM   466  C CA    . THR A 1 99  ? 6.077   3.926   -10.779 1.00 31.97 ?  676 THR A CA    1 
ATOM   467  C C     . THR A 1 99  ? 6.488   3.982   -9.333  1.00 30.14 ?  676 THR A C     1 
ATOM   468  O O     . THR A 1 99  ? 7.221   4.882   -8.911  1.00 28.41 ?  676 THR A O     1 
ATOM   469  C CB    . THR A 1 99  ? 4.631   4.399   -10.893 1.00 32.90 ?  676 THR A CB    1 
ATOM   470  O OG1   . THR A 1 99  ? 4.253   4.314   -12.258 1.00 35.18 ?  676 THR A OG1   1 
ATOM   471  C CG2   . THR A 1 99  ? 4.499   5.820   -10.436 1.00 35.15 ?  676 THR A CG2   1 
ATOM   472  N N     . LEU A 1 100 ? 6.032   3.001   -8.572  1.00 28.44 ?  677 LEU A N     1 
ATOM   473  C CA    . LEU A 1 100 ? 6.342   2.934   -7.151  1.00 28.81 ?  677 LEU A CA    1 
ATOM   474  C C     . LEU A 1 100 ? 7.821   2.884   -6.833  1.00 28.01 ?  677 LEU A C     1 
ATOM   475  O O     . LEU A 1 100 ? 8.240   3.368   -5.785  1.00 26.77 ?  677 LEU A O     1 
ATOM   476  C CB    . LEU A 1 100 ? 5.702   1.700   -6.530  1.00 29.45 ?  677 LEU A CB    1 
ATOM   477  C CG    . LEU A 1 100 ? 4.267   1.841   -6.080  1.00 30.65 ?  677 LEU A CG    1 
ATOM   478  C CD1   . LEU A 1 100 ? 3.700   0.453   -5.795  1.00 31.48 ?  677 LEU A CD1   1 
ATOM   479  C CD2   . LEU A 1 100 ? 4.172   2.721   -4.850  1.00 30.43 ?  677 LEU A CD2   1 
ATOM   480  N N     . LYS A 1 101 ? 8.586   2.250   -7.720  1.00 28.53 ?  678 LYS A N     1 
ATOM   481  C CA    . LYS A 1 101 ? 10.051  2.148   -7.643  1.00 29.70 ?  678 LYS A CA    1 
ATOM   482  C C     . LYS A 1 101 ? 10.720  3.522   -7.473  1.00 28.84 ?  678 LYS A C     1 
ATOM   483  O O     . LYS A 1 101 ? 11.769  3.649   -6.832  1.00 30.35 ?  678 LYS A O     1 
ATOM   484  C CB    . LYS A 1 101 ? 10.550  1.506   -8.954  1.00 32.24 ?  678 LYS A CB    1 
ATOM   485  C CG    . LYS A 1 101 ? 12.033  1.600   -9.213  1.00 35.32 ?  678 LYS A CG    1 
ATOM   486  C CD    . LYS A 1 101 ? 12.423  0.944   -10.524 1.00 38.08 ?  678 LYS A CD    1 
ATOM   487  C CE    . LYS A 1 101 ? 12.060  1.817   -11.711 1.00 39.18 ?  678 LYS A CE    1 
ATOM   488  N NZ    . LYS A 1 101 ? 12.706  1.328   -12.952 1.00 41.37 1  678 LYS A NZ    1 
ATOM   489  N N     . HIS A 1 102 ? 10.105  4.539   -8.054  1.00 26.58 ?  679 HIS A N     1 
ATOM   490  C CA    . HIS A 1 102 ? 10.646  5.892   -8.022  1.00 29.17 ?  679 HIS A CA    1 
ATOM   491  C C     . HIS A 1 102 ? 10.263  6.685   -6.764  1.00 29.90 ?  679 HIS A C     1 
ATOM   492  O O     . HIS A 1 102 ? 10.561  7.869   -6.694  1.00 31.53 ?  679 HIS A O     1 
ATOM   493  C CB    . HIS A 1 102 ? 10.153  6.659   -9.251  1.00 30.15 ?  679 HIS A CB    1 
ATOM   494  C CG    . HIS A 1 102 ? 10.686  6.134   -10.554 1.00 31.28 ?  679 HIS A CG    1 
ATOM   495  N ND1   . HIS A 1 102 ? 9.955   5.300   -11.373 1.00 33.92 ?  679 HIS A ND1   1 
ATOM   496  C CD2   . HIS A 1 102 ? 11.855  6.354   -11.196 1.00 32.28 ?  679 HIS A CD2   1 
ATOM   497  C CE1   . HIS A 1 102 ? 10.661  5.011   -12.450 1.00 33.94 ?  679 HIS A CE1   1 
ATOM   498  N NE2   . HIS A 1 102 ? 11.824  5.630   -12.362 1.00 34.63 ?  679 HIS A NE2   1 
ATOM   499  N N     . ILE A 1 103 ? 9.590   6.065   -5.792  1.00 27.70 ?  680 ILE A N     1 
ATOM   500  C CA    . ILE A 1 103 ? 9.137   6.799   -4.604  1.00 25.82 ?  680 ILE A CA    1 
ATOM   501  C C     . ILE A 1 103 ? 10.184  6.624   -3.505  1.00 27.00 ?  680 ILE A C     1 
ATOM   502  O O     . ILE A 1 103 ? 10.615  5.520   -3.217  1.00 25.91 ?  680 ILE A O     1 
ATOM   503  C CB    . ILE A 1 103 ? 7.750   6.336   -4.155  1.00 26.57 ?  680 ILE A CB    1 
ATOM   504  C CG1   . ILE A 1 103 ? 6.722   6.580   -5.284  1.00 25.96 ?  680 ILE A CG1   1 
ATOM   505  C CG2   . ILE A 1 103 ? 7.292   7.071   -2.896  1.00 25.42 ?  680 ILE A CG2   1 
ATOM   506  C CD1   . ILE A 1 103 ? 6.650   8.005   -5.768  1.00 25.92 ?  680 ILE A CD1   1 
ATOM   507  N N     . ARG A 1 104 ? 10.585  7.749   -2.932  1.00 27.56 ?  681 ARG A N     1 
ATOM   508  C CA    . ARG A 1 104 ? 11.660  7.852   -1.947  1.00 29.32 ?  681 ARG A CA    1 
ATOM   509  C C     . ARG A 1 104 ? 11.495  6.889   -0.769  1.00 28.91 ?  681 ARG A C     1 
ATOM   510  O O     . ARG A 1 104 ? 12.471  6.321   -0.261  1.00 29.68 ?  681 ARG A O     1 
ATOM   511  C CB    . ARG A 1 104 ? 11.635  9.281   -1.413  1.00 32.63 ?  681 ARG A CB    1 
ATOM   512  C CG    . ARG A 1 104 ? 12.794  9.675   -0.537  1.00 34.65 ?  681 ARG A CG    1 
ATOM   513  C CD    . ARG A 1 104 ? 12.546  11.026  0.095   1.00 34.22 ?  681 ARG A CD    1 
ATOM   514  N NE    . ARG A 1 104 ? 12.364  12.078  -0.897  1.00 36.76 ?  681 ARG A NE    1 
ATOM   515  C CZ    . ARG A 1 104 ? 13.355  12.632  -1.611  1.00 38.85 ?  681 ARG A CZ    1 
ATOM   516  N NH1   . ARG A 1 104 ? 14.614  12.232  -1.462  1.00 37.62 1  681 ARG A NH1   1 
ATOM   517  N NH2   . ARG A 1 104 ? 13.078  13.601  -2.479  1.00 39.29 ?  681 ARG A NH2   1 
ATOM   518  N N     . TRP A 1 105 ? 10.261  6.724   -0.319  1.00 28.09 ?  682 TRP A N     1 
ATOM   519  C CA    . TRP A 1 105 ? 10.019  6.004   0.930   1.00 27.99 ?  682 TRP A CA    1 
ATOM   520  C C     . TRP A 1 105 ? 10.036  4.490   0.753   1.00 28.04 ?  682 TRP A C     1 
ATOM   521  O O     . TRP A 1 105 ? 10.048  3.784   1.732   1.00 27.66 ?  682 TRP A O     1 
ATOM   522  C CB    . TRP A 1 105 ? 8.679   6.401   1.545   1.00 28.62 ?  682 TRP A CB    1 
ATOM   523  C CG    . TRP A 1 105 ? 8.355   7.812   1.338   1.00 28.83 ?  682 TRP A CG    1 
ATOM   524  C CD1   . TRP A 1 105 ? 7.393   8.297   0.524   1.00 26.97 ?  682 TRP A CD1   1 
ATOM   525  C CD2   . TRP A 1 105 ? 9.008   8.945   1.923   1.00 27.44 ?  682 TRP A CD2   1 
ATOM   526  N NE1   . TRP A 1 105 ? 7.392   9.647   0.570   1.00 28.37 ?  682 TRP A NE1   1 
ATOM   527  C CE2   . TRP A 1 105 ? 8.372   10.081  1.421   1.00 27.31 ?  682 TRP A CE2   1 
ATOM   528  C CE3   . TRP A 1 105 ? 10.060  9.102   2.831   1.00 28.49 ?  682 TRP A CE3   1 
ATOM   529  C CZ2   . TRP A 1 105 ? 8.755   11.368  1.772   1.00 29.75 ?  682 TRP A CZ2   1 
ATOM   530  C CZ3   . TRP A 1 105 ? 10.443  10.369  3.185   1.00 27.70 ?  682 TRP A CZ3   1 
ATOM   531  C CH2   . TRP A 1 105 ? 9.796   11.497  2.656   1.00 30.05 ?  682 TRP A CH2   1 
ATOM   532  N N     . VAL A 1 106 ? 10.016  4.011   -0.486  1.00 28.22 ?  683 VAL A N     1 
ATOM   533  C CA    . VAL A 1 106 ? 9.868   2.580   -0.792  1.00 30.12 ?  683 VAL A CA    1 
ATOM   534  C C     . VAL A 1 106 ? 11.235  1.916   -0.771  1.00 30.32 ?  683 VAL A C     1 
ATOM   535  O O     . VAL A 1 106 ? 12.126  2.313   -1.518  1.00 28.06 ?  683 VAL A O     1 
ATOM   536  C CB    . VAL A 1 106 ? 9.206   2.399   -2.166  1.00 29.42 ?  683 VAL A CB    1 
ATOM   537  C CG1   . VAL A 1 106 ? 9.087   0.931   -2.552  1.00 31.06 ?  683 VAL A CG1   1 
ATOM   538  C CG2   . VAL A 1 106 ? 7.847   3.069   -2.166  1.00 27.93 ?  683 VAL A CG2   1 
ATOM   539  N N     . ASP A 1 107 ? 11.393  0.920   0.091   1.00 28.58 ?  684 ASP A N     1 
ATOM   540  C CA    . ASP A 1 107 ? 12.624  0.149   0.178   1.00 30.07 ?  684 ASP A CA    1 
ATOM   541  C C     . ASP A 1 107 ? 12.566  -1.158  -0.623  1.00 30.18 ?  684 ASP A C     1 
ATOM   542  O O     . ASP A 1 107 ? 13.547  -1.520  -1.283  1.00 32.19 ?  684 ASP A O     1 
ATOM   543  C CB    . ASP A 1 107 ? 12.960  -0.116  1.648   1.00 31.06 ?  684 ASP A CB    1 
ATOM   544  C CG    . ASP A 1 107 ? 13.158  1.177   2.429   1.00 33.01 ?  684 ASP A CG    1 
ATOM   545  O OD1   . ASP A 1 107 ? 13.870  2.064   1.933   1.00 35.24 ?  684 ASP A OD1   1 
ATOM   546  O OD2   . ASP A 1 107 ? 12.576  1.348   3.514   1.00 30.66 -1 684 ASP A OD2   1 
ATOM   547  N N     . GLU A 1 108 ? 11.428  -1.855  -0.577  1.00 29.91 ?  685 GLU A N     1 
ATOM   548  C CA    . GLU A 1 108 ? 11.249  -3.119  -1.292  1.00 29.58 ?  685 GLU A CA    1 
ATOM   549  C C     . GLU A 1 108 ? 9.820   -3.224  -1.804  1.00 27.97 ?  685 GLU A C     1 
ATOM   550  O O     . GLU A 1 108 ? 8.892   -2.669  -1.221  1.00 29.05 ?  685 GLU A O     1 
ATOM   551  C CB    . GLU A 1 108 ? 11.567  -4.316  -0.402  1.00 32.45 ?  685 GLU A CB    1 
ATOM   552  C CG    . GLU A 1 108 ? 12.832  -4.164  0.444   1.00 36.32 ?  685 GLU A CG    1 
ATOM   553  C CD    . GLU A 1 108 ? 13.150  -5.394  1.302   1.00 40.97 ?  685 GLU A CD    1 
ATOM   554  O OE1   . GLU A 1 108 ? 12.398  -6.401  1.233   1.00 45.71 ?  685 GLU A OE1   1 
ATOM   555  O OE2   . GLU A 1 108 ? 14.150  -5.349  2.054   1.00 44.60 -1 685 GLU A OE2   1 
ATOM   556  N N     . ILE A 1 109 ? 9.646   -3.910  -2.916  1.00 25.85 ?  686 ILE A N     1 
ATOM   557  C CA    . ILE A 1 109 ? 8.308   -4.134  -3.454  1.00 26.46 ?  686 ILE A CA    1 
ATOM   558  C C     . ILE A 1 109 ? 8.066   -5.629  -3.631  1.00 27.71 ?  686 ILE A C     1 
ATOM   559  O O     . ILE A 1 109 ? 8.939   -6.331  -4.119  1.00 27.83 ?  686 ILE A O     1 
ATOM   560  C CB    . ILE A 1 109 ? 8.120   -3.432  -4.793  1.00 27.09 ?  686 ILE A CB    1 
ATOM   561  C CG1   . ILE A 1 109 ? 8.315   -1.912  -4.622  1.00 28.88 ?  686 ILE A CG1   1 
ATOM   562  C CG2   . ILE A 1 109 ? 6.743   -3.753  -5.373  1.00 28.46 ?  686 ILE A CG2   1 
ATOM   563  C CD1   . ILE A 1 109 ? 8.185   -1.134  -5.905  1.00 28.24 ?  686 ILE A CD1   1 
ATOM   564  N N     . ILE A 1 110 ? 6.875   -6.084  -3.237  1.00 28.72 ?  687 ILE A N     1 
ATOM   565  C CA    . ILE A 1 110 ? 6.399   -7.430  -3.526  1.00 29.64 ?  687 ILE A CA    1 
ATOM   566  C C     . ILE A 1 110 ? 5.282   -7.322  -4.558  1.00 29.27 ?  687 ILE A C     1 
ATOM   567  O O     . ILE A 1 110 ? 4.201   -6.836  -4.256  1.00 29.05 ?  687 ILE A O     1 
ATOM   568  C CB    . ILE A 1 110 ? 5.908   -8.147  -2.256  1.00 30.31 ?  687 ILE A CB    1 
ATOM   569  C CG1   . ILE A 1 110 ? 7.090   -8.377  -1.299  1.00 30.07 ?  687 ILE A CG1   1 
ATOM   570  C CG2   . ILE A 1 110 ? 5.267   -9.484  -2.616  1.00 32.50 ?  687 ILE A CG2   1 
ATOM   571  C CD1   . ILE A 1 110 ? 6.667   -8.656  0.133   1.00 33.65 ?  687 ILE A CD1   1 
ATOM   572  N N     . SER A 1 111 ? 5.559   -7.797  -5.770  1.00 28.42 ?  688 SER A N     1 
ATOM   573  C CA    . SER A 1 111 ? 4.683   -7.600  -6.914  1.00 29.97 ?  688 SER A CA    1 
ATOM   574  C C     . SER A 1 111 ? 4.620   -8.872  -7.766  1.00 31.90 ?  688 SER A C     1 
ATOM   575  O O     . SER A 1 111 ? 5.624   -9.214  -8.388  1.00 31.51 ?  688 SER A O     1 
ATOM   576  C CB    . SER A 1 111 ? 5.281   -6.487  -7.784  1.00 32.11 ?  688 SER A CB    1 
ATOM   577  O OG    . SER A 1 111 ? 4.466   -6.181  -8.913  1.00 33.36 ?  688 SER A OG    1 
ATOM   578  N N     . PRO A 1 112 ? 3.459   -9.555  -7.834  1.00 32.61 ?  689 PRO A N     1 
ATOM   579  C CA    . PRO A 1 112 ? 2.205   -9.271  -7.145  1.00 33.29 ?  689 PRO A CA    1 
ATOM   580  C C     . PRO A 1 112 ? 2.301   -9.657  -5.690  1.00 33.15 ?  689 PRO A C     1 
ATOM   581  O O     . PRO A 1 112 ? 3.194   -10.407 -5.307  1.00 34.68 ?  689 PRO A O     1 
ATOM   582  C CB    . PRO A 1 112 ? 1.183   -10.153 -7.882  1.00 35.04 ?  689 PRO A CB    1 
ATOM   583  C CG    . PRO A 1 112 ? 1.971   -11.285 -8.436  1.00 34.10 ?  689 PRO A CG    1 
ATOM   584  C CD    . PRO A 1 112 ? 3.385   -10.806 -8.620  1.00 33.77 ?  689 PRO A CD    1 
ATOM   585  N N     . CYS A 1 113 ? 1.433   -9.081  -4.869  1.00 34.80 ?  690 CYS A N     1 
ATOM   586  C CA    . CYS A 1 113 ? 1.313   -9.478  -3.486  1.00 34.01 ?  690 CYS A CA    1 
ATOM   587  C C     . CYS A 1 113 ? 0.001   -10.257 -3.334  1.00 35.19 ?  690 CYS A C     1 
ATOM   588  O O     . CYS A 1 113 ? -0.920  -10.117 -4.164  1.00 32.47 ?  690 CYS A O     1 
ATOM   589  C CB    . CYS A 1 113 ? 1.294   -8.263  -2.559  1.00 34.69 ?  690 CYS A CB    1 
ATOM   590  S SG    . CYS A 1 113 ? -0.169  -7.231  -2.773  1.00 34.94 ?  690 CYS A SG    1 
ATOM   591  N N     . PRO A 1 114 ? -0.092  -11.063 -2.273  1.00 36.29 ?  691 PRO A N     1 
ATOM   592  C CA    . PRO A 1 114 ? -1.348  -11.749 -1.960  1.00 36.91 ?  691 PRO A CA    1 
ATOM   593  C C     . PRO A 1 114 ? -2.468  -10.759 -1.783  1.00 38.87 ?  691 PRO A C     1 
ATOM   594  O O     . PRO A 1 114 ? -2.245  -9.647  -1.289  1.00 38.84 ?  691 PRO A O     1 
ATOM   595  C CB    . PRO A 1 114 ? -1.048  -12.427 -0.627  1.00 36.62 ?  691 PRO A CB    1 
ATOM   596  C CG    . PRO A 1 114 ? 0.418   -12.697 -0.677  1.00 37.98 ?  691 PRO A CG    1 
ATOM   597  C CD    . PRO A 1 114 ? 1.016   -11.519 -1.407  1.00 37.44 ?  691 PRO A CD    1 
ATOM   598  N N     . TRP A 1 115 ? -3.667  -11.146 -2.181  1.00 38.98 ?  692 TRP A N     1 
ATOM   599  C CA    . TRP A 1 115 ? -4.802  -10.280 -1.959  1.00 42.27 ?  692 TRP A CA    1 
ATOM   600  C C     . TRP A 1 115 ? -5.086  -10.103 -0.460  1.00 41.17 ?  692 TRP A C     1 
ATOM   601  O O     . TRP A 1 115 ? -5.385  -8.993  -0.028  1.00 42.34 ?  692 TRP A O     1 
ATOM   602  C CB    . TRP A 1 115 ? -6.044  -10.781 -2.684  1.00 44.95 ?  692 TRP A CB    1 
ATOM   603  C CG    . TRP A 1 115 ? -7.142  -9.809  -2.571  1.00 48.04 ?  692 TRP A CG    1 
ATOM   604  C CD1   . TRP A 1 115 ? -8.204  -9.870  -1.716  1.00 51.79 ?  692 TRP A CD1   1 
ATOM   605  C CD2   . TRP A 1 115 ? -7.274  -8.583  -3.295  1.00 51.13 ?  692 TRP A CD2   1 
ATOM   606  N NE1   . TRP A 1 115 ? -9.006  -8.768  -1.884  1.00 54.57 ?  692 TRP A NE1   1 
ATOM   607  C CE2   . TRP A 1 115 ? -8.457  -7.959  -2.846  1.00 53.10 ?  692 TRP A CE2   1 
ATOM   608  C CE3   . TRP A 1 115 ? -6.521  -7.960  -4.293  1.00 50.31 ?  692 TRP A CE3   1 
ATOM   609  C CZ2   . TRP A 1 115 ? -8.901  -6.739  -3.360  1.00 54.06 ?  692 TRP A CZ2   1 
ATOM   610  C CZ3   . TRP A 1 115 ? -6.958  -6.746  -4.801  1.00 50.50 ?  692 TRP A CZ3   1 
ATOM   611  C CH2   . TRP A 1 115 ? -8.137  -6.148  -4.336  1.00 54.60 ?  692 TRP A CH2   1 
ATOM   612  N N     . VAL A 1 116 ? -4.962  -11.180 0.317   1.00 38.18 ?  693 VAL A N     1 
ATOM   613  C CA    . VAL A 1 116 ? -5.221  -11.154 1.757   1.00 37.61 ?  693 VAL A CA    1 
ATOM   614  C C     . VAL A 1 116 ? -3.932  -11.474 2.493   1.00 36.55 ?  693 VAL A C     1 
ATOM   615  O O     . VAL A 1 116 ? -3.242  -12.429 2.145   1.00 34.77 ?  693 VAL A O     1 
ATOM   616  C CB    . VAL A 1 116 ? -6.284  -12.200 2.160   1.00 40.89 ?  693 VAL A CB    1 
ATOM   617  C CG1   . VAL A 1 116 ? -6.519  -12.185 3.672   1.00 42.06 ?  693 VAL A CG1   1 
ATOM   618  C CG2   . VAL A 1 116 ? -7.590  -11.936 1.414   1.00 41.81 ?  693 VAL A CG2   1 
ATOM   619  N N     . VAL A 1 117 ? -3.616  -10.684 3.514   1.00 34.07 ?  694 VAL A N     1 
ATOM   620  C CA    . VAL A 1 117 ? -2.441  -10.950 4.358   1.00 34.71 ?  694 VAL A CA    1 
ATOM   621  C C     . VAL A 1 117 ? -2.710  -12.157 5.263   1.00 37.13 ?  694 VAL A C     1 
ATOM   622  O O     . VAL A 1 117 ? -3.818  -12.300 5.771   1.00 35.85 ?  694 VAL A O     1 
ATOM   623  C CB    . VAL A 1 117 ? -2.104  -9.751  5.260   1.00 34.78 ?  694 VAL A CB    1 
ATOM   624  C CG1   . VAL A 1 117 ? -0.941  -10.082 6.199   1.00 35.55 ?  694 VAL A CG1   1 
ATOM   625  C CG2   . VAL A 1 117 ? -1.768  -8.532  4.408   1.00 37.15 ?  694 VAL A CG2   1 
ATOM   626  N N     . THR A 1 118 ? -1.687  -12.986 5.477   1.00 37.01 ?  695 THR A N     1 
ATOM   627  C CA    . THR A 1 118 ? -1.781  -14.140 6.371   1.00 38.46 ?  695 THR A CA    1 
ATOM   628  C C     . THR A 1 118 ? -0.608  -14.115 7.347   1.00 37.69 ?  695 THR A C     1 
ATOM   629  O O     . THR A 1 118 ? 0.415   -13.489 7.072   1.00 35.27 ?  695 THR A O     1 
ATOM   630  C CB    . THR A 1 118 ? -1.685  -15.476 5.599   1.00 37.53 ?  695 THR A CB    1 
ATOM   631  O OG1   . THR A 1 118 ? -0.354  -15.631 5.103   1.00 37.35 ?  695 THR A OG1   1 
ATOM   632  C CG2   . THR A 1 118 ? -2.633  -15.524 4.428   1.00 36.51 ?  695 THR A CG2   1 
ATOM   633  N N     . PRO A 1 119 ? -0.737  -14.832 8.473   1.00 39.96 ?  696 PRO A N     1 
ATOM   634  C CA    . PRO A 1 119 ? 0.370   -14.978 9.418   1.00 40.41 ?  696 PRO A CA    1 
ATOM   635  C C     . PRO A 1 119 ? 1.619   -15.567 8.797   1.00 39.32 ?  696 PRO A C     1 
ATOM   636  O O     . PRO A 1 119 ? 2.722   -15.178 9.166   1.00 42.14 ?  696 PRO A O     1 
ATOM   637  C CB    . PRO A 1 119 ? -0.188  -15.949 10.468  1.00 40.46 ?  696 PRO A CB    1 
ATOM   638  C CG    . PRO A 1 119 ? -1.670  -15.753 10.417  1.00 40.57 ?  696 PRO A CG    1 
ATOM   639  C CD    . PRO A 1 119 ? -2.001  -15.385 9.006   1.00 40.77 ?  696 PRO A CD    1 
ATOM   640  N N     . GLU A 1 120 ? 1.441   -16.521 7.888   1.00 40.27 ?  697 GLU A N     1 
ATOM   641  C CA    . GLU A 1 120 ? 2.562   -17.173 7.218   1.00 41.41 ?  697 GLU A CA    1 
ATOM   642  C C     . GLU A 1 120 ? 3.331   -16.153 6.349   1.00 37.33 ?  697 GLU A C     1 
ATOM   643  O O     . GLU A 1 120 ? 4.560   -16.111 6.368   1.00 33.02 ?  697 GLU A O     1 
ATOM   644  C CB    . GLU A 1 120 ? 2.071   -18.352 6.353   1.00 46.83 ?  697 GLU A CB    1 
ATOM   645  C CG    . GLU A 1 120 ? 1.463   -19.525 7.133   1.00 52.44 ?  697 GLU A CG    1 
ATOM   646  C CD    . GLU A 1 120 ? -0.003  -19.339 7.536   1.00 55.23 ?  697 GLU A CD    1 
ATOM   647  O OE1   . GLU A 1 120 ? -0.622  -18.303 7.201   1.00 55.74 ?  697 GLU A OE1   1 
ATOM   648  O OE2   . GLU A 1 120 ? -0.550  -20.247 8.207   1.00 63.84 -1 697 GLU A OE2   1 
ATOM   649  N N     . PHE A 1 121 ? 2.593   -15.328 5.612   1.00 33.77 ?  698 PHE A N     1 
ATOM   650  C CA    . PHE A 1 121 ? 3.196   -14.224 4.842   1.00 33.62 ?  698 PHE A CA    1 
ATOM   651  C C     . PHE A 1 121 ? 4.034   -13.291 5.724   1.00 32.59 ?  698 PHE A C     1 
ATOM   652  O O     . PHE A 1 121 ? 5.141   -12.903 5.350   1.00 34.69 ?  698 PHE A O     1 
ATOM   653  C CB    . PHE A 1 121 ? 2.093   -13.445 4.120   1.00 33.24 ?  698 PHE A CB    1 
ATOM   654  C CG    . PHE A 1 121 ? 2.596   -12.295 3.294   1.00 33.32 ?  698 PHE A CG    1 
ATOM   655  C CD1   . PHE A 1 121 ? 2.981   -12.492 1.974   1.00 32.84 ?  698 PHE A CD1   1 
ATOM   656  C CD2   . PHE A 1 121 ? 2.657   -11.017 3.823   1.00 30.87 ?  698 PHE A CD2   1 
ATOM   657  C CE1   . PHE A 1 121 ? 3.439   -11.437 1.205   1.00 32.91 ?  698 PHE A CE1   1 
ATOM   658  C CE2   . PHE A 1 121 ? 3.110   -9.956  3.061   1.00 32.23 ?  698 PHE A CE2   1 
ATOM   659  C CZ    . PHE A 1 121 ? 3.508   -10.166 1.750   1.00 31.43 ?  698 PHE A CZ    1 
ATOM   660  N N     . LEU A 1 122 ? 3.521   -12.931 6.905   1.00 33.40 ?  699 LEU A N     1 
ATOM   661  C CA    . LEU A 1 122 ? 4.288   -12.084 7.814   1.00 33.71 ?  699 LEU A CA    1 
ATOM   662  C C     . LEU A 1 122 ? 5.598   -12.731 8.252   1.00 34.56 ?  699 LEU A C     1 
ATOM   663  O O     . LEU A 1 122 ? 6.608   -12.061 8.381   1.00 34.05 ?  699 LEU A O     1 
ATOM   664  C CB    . LEU A 1 122 ? 3.461   -11.705 9.056   1.00 36.26 ?  699 LEU A CB    1 
ATOM   665  C CG    . LEU A 1 122 ? 2.174   -10.892 8.836   1.00 37.13 ?  699 LEU A CG    1 
ATOM   666  C CD1   . LEU A 1 122 ? 1.473   -10.644 10.159  1.00 40.32 ?  699 LEU A CD1   1 
ATOM   667  C CD2   . LEU A 1 122 ? 2.429   -9.573  8.143   1.00 34.91 ?  699 LEU A CD2   1 
ATOM   668  N N     . GLU A 1 123 ? 5.577   -14.041 8.480   1.00 39.91 ?  700 GLU A N     1 
ATOM   669  C CA    . GLU A 1 123 ? 6.783   -14.769 8.881   1.00 43.22 ?  700 GLU A CA    1 
ATOM   670  C C     . GLU A 1 123 ? 7.799   -14.849 7.747   1.00 41.14 ?  700 GLU A C     1 
ATOM   671  O O     . GLU A 1 123 ? 8.995   -14.630 7.935   1.00 42.00 ?  700 GLU A O     1 
ATOM   672  C CB    . GLU A 1 123 ? 6.413   -16.185 9.335   1.00 49.21 ?  700 GLU A CB    1 
ATOM   673  C CG    . GLU A 1 123 ? 7.595   -17.010 9.823   1.00 57.03 ?  700 GLU A CG    1 
ATOM   674  C CD    . GLU A 1 123 ? 8.325   -16.338 10.969  1.00 62.98 ?  700 GLU A CD    1 
ATOM   675  O OE1   . GLU A 1 123 ? 7.685   -16.150 12.032  1.00 64.99 ?  700 GLU A OE1   1 
ATOM   676  O OE2   . GLU A 1 123 ? 9.523   -15.984 10.798  1.00 70.21 -1 700 GLU A OE2   1 
ATOM   677  N N     . LYS A 1 124 ? 7.314   -15.184 6.567   1.00 40.42 ?  701 LYS A N     1 
ATOM   678  C CA    . LYS A 1 124 ? 8.174   -15.276 5.396   1.00 42.10 ?  701 LYS A CA    1 
ATOM   679  C C     . LYS A 1 124 ? 8.985   -14.008 5.170   1.00 41.97 ?  701 LYS A C     1 
ATOM   680  O O     . LYS A 1 124 ? 10.161  -14.095 4.840   1.00 42.75 ?  701 LYS A O     1 
ATOM   681  C CB    . LYS A 1 124 ? 7.334   -15.568 4.155   1.00 42.62 ?  701 LYS A CB    1 
ATOM   682  C CG    . LYS A 1 124 ? 8.147   -15.804 2.892   1.00 43.72 ?  701 LYS A CG    1 
ATOM   683  C CD    . LYS A 1 124 ? 7.239   -16.214 1.748   1.00 45.34 ?  701 LYS A CD    1 
ATOM   684  C CE    . LYS A 1 124 ? 8.048   -16.596 0.520   1.00 46.42 ?  701 LYS A CE    1 
ATOM   685  N NZ    . LYS A 1 124 ? 7.193   -16.454 -0.675  1.00 47.25 1  701 LYS A NZ    1 
ATOM   686  N N     . TYR A 1 125 ? 8.360   -12.837 5.348   1.00 41.84 ?  702 TYR A N     1 
ATOM   687  C CA    . TYR A 1 125 ? 9.024   -11.551 5.074   1.00 40.82 ?  702 TYR A CA    1 
ATOM   688  C C     . TYR A 1 125 ? 9.447   -10.797 6.339   1.00 41.61 ?  702 TYR A C     1 
ATOM   689  O O     . TYR A 1 125 ? 9.864   -9.642  6.260   1.00 40.20 ?  702 TYR A O     1 
ATOM   690  C CB    . TYR A 1 125 ? 8.127   -10.672 4.195   1.00 40.71 ?  702 TYR A CB    1 
ATOM   691  C CG    . TYR A 1 125 ? 7.943   -11.236 2.813   1.00 41.74 ?  702 TYR A CG    1 
ATOM   692  C CD1   . TYR A 1 125 ? 8.944   -11.104 1.846   1.00 42.37 ?  702 TYR A CD1   1 
ATOM   693  C CD2   . TYR A 1 125 ? 6.791   -11.930 2.473   1.00 43.63 ?  702 TYR A CD2   1 
ATOM   694  C CE1   . TYR A 1 125 ? 8.791   -11.634 0.577   1.00 42.76 ?  702 TYR A CE1   1 
ATOM   695  C CE2   . TYR A 1 125 ? 6.626   -12.463 1.206   1.00 43.19 ?  702 TYR A CE2   1 
ATOM   696  C CZ    . TYR A 1 125 ? 7.628   -12.314 0.264   1.00 45.53 ?  702 TYR A CZ    1 
ATOM   697  O OH    . TYR A 1 125 ? 7.443   -12.847 -0.992  1.00 45.51 ?  702 TYR A OH    1 
ATOM   698  N N     . LYS A 1 126 ? 9.352   -11.451 7.496   1.00 40.77 ?  703 LYS A N     1 
ATOM   699  C CA    . LYS A 1 126 ? 9.783   -10.856 8.758   1.00 39.39 ?  703 LYS A CA    1 
ATOM   700  C C     . LYS A 1 126 ? 9.141   -9.479  8.964   1.00 36.16 ?  703 LYS A C     1 
ATOM   701  O O     . LYS A 1 126 ? 9.782   -8.537  9.416   1.00 37.50 ?  703 LYS A O     1 
ATOM   702  C CB    . LYS A 1 126 ? 11.313  -10.764 8.807   1.00 43.40 ?  703 LYS A CB    1 
ATOM   703  C CG    . LYS A 1 126 ? 12.030  -12.084 8.538   1.00 45.54 ?  703 LYS A CG    1 
ATOM   704  C CD    . LYS A 1 126 ? 11.666  -13.137 9.579   1.00 48.71 ?  703 LYS A CD    1 
ATOM   705  N N     . ILE A 1 127 ? 7.861   -9.383  8.626   1.00 34.58 ?  704 ILE A N     1 
ATOM   706  C CA    . ILE A 1 127 ? 7.112   -8.138  8.760   1.00 33.40 ?  704 ILE A CA    1 
ATOM   707  C C     . ILE A 1 127 ? 6.697   -7.921  10.209  1.00 33.36 ?  704 ILE A C     1 
ATOM   708  O O     . ILE A 1 127 ? 6.137   -8.817  10.846  1.00 32.66 ?  704 ILE A O     1 
ATOM   709  C CB    . ILE A 1 127 ? 5.849   -8.156  7.873   1.00 32.30 ?  704 ILE A CB    1 
ATOM   710  C CG1   . ILE A 1 127 ? 6.276   -8.198  6.401   1.00 32.45 ?  704 ILE A CG1   1 
ATOM   711  C CG2   . ILE A 1 127 ? 4.961   -6.952  8.187   1.00 32.27 ?  704 ILE A CG2   1 
ATOM   712  C CD1   . ILE A 1 127 ? 5.154   -8.517  5.437   1.00 32.29 ?  704 ILE A CD1   1 
ATOM   713  N N     . ASP A 1 128 ? 6.957   -6.723  10.717  1.00 33.04 ?  705 ASP A N     1 
ATOM   714  C CA    . ASP A 1 128 ? 6.587   -6.358  12.077  1.00 32.66 ?  705 ASP A CA    1 
ATOM   715  C C     . ASP A 1 128 ? 5.194   -5.716  12.131  1.00 32.55 ?  705 ASP A C     1 
ATOM   716  O O     . ASP A 1 128 ? 4.405   -6.017  13.026  1.00 31.42 ?  705 ASP A O     1 
ATOM   717  C CB    . ASP A 1 128 ? 7.633   -5.403  12.644  1.00 35.55 ?  705 ASP A CB    1 
ATOM   718  C CG    . ASP A 1 128 ? 8.989   -6.072  12.819  1.00 37.93 ?  705 ASP A CG    1 
ATOM   719  O OD1   . ASP A 1 128 ? 9.052   -7.086  13.525  1.00 37.10 ?  705 ASP A OD1   1 
ATOM   720  O OD2   . ASP A 1 128 ? 9.998   -5.597  12.255  1.00 39.70 -1 705 ASP A OD2   1 
ATOM   721  N N     . TYR A 1 129 ? 4.894   -4.828  11.187  1.00 28.89 ?  706 TYR A N     1 
ATOM   722  C CA    . TYR A 1 129 ? 3.601   -4.142  11.155  1.00 28.30 ?  706 TYR A CA    1 
ATOM   723  C C     . TYR A 1 129 ? 3.069   -4.030  9.771   1.00 27.95 ?  706 TYR A C     1 
ATOM   724  O O     . TYR A 1 129 ? 3.832   -3.786  8.818   1.00 28.67 ?  706 TYR A O     1 
ATOM   725  C CB    . TYR A 1 129 ? 3.715   -2.709  11.686  1.00 28.52 ?  706 TYR A CB    1 
ATOM   726  C CG    . TYR A 1 129 ? 4.285   -2.625  13.066  1.00 31.48 ?  706 TYR A CG    1 
ATOM   727  C CD1   . TYR A 1 129 ? 5.657   -2.529  13.264  1.00 33.11 ?  706 TYR A CD1   1 
ATOM   728  C CD2   . TYR A 1 129 ? 3.459   -2.664  14.179  1.00 33.40 ?  706 TYR A CD2   1 
ATOM   729  C CE1   . TYR A 1 129 ? 6.202   -2.465  14.531  1.00 33.35 ?  706 TYR A CE1   1 
ATOM   730  C CE2   . TYR A 1 129 ? 3.994   -2.610  15.454  1.00 35.03 ?  706 TYR A CE2   1 
ATOM   731  C CZ    . TYR A 1 129 ? 5.361   -2.500  15.622  1.00 34.51 ?  706 TYR A CZ    1 
ATOM   732  O OH    . TYR A 1 129 ? 5.906   -2.451  16.880  1.00 35.96 ?  706 TYR A OH    1 
ATOM   733  N N     . VAL A 1 130 ? 1.751   -4.157  9.669   1.00 27.69 ?  707 VAL A N     1 
ATOM   734  C CA    . VAL A 1 130 ? 1.015   -3.835  8.459   1.00 26.52 ?  707 VAL A CA    1 
ATOM   735  C C     . VAL A 1 130 ? 0.419   -2.438  8.547   1.00 28.56 ?  707 VAL A C     1 
ATOM   736  O O     . VAL A 1 130 ? -0.270  -2.134  9.519   1.00 29.25 ?  707 VAL A O     1 
ATOM   737  C CB    . VAL A 1 130 ? -0.097  -4.865  8.246   1.00 25.74 ?  707 VAL A CB    1 
ATOM   738  C CG1   . VAL A 1 130 ? -0.999  -4.473  7.074   1.00 26.82 ?  707 VAL A CG1   1 
ATOM   739  C CG2   . VAL A 1 130 ? 0.532   -6.218  8.014   1.00 25.82 ?  707 VAL A CG2   1 
ATOM   740  N N     . ALA A 1 131 ? 0.684   -1.583  7.549   1.00 28.98 ?  708 ALA A N     1 
ATOM   741  C CA    . ALA A 1 131 ? 0.137   -0.213  7.525   1.00 31.17 ?  708 ALA A CA    1 
ATOM   742  C C     . ALA A 1 131 ? -0.900  -0.060  6.423   1.00 32.05 ?  708 ALA A C     1 
ATOM   743  O O     . ALA A 1 131 ? -0.623  -0.366  5.259   1.00 34.02 ?  708 ALA A O     1 
ATOM   744  C CB    . ALA A 1 131 ? 1.267   0.801   7.328   1.00 31.04 ?  708 ALA A CB    1 
ATOM   745  N N     . HIS A 1 132 ? -2.085  0.427   6.773   1.00 34.51 ?  709 HIS A N     1 
ATOM   746  C CA    . HIS A 1 132 ? -3.168  0.630   5.792   1.00 36.93 ?  709 HIS A CA    1 
ATOM   747  C C     . HIS A 1 132 ? -4.210  1.577   6.392   1.00 36.44 ?  709 HIS A C     1 
ATOM   748  O O     . HIS A 1 132 ? -4.228  1.766   7.604   1.00 33.92 ?  709 HIS A O     1 
ATOM   749  C CB    . HIS A 1 132 ? -3.808  -0.721  5.439   1.00 40.61 ?  709 HIS A CB    1 
ATOM   750  C CG    . HIS A 1 132 ? -4.528  -0.733  4.127   1.00 43.38 ?  709 HIS A CG    1 
ATOM   751  N ND1   . HIS A 1 132 ? -5.811  -0.252  3.976   1.00 47.01 ?  709 HIS A ND1   1 
ATOM   752  C CD2   . HIS A 1 132 ? -4.141  -1.165  2.903   1.00 44.61 ?  709 HIS A CD2   1 
ATOM   753  C CE1   . HIS A 1 132 ? -6.184  -0.385  2.714   1.00 47.22 ?  709 HIS A CE1   1 
ATOM   754  N NE2   . HIS A 1 132 ? -5.186  -0.931  2.042   1.00 47.16 ?  709 HIS A NE2   1 
ATOM   755  N N     . ASP A 1 133 ? -5.060  2.199   5.579   1.00 39.27 ?  710 ASP A N     1 
ATOM   756  C CA    . ASP A 1 133 ? -6.143  2.997   6.162   1.00 44.37 ?  710 ASP A CA    1 
ATOM   757  C C     . ASP A 1 133 ? -7.064  2.057   6.948   1.00 47.77 ?  710 ASP A C     1 
ATOM   758  O O     . ASP A 1 133 ? -7.056  0.858   6.723   1.00 46.58 ?  710 ASP A O     1 
ATOM   759  C CB    . ASP A 1 133 ? -6.924  3.821   5.123   1.00 44.73 ?  710 ASP A CB    1 
ATOM   760  C CG    . ASP A 1 133 ? -7.708  2.968   4.131   1.00 48.16 ?  710 ASP A CG    1 
ATOM   761  O OD1   . ASP A 1 133 ? -8.593  2.198   4.557   1.00 54.63 ?  710 ASP A OD1   1 
ATOM   762  O OD2   . ASP A 1 133 ? -7.470  3.091   2.909   1.00 50.66 -1 710 ASP A OD2   1 
ATOM   763  N N     . ASP A 1 134 ? -7.844  2.613   7.868   1.00 53.51 ?  711 ASP A N     1 
ATOM   764  C CA    . ASP A 1 134 ? -8.709  1.818   8.753   1.00 60.49 ?  711 ASP A CA    1 
ATOM   765  C C     . ASP A 1 134 ? -10.205 2.007   8.409   1.00 63.03 ?  711 ASP A C     1 
ATOM   766  O O     . ASP A 1 134 ? -10.924 2.688   9.131   1.00 64.69 ?  711 ASP A O     1 
ATOM   767  C CB    . ASP A 1 134 ? -8.417  2.226   10.212  1.00 61.08 ?  711 ASP A CB    1 
ATOM   768  C CG    . ASP A 1 134 ? -8.852  1.180   11.227  1.00 60.94 ?  711 ASP A CG    1 
ATOM   769  O OD1   . ASP A 1 134 ? -9.319  0.089   10.829  1.00 58.91 ?  711 ASP A OD1   1 
ATOM   770  O OD2   . ASP A 1 134 ? -8.702  1.453   12.441  1.00 60.67 -1 711 ASP A OD2   1 
ATOM   771  N N     . ILE A 1 135 ? -10.656 1.398   7.310   1.00 68.06 ?  712 ILE A N     1 
ATOM   772  C CA    . ILE A 1 135 ? -12.053 1.502   6.826   1.00 70.27 ?  712 ILE A CA    1 
ATOM   773  C C     . ILE A 1 135 ? -12.494 2.951   6.634   1.00 71.43 ?  712 ILE A C     1 
ATOM   774  O O     . ILE A 1 135 ? -11.906 3.689   5.843   1.00 71.78 ?  712 ILE A O     1 
ATOM   775  C CB    . ILE A 1 135 ? -13.059 0.804   7.768   1.00 68.02 ?  712 ILE A CB    1 
ATOM   776  N N     . ASP A 1 144 ? -14.386 -6.617  9.966   1.00 67.85 ?  739 ASP A N     1 
ATOM   777  C CA    . ASP A 1 144 ? -13.021 -6.010  9.919   1.00 64.85 ?  739 ASP A CA    1 
ATOM   778  C C     . ASP A 1 144 ? -12.004 -7.056  9.485   1.00 62.85 ?  739 ASP A C     1 
ATOM   779  O O     . ASP A 1 144 ? -11.706 -7.988  10.230  1.00 63.34 ?  739 ASP A O     1 
ATOM   780  C CB    . ASP A 1 144 ? -12.642 -5.437  11.292  1.00 66.15 ?  739 ASP A CB    1 
ATOM   781  C CG    . ASP A 1 144 ? -11.331 -4.661  11.274  1.00 65.92 ?  739 ASP A CG    1 
ATOM   782  O OD1   . ASP A 1 144 ? -10.695 -4.535  10.200  1.00 67.31 ?  739 ASP A OD1   1 
ATOM   783  O OD2   . ASP A 1 144 ? -10.939 -4.166  12.352  1.00 65.92 -1 739 ASP A OD2   1 
ATOM   784  N N     . ILE A 1 145 ? -11.476 -6.898  8.276   1.00 60.58 ?  740 ILE A N     1 
ATOM   785  C CA    . ILE A 1 145 ? -10.451 -7.814  7.762   1.00 59.66 ?  740 ILE A CA    1 
ATOM   786  C C     . ILE A 1 145 ? -9.087  -7.671  8.483   1.00 57.77 ?  740 ILE A C     1 
ATOM   787  O O     . ILE A 1 145 ? -8.285  -8.600  8.468   1.00 59.50 ?  740 ILE A O     1 
ATOM   788  C CB    . ILE A 1 145 ? -10.292 -7.691  6.225   1.00 60.42 ?  740 ILE A CB    1 
ATOM   789  C CG1   . ILE A 1 145 ? -9.947  -6.255  5.805   0.70 60.42 ?  740 ILE A CG1   1 
ATOM   790  C CG2   . ILE A 1 145 ? -11.569 -8.152  5.532   0.60 60.34 ?  740 ILE A CG2   1 
ATOM   791  C CD1   . ILE A 1 145 ? -9.422  -6.144  4.392   0.60 61.51 ?  740 ILE A CD1   1 
ATOM   792  N N     . TYR A 1 146 ? -8.843  -6.523  9.124   1.00 55.53 ?  741 TYR A N     1 
ATOM   793  C CA    . TYR A 1 146 ? -7.603  -6.286  9.876   1.00 53.59 ?  741 TYR A CA    1 
ATOM   794  C C     . TYR A 1 146 ? -7.704  -6.619  11.375  1.00 48.35 ?  741 TYR A C     1 
ATOM   795  O O     . TYR A 1 146 ? -6.753  -6.398  12.122  1.00 46.36 ?  741 TYR A O     1 
ATOM   796  C CB    . TYR A 1 146 ? -7.169  -4.819  9.725   1.00 57.40 ?  741 TYR A CB    1 
ATOM   797  C CG    . TYR A 1 146 ? -6.915  -4.362  8.296   1.00 59.94 ?  741 TYR A CG    1 
ATOM   798  C CD1   . TYR A 1 146 ? -6.040  -5.056  7.468   1.00 61.36 ?  741 TYR A CD1   1 
ATOM   799  C CD2   . TYR A 1 146 ? -7.536  -3.220  7.781   1.00 62.55 ?  741 TYR A CD2   1 
ATOM   800  C CE1   . TYR A 1 146 ? -5.802  -4.648  6.169   1.00 62.19 ?  741 TYR A CE1   1 
ATOM   801  C CE2   . TYR A 1 146 ? -7.302  -2.802  6.477   1.00 61.11 ?  741 TYR A CE2   1 
ATOM   802  C CZ    . TYR A 1 146 ? -6.433  -3.523  5.681   1.00 62.68 ?  741 TYR A CZ    1 
ATOM   803  O OH    . TYR A 1 146 ? -6.183  -3.130  4.394   1.00 63.19 ?  741 TYR A OH    1 
ATOM   804  N N     . ALA A 1 147 ? -8.837  -7.158  11.819  1.00 45.87 ?  742 ALA A N     1 
ATOM   805  C CA    . ALA A 1 147 ? -9.037  -7.434  13.247  1.00 43.17 ?  742 ALA A CA    1 
ATOM   806  C C     . ALA A 1 147 ? -7.943  -8.311  13.835  1.00 40.35 ?  742 ALA A C     1 
ATOM   807  O O     . ALA A 1 147 ? -7.449  -8.036  14.933  1.00 39.88 ?  742 ALA A O     1 
ATOM   808  C CB    . ALA A 1 147 ? -10.397 -8.065  13.493  1.00 44.18 ?  742 ALA A CB    1 
ATOM   809  N N     . TRP A 1 148 ? -7.552  -9.359  13.111  1.00 37.20 ?  743 TRP A N     1 
ATOM   810  C CA    . TRP A 1 148 ? -6.543  -10.269 13.624  1.00 34.64 ?  743 TRP A CA    1 
ATOM   811  C C     . TRP A 1 148 ? -5.168  -9.604  13.752  1.00 33.15 ?  743 TRP A C     1 
ATOM   812  O O     . TRP A 1 148 ? -4.376  -9.943  14.662  1.00 30.86 ?  743 TRP A O     1 
ATOM   813  C CB    . TRP A 1 148 ? -6.473  -11.551 12.770  1.00 36.86 ?  743 TRP A CB    1 
ATOM   814  C CG    . TRP A 1 148 ? -5.795  -11.408 11.425  1.00 37.69 ?  743 TRP A CG    1 
ATOM   815  C CD1   . TRP A 1 148 ? -6.383  -11.074 10.233  1.00 38.67 ?  743 TRP A CD1   1 
ATOM   816  C CD2   . TRP A 1 148 ? -4.404  -11.605 11.142  1.00 37.27 ?  743 TRP A CD2   1 
ATOM   817  N NE1   . TRP A 1 148 ? -5.446  -11.055 9.231   1.00 39.38 ?  743 TRP A NE1   1 
ATOM   818  C CE2   . TRP A 1 148 ? -4.225  -11.385 9.758   1.00 39.01 ?  743 TRP A CE2   1 
ATOM   819  C CE3   . TRP A 1 148 ? -3.297  -11.946 11.920  1.00 38.00 ?  743 TRP A CE3   1 
ATOM   820  C CZ2   . TRP A 1 148 ? -2.984  -11.478 9.145   1.00 37.38 ?  743 TRP A CZ2   1 
ATOM   821  C CZ3   . TRP A 1 148 ? -2.062  -12.062 11.301  1.00 40.18 ?  743 TRP A CZ3   1 
ATOM   822  C CH2   . TRP A 1 148 ? -1.916  -11.826 9.927   1.00 37.63 ?  743 TRP A CH2   1 
ATOM   823  N N     . LEU A 1 149 ? -4.867  -8.679  12.831  1.00 31.37 ?  744 LEU A N     1 
ATOM   824  C CA    . LEU A 1 149 ? -3.632  -7.898  12.918  1.00 31.41 ?  744 LEU A CA    1 
ATOM   825  C C     . LEU A 1 149 ? -3.668  -6.968  14.137  1.00 28.78 ?  744 LEU A C     1 
ATOM   826  O O     . LEU A 1 149 ? -2.693  -6.855  14.873  1.00 26.28 ?  744 LEU A O     1 
ATOM   827  C CB    . LEU A 1 149 ? -3.415  -7.068  11.644  1.00 30.78 ?  744 LEU A CB    1 
ATOM   828  C CG    . LEU A 1 149 ? -3.023  -7.934  10.442  1.00 32.73 ?  744 LEU A CG    1 
ATOM   829  C CD1   . LEU A 1 149 ? -3.379  -7.250  9.143   1.00 32.99 ?  744 LEU A CD1   1 
ATOM   830  C CD2   . LEU A 1 149 ? -1.545  -8.261  10.490  1.00 32.70 ?  744 LEU A CD2   1 
ATOM   831  N N     . LYS A 1 150 ? -4.804  -6.324  14.343  1.00 28.73 ?  745 LYS A N     1 
ATOM   832  C CA    . LYS A 1 150 ? -4.993  -5.438  15.513  1.00 31.18 ?  745 LYS A CA    1 
ATOM   833  C C     . LYS A 1 150 ? -4.842  -6.196  16.816  1.00 31.07 ?  745 LYS A C     1 
ATOM   834  O O     . LYS A 1 150 ? -4.175  -5.708  17.739  1.00 29.68 ?  745 LYS A O     1 
ATOM   835  C CB    . LYS A 1 150 ? -6.352  -4.760  15.469  1.00 32.33 ?  745 LYS A CB    1 
ATOM   836  C CG    . LYS A 1 150 ? -6.468  -3.751  14.359  1.00 35.26 ?  745 LYS A CG    1 
ATOM   837  C CD    . LYS A 1 150 ? -7.804  -3.038  14.419  1.00 38.47 ?  745 LYS A CD    1 
ATOM   838  C CE    . LYS A 1 150 ? -7.974  -2.050  13.274  1.00 38.51 ?  745 LYS A CE    1 
ATOM   839  N NZ    . LYS A 1 150 ? -9.422  -1.910  12.941  1.00 39.38 1  745 LYS A NZ    1 
ATOM   840  N N     . ARG A 1 151 ? -5.434  -7.395  16.884  1.00 32.07 ?  746 ARG A N     1 
ATOM   841  C CA    . ARG A 1 151 ? -5.316  -8.253  18.069  1.00 35.15 ?  746 ARG A CA    1 
ATOM   842  C C     . ARG A 1 151 ? -3.869  -8.628  18.329  1.00 33.64 ?  746 ARG A C     1 
ATOM   843  O O     . ARG A 1 151 ? -3.470  -8.799  19.478  1.00 35.87 ?  746 ARG A O     1 
ATOM   844  C CB    . ARG A 1 151 ? -6.120  -9.558  17.921  1.00 40.97 ?  746 ARG A CB    1 
ATOM   845  C CG    . ARG A 1 151 ? -7.622  -9.458  18.139  1.00 47.83 ?  746 ARG A CG    1 
ATOM   846  C CD    . ARG A 1 151 ? -8.262  -10.836 18.370  1.00 50.95 ?  746 ARG A CD    1 
ATOM   847  N NE    . ARG A 1 151 ? -8.314  -11.658 17.161  1.00 56.49 ?  746 ARG A NE    1 
ATOM   848  C CZ    . ARG A 1 151 ? -9.207  -11.524 16.171  1.00 58.43 ?  746 ARG A CZ    1 
ATOM   849  N NH1   . ARG A 1 151 ? -9.145  -12.329 15.111  1.00 56.74 1  746 ARG A NH1   1 
ATOM   850  N NH2   . ARG A 1 151 ? -10.151 -10.585 16.216  1.00 59.34 ?  746 ARG A NH2   1 
ATOM   851  N N     . ALA A 1 152 ? -3.086  -8.801  17.260  1.00 32.28 ?  747 ALA A N     1 
ATOM   852  C CA    . ALA A 1 152 ? -1.682  -9.208  17.383  1.00 29.92 ?  747 ALA A CA    1 
ATOM   853  C C     . ALA A 1 152 ? -0.758  -8.036  17.701  1.00 30.59 ?  747 ALA A C     1 
ATOM   854  O O     . ALA A 1 152 ? 0.431   -8.229  18.019  1.00 31.80 ?  747 ALA A O     1 
ATOM   855  C CB    . ALA A 1 152 ? -1.234  -9.911  16.097  1.00 29.62 ?  747 ALA A CB    1 
ATOM   856  N N     . GLY A 1 153 ? -1.289  -6.818  17.632  1.00 30.61 ?  748 GLY A N     1 
ATOM   857  C CA    . GLY A 1 153 ? -0.491  -5.617  17.818  1.00 31.19 ?  748 GLY A CA    1 
ATOM   858  C C     . GLY A 1 153 ? 0.381   -5.318  16.603  1.00 32.83 ?  748 GLY A C     1 
ATOM   859  O O     . GLY A 1 153 ? 1.418   -4.689  16.738  1.00 32.84 ?  748 GLY A O     1 
ATOM   860  N N     . LYS A 1 154 ? -0.052  -5.749  15.419  1.00 31.87 ?  749 LYS A N     1 
ATOM   861  C CA    . LYS A 1 154 ? 0.745   -5.591  14.190  1.00 33.69 ?  749 LYS A CA    1 
ATOM   862  C C     . LYS A 1 154 ? 0.094   -4.687  13.155  1.00 34.13 ?  749 LYS A C     1 
ATOM   863  O O     . LYS A 1 154 ? 0.468   -4.735  11.975  1.00 35.84 ?  749 LYS A O     1 
ATOM   864  C CB    . LYS A 1 154 ? 0.966   -6.963  13.562  1.00 34.76 ?  749 LYS A CB    1 
ATOM   865  C CG    . LYS A 1 154 ? 1.785   -7.883  14.442  1.00 37.85 ?  749 LYS A CG    1 
ATOM   866  C CD    . LYS A 1 154 ? 2.049   -9.202  13.738  1.00 40.51 ?  749 LYS A CD    1 
ATOM   867  C CE    . LYS A 1 154 ? 2.939   -10.096 14.579  1.00 43.08 ?  749 LYS A CE    1 
ATOM   868  N NZ    . LYS A 1 154 ? 4.213   -9.401  14.904  1.00 46.16 1  749 LYS A NZ    1 
ATOM   869  N N     . PHE A 1 155 ? -0.917  -3.918  13.563  1.00 31.82 ?  750 PHE A N     1 
ATOM   870  C CA    . PHE A 1 155 ? -1.601  -3.022  12.635  1.00 32.11 ?  750 PHE A CA    1 
ATOM   871  C C     . PHE A 1 155 ? -1.321  -1.562  12.976  1.00 31.28 ?  750 PHE A C     1 
ATOM   872  O O     . PHE A 1 155 ? -1.565  -1.135  14.094  1.00 30.54 ?  750 PHE A O     1 
ATOM   873  C CB    . PHE A 1 155 ? -3.102  -3.264  12.626  1.00 33.49 ?  750 PHE A CB    1 
ATOM   874  C CG    . PHE A 1 155 ? -3.809  -2.446  11.601  1.00 35.59 ?  750 PHE A CG    1 
ATOM   875  C CD1   . PHE A 1 155 ? -3.689  -2.758  10.252  1.00 38.97 ?  750 PHE A CD1   1 
ATOM   876  C CD2   . PHE A 1 155 ? -4.528  -1.318  11.965  1.00 36.33 ?  750 PHE A CD2   1 
ATOM   877  C CE1   . PHE A 1 155 ? -4.308  -1.973  9.279   1.00 40.08 ?  750 PHE A CE1   1 
ATOM   878  C CE2   . PHE A 1 155 ? -5.165  -0.544  11.004  1.00 38.36 ?  750 PHE A CE2   1 
ATOM   879  C CZ    . PHE A 1 155 ? -5.045  -0.863  9.661   1.00 38.91 ?  750 PHE A CZ    1 
ATOM   880  N N     . LYS A 1 156 ? -0.808  -0.809  12.004  1.00 30.11 ?  751 LYS A N     1 
ATOM   881  C CA    . LYS A 1 156 ? -0.624  0.630   12.153  1.00 32.05 ?  751 LYS A CA    1 
ATOM   882  C C     . LYS A 1 156 ? -1.505  1.370   11.152  1.00 33.81 ?  751 LYS A C     1 
ATOM   883  O O     . LYS A 1 156 ? -1.281  1.294   9.947   1.00 32.44 ?  751 LYS A O     1 
ATOM   884  C CB    . LYS A 1 156 ? 0.835   0.998   11.968  1.00 31.21 ?  751 LYS A CB    1 
ATOM   885  C CG    . LYS A 1 156 ? 1.762   0.458   13.055  1.00 34.71 ?  751 LYS A CG    1 
ATOM   886  C CD    . LYS A 1 156 ? 1.405   0.957   14.455  1.00 37.69 ?  751 LYS A CD    1 
ATOM   887  C CE    . LYS A 1 156 ? 2.584   0.819   15.421  1.00 44.41 ?  751 LYS A CE    1 
ATOM   888  N NZ    . LYS A 1 156 ? 2.209   0.787   16.884  1.00 48.31 1  751 LYS A NZ    1 
ATOM   889  N N     . ALA A 1 157 ? -2.508  2.096   11.640  1.00 33.44 ?  752 ALA A N     1 
ATOM   890  C CA    . ALA A 1 157 ? -3.431  2.789   10.738  1.00 35.28 ?  752 ALA A CA    1 
ATOM   891  C C     . ALA A 1 157 ? -2.742  3.991   10.113  1.00 35.77 ?  752 ALA A C     1 
ATOM   892  O O     . ALA A 1 157 ? -1.934  4.634   10.762  1.00 37.79 ?  752 ALA A O     1 
ATOM   893  C CB    . ALA A 1 157 ? -4.687  3.241   11.476  1.00 38.72 ?  752 ALA A CB    1 
ATOM   894  N N     . THR A 1 158 ? -3.058  4.269   8.851   1.00 34.72 ?  753 THR A N     1 
ATOM   895  C CA    . THR A 1 158 ? -2.584  5.478   8.158   1.00 35.44 ?  753 THR A CA    1 
ATOM   896  C C     . THR A 1 158 ? -3.813  6.245   7.679   1.00 36.99 ?  753 THR A C     1 
ATOM   897  O O     . THR A 1 158 ? -4.921  5.685   7.649   1.00 37.68 ?  753 THR A O     1 
ATOM   898  C CB    . THR A 1 158 ? -1.653  5.142   6.957   1.00 35.21 ?  753 THR A CB    1 
ATOM   899  O OG1   . THR A 1 158 ? -2.274  4.169   6.103   1.00 35.78 ?  753 THR A OG1   1 
ATOM   900  C CG2   . THR A 1 158 ? -0.305  4.598   7.450   1.00 35.11 ?  753 THR A CG2   1 
ATOM   901  N N     . GLN A 1 159 ? -3.632  7.512   7.321   1.00 40.04 ?  754 GLN A N     1 
ATOM   902  C CA    . GLN A 1 159 ? -4.748  8.373   6.889   1.00 43.00 ?  754 GLN A CA    1 
ATOM   903  C C     . GLN A 1 159 ? -4.821  8.518   5.394   1.00 39.98 ?  754 GLN A C     1 
ATOM   904  O O     . GLN A 1 159 ? -3.802  8.674   4.717   1.00 38.35 ?  754 GLN A O     1 
ATOM   905  C CB    . GLN A 1 159 ? -4.635  9.786   7.480   1.00 47.08 ?  754 GLN A CB    1 
ATOM   906  C CG    . GLN A 1 159 ? -5.296  9.938   8.833   1.00 53.47 ?  754 GLN A CG    1 
ATOM   907  C CD    . GLN A 1 159 ? -4.607  9.099   9.879   1.00 56.95 ?  754 GLN A CD    1 
ATOM   908  O OE1   . GLN A 1 159 ? -3.399  9.228   10.085  1.00 60.86 ?  754 GLN A OE1   1 
ATOM   909  N NE2   . GLN A 1 159 ? -5.356  8.216   10.527  1.00 57.01 ?  754 GLN A NE2   1 
ATOM   910  N N     . ARG A 1 160 ? -6.041  8.536   4.878   1.00 41.67 ?  755 ARG A N     1 
ATOM   911  C CA    . ARG A 1 160 ? -6.248  8.876   3.474   1.00 44.13 ?  755 ARG A CA    1 
ATOM   912  C C     . ARG A 1 160 ? -6.110  10.389  3.281   1.00 45.33 ?  755 ARG A C     1 
ATOM   913  O O     . ARG A 1 160 ? -6.290  11.166  4.220   1.00 46.34 ?  755 ARG A O     1 
ATOM   914  C CB    . ARG A 1 160 ? -7.608  8.394   2.995   1.00 46.70 ?  755 ARG A CB    1 
ATOM   915  C CG    . ARG A 1 160 ? -7.854  6.920   3.259   1.00 48.29 ?  755 ARG A CG    1 
ATOM   916  C CD    . ARG A 1 160 ? -9.232  6.520   2.774   1.00 50.20 ?  755 ARG A CD    1 
ATOM   917  N NE    . ARG A 1 160 ? -9.322  6.664   1.324   1.00 50.94 ?  755 ARG A NE    1 
ATOM   918  C CZ    . ARG A 1 160 ? -8.832  5.792   0.441   1.00 52.60 ?  755 ARG A CZ    1 
ATOM   919  N NH1   . ARG A 1 160 ? -8.974  6.038   -0.855  1.00 54.91 1  755 ARG A NH1   1 
ATOM   920  N NH2   . ARG A 1 160 ? -8.201  4.681   0.833   1.00 53.28 ?  755 ARG A NH2   1 
ATOM   921  N N     . THR A 1 161 ? -5.746  10.794  2.069   1.00 45.46 ?  756 THR A N     1 
ATOM   922  C CA    . THR A 1 161 ? -5.724  12.203  1.694   1.00 45.17 ?  756 THR A CA    1 
ATOM   923  C C     . THR A 1 161 ? -6.817  12.388  0.656   1.00 47.92 ?  756 THR A C     1 
ATOM   924  O O     . THR A 1 161 ? -6.774  11.764  -0.398  1.00 45.33 ?  756 THR A O     1 
ATOM   925  C CB    . THR A 1 161 ? -4.371  12.593  1.085   1.00 45.31 ?  756 THR A CB    1 
ATOM   926  O OG1   . THR A 1 161 ? -3.320  12.268  2.008   1.00 43.52 ?  756 THR A OG1   1 
ATOM   927  C CG2   . THR A 1 161 ? -4.322  14.088  0.765   1.00 47.85 ?  756 THR A CG2   1 
ATOM   928  N N     . GLU A 1 162 ? -7.806  13.226  0.951   1.00 49.57 ?  757 GLU A N     1 
ATOM   929  C CA    . GLU A 1 162 ? -8.946  13.384  0.044   1.00 53.22 ?  757 GLU A CA    1 
ATOM   930  C C     . GLU A 1 162 ? -8.680  14.467  -1.011  1.00 52.25 ?  757 GLU A C     1 
ATOM   931  O O     . GLU A 1 162 ? -7.776  15.292  -0.857  1.00 50.00 ?  757 GLU A O     1 
ATOM   932  C CB    . GLU A 1 162 ? -10.231 13.668  0.838   1.00 54.12 ?  757 GLU A CB    1 
ATOM   933  C CG    . GLU A 1 162 ? -10.742 12.478  1.641   0.50 51.13 ?  757 GLU A CG    1 
ATOM   934  N N     . GLY A 1 163 ? -9.439  14.418  -2.107  1.00 54.96 ?  758 GLY A N     1 
ATOM   935  C CA    . GLY A 1 163 ? -9.418  15.471  -3.132  1.00 53.56 ?  758 GLY A CA    1 
ATOM   936  C C     . GLY A 1 163 ? -8.161  15.564  -3.983  1.00 54.48 ?  758 GLY A C     1 
ATOM   937  O O     . GLY A 1 163 ? -7.961  16.533  -4.707  1.00 53.67 ?  758 GLY A O     1 
ATOM   938  N N     . VAL A 1 164 ? -7.307  14.557  -3.927  1.00 55.60 ?  759 VAL A N     1 
ATOM   939  C CA    . VAL A 1 164 ? -5.988  14.705  -4.509  1.00 56.38 ?  759 VAL A CA    1 
ATOM   940  C C     . VAL A 1 164 ? -5.677  13.600  -5.510  1.00 56.98 ?  759 VAL A C     1 
ATOM   941  O O     . VAL A 1 164 ? -4.545  13.484  -5.984  1.00 60.04 ?  759 VAL A O     1 
ATOM   942  C CB    . VAL A 1 164 ? -4.941  14.759  -3.374  1.00 59.31 ?  759 VAL A CB    1 
ATOM   943  C CG1   . VAL A 1 164 ? -4.646  13.361  -2.831  1.00 58.30 ?  759 VAL A CG1   1 
ATOM   944  C CG2   . VAL A 1 164 ? -3.682  15.470  -3.828  1.00 59.93 ?  759 VAL A CG2   1 
ATOM   945  N N     . SER A 1 165 ? -6.679  12.804  -5.865  1.00 56.21 ?  760 SER A N     1 
ATOM   946  C CA    . SER A 1 165 ? -6.433  11.678  -6.746  1.00 56.09 ?  760 SER A CA    1 
ATOM   947  C C     . SER A 1 165 ? -6.148  12.162  -8.168  1.00 59.15 ?  760 SER A C     1 
ATOM   948  O O     . SER A 1 165 ? -6.454  13.311  -8.536  1.00 54.30 ?  760 SER A O     1 
ATOM   949  C CB    . SER A 1 165 ? -7.618  10.711  -6.743  1.00 57.87 ?  760 SER A CB    1 
ATOM   950  O OG    . SER A 1 165 ? -8.716  11.263  -7.438  1.00 57.37 ?  760 SER A OG    1 
ATOM   951  N N     . THR A 1 166 ? -5.547  11.273  -8.953  1.00 56.55 ?  761 THR A N     1 
ATOM   952  C CA    . THR A 1 166 ? -5.333  11.509  -10.372 1.00 58.20 ?  761 THR A CA    1 
ATOM   953  C C     . THR A 1 166 ? -6.670  11.838  -11.088 1.00 59.00 ?  761 THR A C     1 
ATOM   954  O O     . THR A 1 166 ? -6.724  12.766  -11.898 1.00 57.76 ?  761 THR A O     1 
ATOM   955  C CB    . THR A 1 166 ? -4.614  10.302  -11.026 1.00 54.91 ?  761 THR A CB    1 
ATOM   956  O OG1   . THR A 1 166 ? -5.062  9.090   -10.408 0.60 57.83 ?  761 THR A OG1   1 
ATOM   957  C CG2   . THR A 1 166 ? -3.106  10.405  -10.849 0.60 54.23 ?  761 THR A CG2   1 
ATOM   958  N N     . THR A 1 167 ? -7.739  11.114  -10.756 1.00 59.76 ?  762 THR A N     1 
ATOM   959  C CA    . THR A 1 167 ? -9.067  11.358  -11.354 1.00 61.63 ?  762 THR A CA    1 
ATOM   960  C C     . THR A 1 167 ? -9.743  12.671  -10.917 1.00 63.55 ?  762 THR A C     1 
ATOM   961  O O     . THR A 1 167 ? -10.543 13.231  -11.670 1.00 67.39 ?  762 THR A O     1 
ATOM   962  C CB    . THR A 1 167 ? -10.040 10.203  -11.050 1.00 62.04 ?  762 THR A CB    1 
ATOM   963  O OG1   . THR A 1 167 ? -10.141 10.022  -9.633  1.00 64.41 ?  762 THR A OG1   1 
ATOM   964  C CG2   . THR A 1 167 ? -9.551  8.908   -11.689 1.00 61.62 ?  762 THR A CG2   1 
ATOM   965  N N     . ASP A 1 168 ? -9.448  13.145  -9.705  1.00 61.45 ?  763 ASP A N     1 
ATOM   966  C CA    . ASP A 1 168 ? -9.947  14.453  -9.241  1.00 59.59 ?  763 ASP A CA    1 
ATOM   967  C C     . ASP A 1 168 ? -9.291  15.582  -10.023 1.00 57.07 ?  763 ASP A C     1 
ATOM   968  O O     . ASP A 1 168 ? -9.889  16.635  -10.219 1.00 55.34 ?  763 ASP A O     1 
ATOM   969  C CB    . ASP A 1 168 ? -9.674  14.657  -7.746  1.00 60.41 ?  763 ASP A CB    1 
ATOM   970  C CG    . ASP A 1 168 ? -10.422 13.664  -6.872  1.00 64.43 ?  763 ASP A CG    1 
ATOM   971  O OD1   . ASP A 1 168 ? -11.223 12.878  -7.421  1.00 69.56 ?  763 ASP A OD1   1 
ATOM   972  O OD2   . ASP A 1 168 ? -10.199 13.654  -5.639  1.00 61.65 -1 763 ASP A OD2   1 
ATOM   973  N N     . LEU A 1 169 ? -8.049  15.355  -10.450 1.00 56.12 ?  764 LEU A N     1 
ATOM   974  C CA    . LEU A 1 169 ? -7.313  16.320  -11.271 1.00 57.52 ?  764 LEU A CA    1 
ATOM   975  C C     . LEU A 1 169 ? -7.899  16.409  -12.680 1.00 56.91 ?  764 LEU A C     1 
ATOM   976  O O     . LEU A 1 169 ? -7.891  17.477  -13.302 1.00 56.96 ?  764 LEU A O     1 
ATOM   977  C CB    . LEU A 1 169 ? -5.808  15.976  -11.320 1.00 55.88 ?  764 LEU A CB    1 
ATOM   978  C CG    . LEU A 1 169 ? -4.900  16.573  -10.227 0.75 53.89 ?  764 LEU A CG    1 
ATOM   979  C CD1   . LEU A 1 169 ? -5.586  16.715  -8.876  0.50 53.86 ?  764 LEU A CD1   1 
ATOM   980  C CD2   . LEU A 1 169 ? -3.627  15.749  -10.080 0.50 53.29 ?  764 LEU A CD2   1 
ATOM   981  N N     . ILE A 1 170 ? -8.411  15.288  -13.182 1.00 58.28 ?  765 ILE A N     1 
ATOM   982  C CA    . ILE A 1 170 ? -9.095  15.283  -14.475 1.00 59.50 ?  765 ILE A CA    1 
ATOM   983  C C     . ILE A 1 170 ? -10.381 16.117  -14.393 1.00 59.31 ?  765 ILE A C     1 
ATOM   984  O O     . ILE A 1 170 ? -10.707 16.845  -15.327 1.00 56.14 ?  765 ILE A O     1 
ATOM   985  C CB    . ILE A 1 170 ? -9.405  13.846  -14.950 1.00 59.74 ?  765 ILE A CB    1 
ATOM   986  C CG1   . ILE A 1 170 ? -8.113  13.029  -15.071 1.00 60.97 ?  765 ILE A CG1   1 
ATOM   987  C CG2   . ILE A 1 170 ? -10.125 13.865  -16.291 1.00 60.38 ?  765 ILE A CG2   1 
ATOM   988  N N     . VAL A 1 171 ? -11.083 16.025  -13.263 1.00 60.70 ?  766 VAL A N     1 
ATOM   989  C CA    . VAL A 1 171 ? -12.295 16.825  -13.034 1.00 65.14 ?  766 VAL A CA    1 
ATOM   990  C C     . VAL A 1 171 ? -12.017 18.327  -13.104 1.00 67.16 ?  766 VAL A C     1 
ATOM   991  O O     . VAL A 1 171 ? -12.856 19.090  -13.585 1.00 70.28 ?  766 VAL A O     1 
ATOM   992  C CB    . VAL A 1 171 ? -12.957 16.485  -11.679 1.00 63.91 ?  766 VAL A CB    1 
ATOM   993  C CG1   . VAL A 1 171 ? -14.104 17.441  -11.377 1.00 63.48 ?  766 VAL A CG1   1 
ATOM   994  C CG2   . VAL A 1 171 ? -13.458 15.046  -11.683 1.00 65.32 ?  766 VAL A CG2   1 
ATOM   995  N N     . ARG A 1 172 ? -10.851 18.750  -12.616 1.00 69.20 ?  767 ARG A N     1 
ATOM   996  C CA    . ARG A 1 172 ? -10.447 20.159  -12.712 1.00 69.85 ?  767 ARG A CA    1 
ATOM   997  C C     . ARG A 1 172 ? -10.390 20.622  -14.144 1.00 70.35 ?  767 ARG A C     1 
ATOM   998  O O     . ARG A 1 172 ? -11.035 21.600  -14.516 1.00 80.48 ?  767 ARG A O     1 
ATOM   999  C CB    . ARG A 1 172 ? -9.063  20.387  -12.124 1.00 69.46 ?  767 ARG A CB    1 
ATOM   1000 C CG    . ARG A 1 172 ? -9.054  20.869  -10.699 1.00 68.17 ?  767 ARG A CG    1 
ATOM   1001 C CD    . ARG A 1 172 ? -7.662  21.356  -10.355 1.00 64.95 ?  767 ARG A CD    1 
ATOM   1002 N NE    . ARG A 1 172 ? -7.275  20.911  -9.030  1.00 62.11 ?  767 ARG A NE    1 
ATOM   1003 C CZ    . ARG A 1 172 ? -6.072  21.080  -8.501  1.00 59.51 ?  767 ARG A CZ    1 
ATOM   1004 N NH1   . ARG A 1 172 ? -5.110  21.697  -9.183  1.00 57.69 1  767 ARG A NH1   1 
ATOM   1005 N NH2   . ARG A 1 172 ? -5.843  20.625  -7.278  1.00 59.68 ?  767 ARG A NH2   1 
ATOM   1006 N N     . ILE A 1 173 ? -9.586  19.920  -14.935 1.00 68.83 ?  768 ILE A N     1 
ATOM   1007 C CA    . ILE A 1 173 ? -9.434  20.221  -16.350 1.00 69.88 ?  768 ILE A CA    1 
ATOM   1008 C C     . ILE A 1 173 ? -10.802 20.469  -16.998 1.00 73.62 ?  768 ILE A C     1 
ATOM   1009 O O     . ILE A 1 173 ? -10.979 21.454  -17.712 1.00 73.44 ?  768 ILE A O     1 
ATOM   1010 C CB    . ILE A 1 173 ? -8.725  19.076  -17.090 1.00 68.38 ?  768 ILE A CB    1 
ATOM   1011 C CG1   . ILE A 1 173 ? -7.392  18.740  -16.412 1.00 65.84 ?  768 ILE A CG1   1 
ATOM   1012 C CG2   . ILE A 1 173 ? -8.505  19.448  -18.549 1.00 67.65 ?  768 ILE A CG2   1 
ATOM   1013 N N     . LEU A 1 174 ? -11.768 19.594  -16.717 1.00 75.76 ?  769 LEU A N     1 
ATOM   1014 C CA    . LEU A 1 174 ? -13.144 19.762  -17.204 1.00 78.38 ?  769 LEU A CA    1 
ATOM   1015 C C     . LEU A 1 174 ? -13.938 20.791  -16.364 1.00 80.49 ?  769 LEU A C     1 
ATOM   1016 O O     . LEU A 1 174 ? -15.032 20.489  -15.886 1.00 81.58 ?  769 LEU A O     1 
ATOM   1017 C CB    . LEU A 1 174 ? -13.879 18.404  -17.201 1.00 76.17 ?  769 LEU A CB    1 
ATOM   1018 C CG    . LEU A 1 174 ? -13.329 17.256  -18.053 1.00 70.23 ?  769 LEU A CG    1 
ATOM   1019 N N     . LYS A 1 175 ? -13.397 22.001  -16.194 1.00 83.82 ?  770 LYS A N     1 
ATOM   1020 C CA    . LYS A 1 175 ? -14.053 23.055  -15.394 1.00 80.63 ?  770 LYS A CA    1 
ATOM   1021 C C     . LYS A 1 175 ? -13.195 24.310  -15.303 1.00 78.90 ?  770 LYS A C     1 
ATOM   1022 O O     . LYS A 1 175 ? -12.331 24.545  -16.144 1.00 78.77 ?  770 LYS A O     1 
ATOM   1023 C CB    . LYS A 1 175 ? -14.367 22.560  -13.978 1.00 79.45 ?  770 LYS A CB    1 
HETATM 1024 O O3P   . C5P B 2 .   ? -4.366  2.144   -4.144  1.00 40.69 ?  801 C5P A O3P   1 
HETATM 1025 P P     . C5P B 2 .   ? -5.295  1.776   -2.905  1.00 40.21 ?  801 C5P A P     1 
HETATM 1026 O O1P   . C5P B 2 .   ? -6.718  2.224   -3.079  1.00 44.61 -1 801 C5P A O1P   1 
HETATM 1027 O O2P   . C5P B 2 .   ? -5.156  0.202   -2.801  1.00 38.50 ?  801 C5P A O2P   1 
HETATM 1028 O "O5'" . C5P B 2 .   ? -4.592  2.456   -1.611  1.00 39.86 ?  801 C5P A "O5'" 1 
HETATM 1029 C "C5'" . C5P B 2 .   ? -3.256  2.074   -1.242  1.00 36.02 ?  801 C5P A "C5'" 1 
HETATM 1030 C "C4'" . C5P B 2 .   ? -2.872  2.838   0.005   1.00 35.95 ?  801 C5P A "C4'" 1 
HETATM 1031 O "O4'" . C5P B 2 .   ? -2.914  4.265   -0.291  1.00 34.74 ?  801 C5P A "O4'" 1 
HETATM 1032 C "C3'" . C5P B 2 .   ? -3.889  2.547   1.131   1.00 36.43 ?  801 C5P A "C3'" 1 
HETATM 1033 O "O3'" . C5P B 2 .   ? -3.209  2.440   2.417   1.00 34.74 ?  801 C5P A "O3'" 1 
HETATM 1034 C "C2'" . C5P B 2 .   ? -4.773  3.766   1.090   1.00 36.49 ?  801 C5P A "C2'" 1 
HETATM 1035 O "O2'" . C5P B 2 .   ? -5.281  4.082   2.379   1.00 37.42 ?  801 C5P A "O2'" 1 
HETATM 1036 C "C1'" . C5P B 2 .   ? -3.811  4.871   0.677   1.00 37.53 ?  801 C5P A "C1'" 1 
HETATM 1037 N N1    . C5P B 2 .   ? -4.554  6.029   0.106   1.00 39.55 ?  801 C5P A N1    1 
HETATM 1038 C C2    . C5P B 2 .   ? -4.541  7.230   0.737   1.00 39.63 ?  801 C5P A C2    1 
HETATM 1039 N N3    . C5P B 2 .   ? -5.214  8.284   0.239   1.00 38.40 ?  801 C5P A N3    1 
HETATM 1040 C C4    . C5P B 2 .   ? -5.916  8.172   -0.905  1.00 43.68 ?  801 C5P A C4    1 
HETATM 1041 C C5    . C5P B 2 .   ? -5.977  6.961   -1.597  1.00 43.55 ?  801 C5P A C5    1 
HETATM 1042 C C6    . C5P B 2 .   ? -5.289  5.868   -1.082  1.00 40.95 ?  801 C5P A C6    1 
HETATM 1043 O O2    . C5P B 2 .   ? -3.905  7.372   1.779   1.00 35.56 ?  801 C5P A O2    1 
HETATM 1044 N N4    . C5P B 2 .   ? -6.565  9.218   -1.384  1.00 43.26 ?  801 C5P A N4    1 
HETATM 1045 O O     . HOH C 3 .   ? -16.440 -7.829  9.521   1.00 61.99 ?  901 HOH A O     1 
HETATM 1046 O O     . HOH C 3 .   ? -3.787  -13.809 -3.424  1.00 37.06 ?  902 HOH A O     1 
HETATM 1047 O O     . HOH C 3 .   ? -3.164  7.175   11.492  1.00 51.42 ?  903 HOH A O     1 
HETATM 1048 O O     . HOH C 3 .   ? 11.270  3.283   -14.812 1.00 39.50 ?  904 HOH A O     1 
HETATM 1049 O O     . HOH C 3 .   ? -5.574  -0.975  -0.541  1.00 48.89 ?  905 HOH A O     1 
HETATM 1050 O O     . HOH C 3 .   ? -0.800  -13.162 2.584   1.00 36.86 ?  906 HOH A O     1 
HETATM 1051 O O     . HOH C 3 .   ? 13.495  4.648   1.756   1.00 45.52 ?  907 HOH A O     1 
HETATM 1052 O O     . HOH C 3 .   ? -2.507  9.795   2.302   1.00 41.56 ?  908 HOH A O     1 
HETATM 1053 O O     . HOH C 3 .   ? 4.112   7.985   10.383  1.00 71.10 ?  909 HOH A O     1 
HETATM 1054 O O     . HOH C 3 .   ? -0.596  4.357   13.017  1.00 46.72 ?  910 HOH A O     1 
HETATM 1055 O O     . HOH C 3 .   ? -3.202  -9.394  -5.279  1.00 34.62 ?  911 HOH A O     1 
HETATM 1056 O O     . HOH C 3 .   ? 11.809  -1.138  -13.294 1.00 35.78 ?  912 HOH A O     1 
HETATM 1057 O O     . HOH C 3 .   ? -5.298  2.588   -6.580  1.00 40.22 ?  913 HOH A O     1 
HETATM 1058 O O     . HOH C 3 .   ? 7.503   -3.048  -13.154 1.00 33.43 ?  914 HOH A O     1 
HETATM 1059 O O     . HOH C 3 .   ? 3.918   15.109  3.343   1.00 41.90 ?  915 HOH A O     1 
HETATM 1060 O O     . HOH C 3 .   ? -3.845  5.424   4.321   1.00 84.33 ?  916 HOH A O     1 
HETATM 1061 O O     . HOH C 3 .   ? 5.466   -7.079  15.436  1.00 50.88 ?  917 HOH A O     1 
HETATM 1062 O O     . HOH C 3 .   ? 5.322   8.333   13.173  1.00 46.87 ?  918 HOH A O     1 
HETATM 1063 O O     . HOH C 3 .   ? 1.885   3.016   -9.015  1.00 33.54 ?  919 HOH A O     1 
HETATM 1064 O O     . HOH C 3 .   ? -1.410  0.394   2.505   1.00 37.37 ?  920 HOH A O     1 
HETATM 1065 O O     . HOH C 3 .   ? -1.010  -8.319  0.839   1.00 37.61 ?  921 HOH A O     1 
HETATM 1066 O O     . HOH C 3 .   ? 13.232  2.253   14.702  1.00 45.34 ?  922 HOH A O     1 
HETATM 1067 O O     . HOH C 3 .   ? 4.830   -13.269 -1.828  1.00 52.97 ?  923 HOH A O     1 
HETATM 1068 O O     . HOH C 3 .   ? 2.025   -10.540 18.220  1.00 38.62 ?  924 HOH A O     1 
HETATM 1069 O O     . HOH C 3 .   ? 1.069   4.546   -11.001 1.00 38.56 ?  925 HOH A O     1 
HETATM 1070 O O     . HOH C 3 .   ? 10.962  5.031   16.561  1.00 41.27 ?  926 HOH A O     1 
HETATM 1071 O O     . HOH C 3 .   ? -9.299  -10.566 11.217  1.00 44.11 ?  927 HOH A O     1 
HETATM 1072 O O     . HOH C 3 .   ? 2.702   11.839  4.938   1.00 31.47 ?  928 HOH A O     1 
HETATM 1073 O O     . HOH C 3 .   ? 8.166   -8.899  -6.290  1.00 36.93 ?  929 HOH A O     1 
HETATM 1074 O O     . HOH C 3 .   ? 11.316  -7.628  -5.192  1.00 32.40 ?  930 HOH A O     1 
HETATM 1075 O O     . HOH C 3 .   ? 9.951   -12.903 -2.499  1.00 44.97 ?  931 HOH A O     1 
HETATM 1076 O O     . HOH C 3 .   ? 11.492  14.079  5.095   1.00 40.71 ?  932 HOH A O     1 
HETATM 1077 O O     . HOH C 3 .   ? -1.084  -9.334  -12.338 1.00 43.72 ?  933 HOH A O     1 
HETATM 1078 O O     . HOH C 3 .   ? 14.032  4.637   8.400   1.00 39.79 ?  934 HOH A O     1 
HETATM 1079 O O     . HOH C 3 .   ? 1.710   -6.483  -15.793 1.00 40.62 ?  935 HOH A O     1 
HETATM 1080 O O     . HOH C 3 .   ? -8.503  8.949   -3.789  1.00 45.65 ?  936 HOH A O     1 
HETATM 1081 O O     . HOH C 3 .   ? -0.999  0.601   16.741  1.00 50.71 ?  937 HOH A O     1 
HETATM 1082 O O     . HOH C 3 .   ? -5.801  -8.410  4.435   1.00 36.67 ?  938 HOH A O     1 
HETATM 1083 O O     . HOH C 3 .   ? -5.754  -5.644  -1.051  1.00 50.48 ?  939 HOH A O     1 
HETATM 1084 O O     . HOH C 3 .   ? 3.756   -15.644 -0.533  1.00 45.88 ?  940 HOH A O     1 
HETATM 1085 O O     . HOH C 3 .   ? 4.331   11.627  7.155   1.00 44.76 ?  941 HOH A O     1 
HETATM 1086 O O     . HOH C 3 .   ? 4.197   10.852  9.536   1.00 40.73 ?  942 HOH A O     1 
HETATM 1087 O O     . HOH C 3 .   ? 1.412   8.280   11.709  1.00 37.15 ?  943 HOH A O     1 
# 
